data_4EPX
# 
_entry.id   4EPX 
# 
_audit_conform.dict_name       mmcif_pdbx.dic 
_audit_conform.dict_version    5.379 
_audit_conform.dict_location   http://mmcif.pdb.org/dictionaries/ascii/mmcif_pdbx.dic 
# 
loop_
_database_2.database_id 
_database_2.database_code 
_database_2.pdbx_database_accession 
_database_2.pdbx_DOI 
PDB   4EPX         pdb_00004epx 10.2210/pdb4epx/pdb 
RCSB  RCSB071925   ?            ?                   
WWPDB D_1000071925 ?            ?                   
# 
loop_
_pdbx_database_related.db_name 
_pdbx_database_related.db_id 
_pdbx_database_related.details 
_pdbx_database_related.content_type 
PDB 4EPR . unspecified 
PDB 4EPT . unspecified 
PDB 4EPV . unspecified 
PDB 4EPX . unspecified 
PDB 4EPY . unspecified 
# 
_pdbx_database_status.status_code                     REL 
_pdbx_database_status.entry_id                        4EPX 
_pdbx_database_status.recvd_initial_deposition_date   2012-04-17 
_pdbx_database_status.deposit_site                    RCSB 
_pdbx_database_status.process_site                    RCSB 
_pdbx_database_status.status_code_sf                  REL 
_pdbx_database_status.status_code_mr                  ? 
_pdbx_database_status.SG_entry                        ? 
_pdbx_database_status.status_code_cs                  ? 
_pdbx_database_status.methods_development_category    ? 
_pdbx_database_status.pdb_format_compatible           Y 
_pdbx_database_status.status_code_nmr_data            ? 
# 
loop_
_audit_author.name 
_audit_author.pdbx_ordinal 
'Sun, Q.'          1 
'Burke, J.P.'      2 
'Phan, J.'         3 
'Burns, M.C.'      4 
'Olejniczak, E.T.' 5 
'Waterson, A.G.'   6 
'Lee, T.'          7 
'Rossanese, O.W.'  8 
'Fesik, S.W.'      9 
# 
_citation.id                        primary 
_citation.title                     'Discovery of Small Molecules that Bind to K-Ras and Inhibit Sos-Mediated Activation.' 
_citation.journal_abbrev            Angew.Chem.Int.Ed.Engl. 
_citation.journal_volume            51 
_citation.page_first                6140 
_citation.page_last                 6143 
_citation.year                      2012 
_citation.journal_id_ASTM           ? 
_citation.country                   GE 
_citation.journal_id_ISSN           1433-7851 
_citation.journal_id_CSD            9999 
_citation.book_publisher            ? 
_citation.pdbx_database_id_PubMed   22566140 
_citation.pdbx_database_id_DOI      10.1002/anie.201201358 
# 
loop_
_citation_author.citation_id 
_citation_author.name 
_citation_author.ordinal 
_citation_author.identifier_ORCID 
primary 'Sun, Q.'          1 ? 
primary 'Burke, J.P.'      2 ? 
primary 'Phan, J.'         3 ? 
primary 'Burns, M.C.'      4 ? 
primary 'Olejniczak, E.T.' 5 ? 
primary 'Waterson, A.G.'   6 ? 
primary 'Lee, T.'          7 ? 
primary 'Rossanese, O.W.'  8 ? 
primary 'Fesik, S.W.'      9 ? 
# 
_cell.entry_id           4EPX 
_cell.length_a           39.132 
_cell.length_b           41.473 
_cell.length_c           91.726 
_cell.angle_alpha        90.00 
_cell.angle_beta         90.00 
_cell.angle_gamma        90.00 
_cell.Z_PDB              4 
_cell.pdbx_unique_axis   ? 
_cell.length_a_esd       ? 
_cell.length_b_esd       ? 
_cell.length_c_esd       ? 
_cell.angle_alpha_esd    ? 
_cell.angle_beta_esd     ? 
_cell.angle_gamma_esd    ? 
# 
_symmetry.entry_id                         4EPX 
_symmetry.space_group_name_H-M             'P 21 21 21' 
_symmetry.pdbx_full_space_group_name_H-M   ? 
_symmetry.cell_setting                     ? 
_symmetry.Int_Tables_number                19 
_symmetry.space_group_name_Hall            ? 
# 
loop_
_entity.id 
_entity.type 
_entity.src_method 
_entity.pdbx_description 
_entity.formula_weight 
_entity.pdbx_number_of_molecules 
_entity.pdbx_ec 
_entity.pdbx_mutation 
_entity.pdbx_fragment 
_entity.details 
1 polymer     man 'GTPase KRas'                                        19354.824 1   3.6.5.2 'G12V, C118S' ? ? 
2 non-polymer syn "GUANOSINE-5'-DIPHOSPHATE"                           443.201   1   ?       ?             ? ? 
3 non-polymer syn 'MAGNESIUM ION'                                      24.305    1   ?       ?             ? ? 
4 non-polymer syn 'N-(6-aminopyridin-2-yl)-4-fluorobenzenesulfonamide' 267.279   1   ?       ?             ? ? 
5 water       nat water                                                18.015    199 ?       ?             ? ? 
# 
_entity_name_com.entity_id   1 
_entity_name_com.name        'K-Ras 2, Ki-Ras, c-K-ras, c-Ki-ras, GTPase KRas, N-terminally processed' 
# 
_entity_poly.entity_id                      1 
_entity_poly.type                           'polypeptide(L)' 
_entity_poly.nstd_linkage                   no 
_entity_poly.nstd_monomer                   no 
_entity_poly.pdbx_seq_one_letter_code       
;GMTEYKLVVVGAVGVGKSALTIQLIQNHFVDEYDPTIEDSYRKQVVIDGETCLLDILDTAGQEEYSAMRDQYMRTGEGFL
CVFAINNTKSFEDIHHYREQIKRVKDSEDVPMVLVGNKSDLPSRTVDTKQAQDLARSYGIPFIETSAKTRQGVDDAFYTL
VREIRKHKEK
;
_entity_poly.pdbx_seq_one_letter_code_can   
;GMTEYKLVVVGAVGVGKSALTIQLIQNHFVDEYDPTIEDSYRKQVVIDGETCLLDILDTAGQEEYSAMRDQYMRTGEGFL
CVFAINNTKSFEDIHHYREQIKRVKDSEDVPMVLVGNKSDLPSRTVDTKQAQDLARSYGIPFIETSAKTRQGVDDAFYTL
VREIRKHKEK
;
_entity_poly.pdbx_strand_id                 A 
_entity_poly.pdbx_target_identifier         ? 
# 
loop_
_entity_poly_seq.entity_id 
_entity_poly_seq.num 
_entity_poly_seq.mon_id 
_entity_poly_seq.hetero 
1 1   GLY n 
1 2   MET n 
1 3   THR n 
1 4   GLU n 
1 5   TYR n 
1 6   LYS n 
1 7   LEU n 
1 8   VAL n 
1 9   VAL n 
1 10  VAL n 
1 11  GLY n 
1 12  ALA n 
1 13  VAL n 
1 14  GLY n 
1 15  VAL n 
1 16  GLY n 
1 17  LYS n 
1 18  SER n 
1 19  ALA n 
1 20  LEU n 
1 21  THR n 
1 22  ILE n 
1 23  GLN n 
1 24  LEU n 
1 25  ILE n 
1 26  GLN n 
1 27  ASN n 
1 28  HIS n 
1 29  PHE n 
1 30  VAL n 
1 31  ASP n 
1 32  GLU n 
1 33  TYR n 
1 34  ASP n 
1 35  PRO n 
1 36  THR n 
1 37  ILE n 
1 38  GLU n 
1 39  ASP n 
1 40  SER n 
1 41  TYR n 
1 42  ARG n 
1 43  LYS n 
1 44  GLN n 
1 45  VAL n 
1 46  VAL n 
1 47  ILE n 
1 48  ASP n 
1 49  GLY n 
1 50  GLU n 
1 51  THR n 
1 52  CYS n 
1 53  LEU n 
1 54  LEU n 
1 55  ASP n 
1 56  ILE n 
1 57  LEU n 
1 58  ASP n 
1 59  THR n 
1 60  ALA n 
1 61  GLY n 
1 62  GLN n 
1 63  GLU n 
1 64  GLU n 
1 65  TYR n 
1 66  SER n 
1 67  ALA n 
1 68  MET n 
1 69  ARG n 
1 70  ASP n 
1 71  GLN n 
1 72  TYR n 
1 73  MET n 
1 74  ARG n 
1 75  THR n 
1 76  GLY n 
1 77  GLU n 
1 78  GLY n 
1 79  PHE n 
1 80  LEU n 
1 81  CYS n 
1 82  VAL n 
1 83  PHE n 
1 84  ALA n 
1 85  ILE n 
1 86  ASN n 
1 87  ASN n 
1 88  THR n 
1 89  LYS n 
1 90  SER n 
1 91  PHE n 
1 92  GLU n 
1 93  ASP n 
1 94  ILE n 
1 95  HIS n 
1 96  HIS n 
1 97  TYR n 
1 98  ARG n 
1 99  GLU n 
1 100 GLN n 
1 101 ILE n 
1 102 LYS n 
1 103 ARG n 
1 104 VAL n 
1 105 LYS n 
1 106 ASP n 
1 107 SER n 
1 108 GLU n 
1 109 ASP n 
1 110 VAL n 
1 111 PRO n 
1 112 MET n 
1 113 VAL n 
1 114 LEU n 
1 115 VAL n 
1 116 GLY n 
1 117 ASN n 
1 118 LYS n 
1 119 SER n 
1 120 ASP n 
1 121 LEU n 
1 122 PRO n 
1 123 SER n 
1 124 ARG n 
1 125 THR n 
1 126 VAL n 
1 127 ASP n 
1 128 THR n 
1 129 LYS n 
1 130 GLN n 
1 131 ALA n 
1 132 GLN n 
1 133 ASP n 
1 134 LEU n 
1 135 ALA n 
1 136 ARG n 
1 137 SER n 
1 138 TYR n 
1 139 GLY n 
1 140 ILE n 
1 141 PRO n 
1 142 PHE n 
1 143 ILE n 
1 144 GLU n 
1 145 THR n 
1 146 SER n 
1 147 ALA n 
1 148 LYS n 
1 149 THR n 
1 150 ARG n 
1 151 GLN n 
1 152 GLY n 
1 153 VAL n 
1 154 ASP n 
1 155 ASP n 
1 156 ALA n 
1 157 PHE n 
1 158 TYR n 
1 159 THR n 
1 160 LEU n 
1 161 VAL n 
1 162 ARG n 
1 163 GLU n 
1 164 ILE n 
1 165 ARG n 
1 166 LYS n 
1 167 HIS n 
1 168 LYS n 
1 169 GLU n 
1 170 LYS n 
# 
_entity_src_gen.entity_id                          1 
_entity_src_gen.pdbx_src_id                        1 
_entity_src_gen.pdbx_alt_source_flag               sample 
_entity_src_gen.pdbx_seq_type                      ? 
_entity_src_gen.pdbx_beg_seq_num                   ? 
_entity_src_gen.pdbx_end_seq_num                   ? 
_entity_src_gen.gene_src_common_name               human 
_entity_src_gen.gene_src_genus                     ? 
_entity_src_gen.pdbx_gene_src_gene                 'KRAS, KRAS2, RASK2' 
_entity_src_gen.gene_src_species                   ? 
_entity_src_gen.gene_src_strain                    ? 
_entity_src_gen.gene_src_tissue                    ? 
_entity_src_gen.gene_src_tissue_fraction           ? 
_entity_src_gen.gene_src_details                   ? 
_entity_src_gen.pdbx_gene_src_fragment             ? 
_entity_src_gen.pdbx_gene_src_scientific_name      'Homo sapiens' 
_entity_src_gen.pdbx_gene_src_ncbi_taxonomy_id     9606 
_entity_src_gen.pdbx_gene_src_variant              ? 
_entity_src_gen.pdbx_gene_src_cell_line            ? 
_entity_src_gen.pdbx_gene_src_atcc                 ? 
_entity_src_gen.pdbx_gene_src_organ                ? 
_entity_src_gen.pdbx_gene_src_organelle            ? 
_entity_src_gen.pdbx_gene_src_cell                 ? 
_entity_src_gen.pdbx_gene_src_cellular_location    ? 
_entity_src_gen.host_org_common_name               ? 
_entity_src_gen.pdbx_host_org_scientific_name      'Escherichia coli' 
_entity_src_gen.pdbx_host_org_ncbi_taxonomy_id     562 
_entity_src_gen.host_org_genus                     ? 
_entity_src_gen.pdbx_host_org_gene                 ? 
_entity_src_gen.pdbx_host_org_organ                ? 
_entity_src_gen.host_org_species                   ? 
_entity_src_gen.pdbx_host_org_tissue               ? 
_entity_src_gen.pdbx_host_org_tissue_fraction      ? 
_entity_src_gen.pdbx_host_org_strain               ? 
_entity_src_gen.pdbx_host_org_variant              ? 
_entity_src_gen.pdbx_host_org_cell_line            ? 
_entity_src_gen.pdbx_host_org_atcc                 ? 
_entity_src_gen.pdbx_host_org_culture_collection   ? 
_entity_src_gen.pdbx_host_org_cell                 ? 
_entity_src_gen.pdbx_host_org_organelle            ? 
_entity_src_gen.pdbx_host_org_cellular_location    ? 
_entity_src_gen.pdbx_host_org_vector_type          ? 
_entity_src_gen.pdbx_host_org_vector               ? 
_entity_src_gen.host_org_details                   ? 
_entity_src_gen.expression_system_id               ? 
_entity_src_gen.plasmid_name                       ? 
_entity_src_gen.plasmid_details                    ? 
_entity_src_gen.pdbx_description                   ? 
# 
_struct_ref.id                         1 
_struct_ref.db_name                    UNP 
_struct_ref.db_code                    RASK_HUMAN 
_struct_ref.pdbx_db_accession          P01116 
_struct_ref.entity_id                  1 
_struct_ref.pdbx_seq_one_letter_code   
;MTEYKLVVVGAGGVGKSALTIQLIQNHFVDEYDPTIEDSYRKQVVIDGETCLLDILDTAGQEEYSAMRDQYMRTGEGFLC
VFAINNTKSFEDIHHYREQIKRVKDSEDVPMVLVGNKCDLPSRTVDTKQAQDLARSYGIPFIETSAKTRQGVDDAFYTLV
REIRKHKEK
;
_struct_ref.pdbx_align_begin           1 
_struct_ref.pdbx_db_isoform            ? 
# 
_struct_ref_seq.align_id                      1 
_struct_ref_seq.ref_id                        1 
_struct_ref_seq.pdbx_PDB_id_code              4EPX 
_struct_ref_seq.pdbx_strand_id                A 
_struct_ref_seq.seq_align_beg                 2 
_struct_ref_seq.pdbx_seq_align_beg_ins_code   ? 
_struct_ref_seq.seq_align_end                 170 
_struct_ref_seq.pdbx_seq_align_end_ins_code   ? 
_struct_ref_seq.pdbx_db_accession             P01116 
_struct_ref_seq.db_align_beg                  1 
_struct_ref_seq.pdbx_db_align_beg_ins_code    ? 
_struct_ref_seq.db_align_end                  169 
_struct_ref_seq.pdbx_db_align_end_ins_code    ? 
_struct_ref_seq.pdbx_auth_seq_align_beg       1 
_struct_ref_seq.pdbx_auth_seq_align_end       169 
# 
loop_
_struct_ref_seq_dif.align_id 
_struct_ref_seq_dif.pdbx_pdb_id_code 
_struct_ref_seq_dif.mon_id 
_struct_ref_seq_dif.pdbx_pdb_strand_id 
_struct_ref_seq_dif.seq_num 
_struct_ref_seq_dif.pdbx_pdb_ins_code 
_struct_ref_seq_dif.pdbx_seq_db_name 
_struct_ref_seq_dif.pdbx_seq_db_accession_code 
_struct_ref_seq_dif.db_mon_id 
_struct_ref_seq_dif.pdbx_seq_db_seq_num 
_struct_ref_seq_dif.details 
_struct_ref_seq_dif.pdbx_auth_seq_num 
_struct_ref_seq_dif.pdbx_ordinal 
1 4EPX GLY A 1   ? UNP P01116 ?   ?   'expression tag'      0   1 
1 4EPX VAL A 13  ? UNP P01116 GLY 12  'engineered mutation' 12  2 
1 4EPX SER A 119 ? UNP P01116 CYS 118 'engineered mutation' 118 3 
# 
loop_
_chem_comp.id 
_chem_comp.type 
_chem_comp.mon_nstd_flag 
_chem_comp.name 
_chem_comp.pdbx_synonyms 
_chem_comp.formula 
_chem_comp.formula_weight 
0QR non-polymer         . 'N-(6-aminopyridin-2-yl)-4-fluorobenzenesulfonamide' ? 'C11 H10 F N3 O2 S' 267.279 
ALA 'L-peptide linking' y ALANINE                                              ? 'C3 H7 N O2'        89.093  
ARG 'L-peptide linking' y ARGININE                                             ? 'C6 H15 N4 O2 1'    175.209 
ASN 'L-peptide linking' y ASPARAGINE                                           ? 'C4 H8 N2 O3'       132.118 
ASP 'L-peptide linking' y 'ASPARTIC ACID'                                      ? 'C4 H7 N O4'        133.103 
CYS 'L-peptide linking' y CYSTEINE                                             ? 'C3 H7 N O2 S'      121.158 
GDP 'RNA linking'       n "GUANOSINE-5'-DIPHOSPHATE"                           ? 'C10 H15 N5 O11 P2' 443.201 
GLN 'L-peptide linking' y GLUTAMINE                                            ? 'C5 H10 N2 O3'      146.144 
GLU 'L-peptide linking' y 'GLUTAMIC ACID'                                      ? 'C5 H9 N O4'        147.129 
GLY 'peptide linking'   y GLYCINE                                              ? 'C2 H5 N O2'        75.067  
HIS 'L-peptide linking' y HISTIDINE                                            ? 'C6 H10 N3 O2 1'    156.162 
HOH non-polymer         . WATER                                                ? 'H2 O'              18.015  
ILE 'L-peptide linking' y ISOLEUCINE                                           ? 'C6 H13 N O2'       131.173 
LEU 'L-peptide linking' y LEUCINE                                              ? 'C6 H13 N O2'       131.173 
LYS 'L-peptide linking' y LYSINE                                               ? 'C6 H15 N2 O2 1'    147.195 
MET 'L-peptide linking' y METHIONINE                                           ? 'C5 H11 N O2 S'     149.211 
MG  non-polymer         . 'MAGNESIUM ION'                                      ? 'Mg 2'              24.305  
PHE 'L-peptide linking' y PHENYLALANINE                                        ? 'C9 H11 N O2'       165.189 
PRO 'L-peptide linking' y PROLINE                                              ? 'C5 H9 N O2'        115.130 
SER 'L-peptide linking' y SERINE                                               ? 'C3 H7 N O3'        105.093 
THR 'L-peptide linking' y THREONINE                                            ? 'C4 H9 N O3'        119.119 
TYR 'L-peptide linking' y TYROSINE                                             ? 'C9 H11 N O3'       181.189 
VAL 'L-peptide linking' y VALINE                                               ? 'C5 H11 N O2'       117.146 
# 
_exptl.entry_id          4EPX 
_exptl.method            'X-RAY DIFFRACTION' 
_exptl.crystals_number   1 
# 
_exptl_crystal.id                    1 
_exptl_crystal.density_meas          ? 
_exptl_crystal.density_Matthews      1.92 
_exptl_crystal.density_percent_sol   36.03 
_exptl_crystal.description           ? 
_exptl_crystal.F_000                 ? 
_exptl_crystal.preparation           ? 
# 
_exptl_crystal_grow.crystal_id      1 
_exptl_crystal_grow.method          'VAPOR DIFFUSION, SITTING DROP' 
_exptl_crystal_grow.temp            291 
_exptl_crystal_grow.temp_details    ? 
_exptl_crystal_grow.pH              4.5 
_exptl_crystal_grow.pdbx_details    
'28% PEG8000, 0.1 M sodium acetate, 5% DMSO, pH 4.5, VAPOR DIFFUSION, SITTING DROP, temperature 291K' 
_exptl_crystal_grow.pdbx_pH_range   ? 
# 
_diffrn.id                     1 
_diffrn.ambient_temp           100 
_diffrn.ambient_temp_details   ? 
_diffrn.crystal_id             1 
# 
_diffrn_detector.diffrn_id              1 
_diffrn_detector.detector               CCD 
_diffrn_detector.type                   'Bruker Platinum 135' 
_diffrn_detector.pdbx_collection_date   2010-01-01 
_diffrn_detector.details                ? 
# 
_diffrn_radiation.diffrn_id                        1 
_diffrn_radiation.wavelength_id                    1 
_diffrn_radiation.pdbx_monochromatic_or_laue_m_l   M 
_diffrn_radiation.monochromator                    'Montel confocal, multi-layer mirrors' 
_diffrn_radiation.pdbx_diffrn_protocol             'SINGLE WAVELENGTH' 
_diffrn_radiation.pdbx_scattering_type             x-ray 
# 
_diffrn_radiation_wavelength.id           1 
_diffrn_radiation_wavelength.wavelength   1.5418 
_diffrn_radiation_wavelength.wt           1.0 
# 
_diffrn_source.diffrn_id                   1 
_diffrn_source.source                      'ROTATING ANODE' 
_diffrn_source.type                        'BRUKER AXS MICROSTAR' 
_diffrn_source.pdbx_synchrotron_site       ? 
_diffrn_source.pdbx_synchrotron_beamline   ? 
_diffrn_source.pdbx_wavelength             ? 
_diffrn_source.pdbx_wavelength_list        1.5418 
# 
_reflns.entry_id                     4EPX 
_reflns.observed_criterion_sigma_I   -3 
_reflns.observed_criterion_sigma_F   0 
_reflns.d_resolution_low             45.86 
_reflns.d_resolution_high            1.76 
_reflns.number_obs                   15330 
_reflns.number_all                   15410 
_reflns.percent_possible_obs         99.5 
_reflns.pdbx_Rmerge_I_obs            0.099 
_reflns.pdbx_Rsym_value              ? 
_reflns.pdbx_netI_over_sigmaI        15.2 
_reflns.B_iso_Wilson_estimate        ? 
_reflns.pdbx_redundancy              4.7 
_reflns.R_free_details               ? 
_reflns.limit_h_max                  ? 
_reflns.limit_h_min                  ? 
_reflns.limit_k_max                  ? 
_reflns.limit_k_min                  ? 
_reflns.limit_l_max                  ? 
_reflns.limit_l_min                  ? 
_reflns.observed_criterion_F_max     ? 
_reflns.observed_criterion_F_min     ? 
_reflns.pdbx_chi_squared             ? 
_reflns.pdbx_scaling_rejects         ? 
_reflns.pdbx_ordinal                 1 
_reflns.pdbx_diffrn_id               1 
# 
_reflns_shell.d_res_high             1.76 
_reflns_shell.d_res_low              1.79 
_reflns_shell.percent_possible_all   93.8 
_reflns_shell.Rmerge_I_obs           0.106 
_reflns_shell.pdbx_Rsym_value        ? 
_reflns_shell.meanI_over_sigI_obs    6.8 
_reflns_shell.pdbx_redundancy        2.1 
_reflns_shell.percent_possible_obs   ? 
_reflns_shell.number_unique_all      ? 
_reflns_shell.number_measured_all    ? 
_reflns_shell.number_measured_obs    ? 
_reflns_shell.number_unique_obs      ? 
_reflns_shell.pdbx_chi_squared       ? 
_reflns_shell.pdbx_ordinal           1 
_reflns_shell.pdbx_diffrn_id         1 
# 
_refine.entry_id                                 4EPX 
_refine.ls_number_reflns_obs                     14433 
_refine.ls_number_reflns_all                     15410 
_refine.pdbx_ls_sigma_I                          ? 
_refine.pdbx_ls_sigma_F                          . 
_refine.pdbx_data_cutoff_high_absF               ? 
_refine.pdbx_data_cutoff_low_absF                ? 
_refine.pdbx_data_cutoff_high_rms_absF           ? 
_refine.ls_d_res_low                             45.86 
_refine.ls_d_res_high                            1.76 
_refine.ls_percent_reflns_obs                    98.75 
_refine.ls_R_factor_obs                          0.15398 
_refine.ls_R_factor_all                          ? 
_refine.ls_R_factor_R_work                       0.15149 
_refine.ls_R_factor_R_free                       0.20096 
_refine.ls_R_factor_R_free_error                 ? 
_refine.ls_R_factor_R_free_error_details         ? 
_refine.ls_percent_reflns_R_free                 5.0 
_refine.ls_number_reflns_R_free                  756 
_refine.ls_number_parameters                     ? 
_refine.ls_number_restraints                     ? 
_refine.occupancy_min                            ? 
_refine.occupancy_max                            ? 
_refine.correlation_coeff_Fo_to_Fc               0.966 
_refine.correlation_coeff_Fo_to_Fc_free          0.949 
_refine.B_iso_mean                               16.773 
_refine.aniso_B[1][1]                            -1.17 
_refine.aniso_B[2][2]                            1.40 
_refine.aniso_B[3][3]                            -0.22 
_refine.aniso_B[1][2]                            0.00 
_refine.aniso_B[1][3]                            0.00 
_refine.aniso_B[2][3]                            0.00 
_refine.solvent_model_details                    MASK 
_refine.solvent_model_param_ksol                 ? 
_refine.solvent_model_param_bsol                 ? 
_refine.pdbx_solvent_vdw_probe_radii             1.40 
_refine.pdbx_solvent_ion_probe_radii             0.80 
_refine.pdbx_solvent_shrinkage_radii             0.80 
_refine.pdbx_ls_cross_valid_method               THROUGHOUT 
_refine.details                                  'HYDROGENS HAVE BEEN ADDED IN THE RIDING POSITIONS' 
_refine.pdbx_starting_model                      4EPV 
_refine.pdbx_method_to_determine_struct          'MOLECULAR REPLACEMENT' 
_refine.pdbx_isotropic_thermal_model             ? 
_refine.pdbx_stereochemistry_target_values       'MAXIMUM LIKELIHOOD' 
_refine.pdbx_stereochem_target_val_spec_case     ? 
_refine.pdbx_R_Free_selection_details            RANDOM 
_refine.pdbx_overall_ESU_R                       0.122 
_refine.pdbx_overall_ESU_R_Free                  0.121 
_refine.overall_SU_ML                            0.074 
_refine.pdbx_overall_phase_error                 ? 
_refine.overall_SU_B                             2.280 
_refine.overall_SU_R_Cruickshank_DPI             ? 
_refine.ls_redundancy_reflns_obs                 ? 
_refine.B_iso_min                                ? 
_refine.B_iso_max                                ? 
_refine.overall_SU_R_free                        ? 
_refine.ls_wR_factor_R_free                      ? 
_refine.ls_wR_factor_R_work                      ? 
_refine.overall_FOM_free_R_set                   ? 
_refine.overall_FOM_work_R_set                   ? 
_refine.pdbx_diffrn_id                           1 
_refine.pdbx_refine_id                           'X-RAY DIFFRACTION' 
_refine.pdbx_TLS_residual_ADP_flag               ? 
_refine.pdbx_overall_SU_R_free_Cruickshank_DPI   ? 
_refine.pdbx_overall_SU_R_Blow_DPI               ? 
_refine.pdbx_overall_SU_R_free_Blow_DPI          ? 
# 
_refine_hist.pdbx_refine_id                   'X-RAY DIFFRACTION' 
_refine_hist.cycle_id                         LAST 
_refine_hist.pdbx_number_atoms_protein        1358 
_refine_hist.pdbx_number_atoms_nucleic_acid   0 
_refine_hist.pdbx_number_atoms_ligand         47 
_refine_hist.number_atoms_solvent             199 
_refine_hist.number_atoms_total               1604 
_refine_hist.d_res_high                       1.76 
_refine_hist.d_res_low                        45.86 
# 
loop_
_refine_ls_restr.type 
_refine_ls_restr.dev_ideal 
_refine_ls_restr.dev_ideal_target 
_refine_ls_restr.weight 
_refine_ls_restr.number 
_refine_ls_restr.pdbx_restraint_function 
_refine_ls_restr.pdbx_refine_id 
r_bond_refined_d             0.024  0.022  ? 1428 ? 'X-RAY DIFFRACTION' 
r_bond_other_d               ?      ?      ? ?    ? 'X-RAY DIFFRACTION' 
r_angle_refined_deg          2.057  2.000  ? 1934 ? 'X-RAY DIFFRACTION' 
r_angle_other_deg            ?      ?      ? ?    ? 'X-RAY DIFFRACTION' 
r_dihedral_angle_1_deg       5.936  5.000  ? 169  ? 'X-RAY DIFFRACTION' 
r_dihedral_angle_2_deg       38.820 24.493 ? 69   ? 'X-RAY DIFFRACTION' 
r_dihedral_angle_3_deg       13.897 15.000 ? 254  ? 'X-RAY DIFFRACTION' 
r_dihedral_angle_4_deg       22.310 15.000 ? 10   ? 'X-RAY DIFFRACTION' 
r_chiral_restr               0.150  0.200  ? 214  ? 'X-RAY DIFFRACTION' 
r_gen_planes_refined         0.010  0.020  ? 1068 ? 'X-RAY DIFFRACTION' 
r_gen_planes_other           ?      ?      ? ?    ? 'X-RAY DIFFRACTION' 
r_nbd_refined                ?      ?      ? ?    ? 'X-RAY DIFFRACTION' 
r_nbd_other                  ?      ?      ? ?    ? 'X-RAY DIFFRACTION' 
r_nbtor_refined              ?      ?      ? ?    ? 'X-RAY DIFFRACTION' 
r_nbtor_other                ?      ?      ? ?    ? 'X-RAY DIFFRACTION' 
r_xyhbond_nbd_refined        ?      ?      ? ?    ? 'X-RAY DIFFRACTION' 
r_xyhbond_nbd_other          ?      ?      ? ?    ? 'X-RAY DIFFRACTION' 
r_metal_ion_refined          ?      ?      ? ?    ? 'X-RAY DIFFRACTION' 
r_metal_ion_other            ?      ?      ? ?    ? 'X-RAY DIFFRACTION' 
r_symmetry_vdw_refined       ?      ?      ? ?    ? 'X-RAY DIFFRACTION' 
r_symmetry_vdw_other         ?      ?      ? ?    ? 'X-RAY DIFFRACTION' 
r_symmetry_hbond_refined     ?      ?      ? ?    ? 'X-RAY DIFFRACTION' 
r_symmetry_hbond_other       ?      ?      ? ?    ? 'X-RAY DIFFRACTION' 
r_symmetry_metal_ion_refined ?      ?      ? ?    ? 'X-RAY DIFFRACTION' 
r_symmetry_metal_ion_other   ?      ?      ? ?    ? 'X-RAY DIFFRACTION' 
r_mcbond_it                  1.218  1.500  ? 843  ? 'X-RAY DIFFRACTION' 
r_mcbond_other               ?      ?      ? ?    ? 'X-RAY DIFFRACTION' 
r_mcangle_it                 2.028  2.000  ? 1368 ? 'X-RAY DIFFRACTION' 
r_scbond_it                  3.290  3.000  ? 585  ? 'X-RAY DIFFRACTION' 
r_scangle_it                 5.248  4.500  ? 566  ? 'X-RAY DIFFRACTION' 
r_rigid_bond_restr           ?      ?      ? ?    ? 'X-RAY DIFFRACTION' 
r_sphericity_free            ?      ?      ? ?    ? 'X-RAY DIFFRACTION' 
r_sphericity_bonded          ?      ?      ? ?    ? 'X-RAY DIFFRACTION' 
# 
_refine_ls_shell.pdbx_total_number_of_bins_used   20 
_refine_ls_shell.d_res_high                       1.762 
_refine_ls_shell.d_res_low                        1.808 
_refine_ls_shell.number_reflns_R_work             971 
_refine_ls_shell.R_factor_R_work                  0.183 
_refine_ls_shell.percent_reflns_obs               91.87 
_refine_ls_shell.R_factor_R_free                  0.305 
_refine_ls_shell.R_factor_R_free_error            ? 
_refine_ls_shell.percent_reflns_R_free            ? 
_refine_ls_shell.number_reflns_R_free             57 
_refine_ls_shell.number_reflns_all                ? 
_refine_ls_shell.R_factor_all                     ? 
_refine_ls_shell.number_reflns_obs                ? 
_refine_ls_shell.redundancy_reflns_obs            ? 
_refine_ls_shell.pdbx_refine_id                   'X-RAY DIFFRACTION' 
# 
_struct.entry_id                  4EPX 
_struct.title                     'Discovery of Small Molecules that Bind to K-Ras and Inhibit Sos-mediated Activation' 
_struct.pdbx_model_details        ? 
_struct.pdbx_CASP_flag            ? 
_struct.pdbx_model_type_details   ? 
# 
_struct_keywords.entry_id        4EPX 
_struct_keywords.pdbx_keywords   HYDROLASE 
_struct_keywords.text            
'small GTPase, Signaling transduction, Raf, Ral, Sos, PI3K, cytosol, binder, HYDROLASE, Inhibitor of Sos-mediated activation' 
# 
loop_
_struct_asym.id 
_struct_asym.pdbx_blank_PDB_chainid_flag 
_struct_asym.pdbx_modified 
_struct_asym.entity_id 
_struct_asym.details 
A N N 1 ? 
B N N 2 ? 
C N N 3 ? 
D N N 4 ? 
E N N 5 ? 
# 
_struct_biol.id        1 
_struct_biol.details   ? 
# 
loop_
_struct_conf.conf_type_id 
_struct_conf.id 
_struct_conf.pdbx_PDB_helix_id 
_struct_conf.beg_label_comp_id 
_struct_conf.beg_label_asym_id 
_struct_conf.beg_label_seq_id 
_struct_conf.pdbx_beg_PDB_ins_code 
_struct_conf.end_label_comp_id 
_struct_conf.end_label_asym_id 
_struct_conf.end_label_seq_id 
_struct_conf.pdbx_end_PDB_ins_code 
_struct_conf.beg_auth_comp_id 
_struct_conf.beg_auth_asym_id 
_struct_conf.beg_auth_seq_id 
_struct_conf.end_auth_comp_id 
_struct_conf.end_auth_asym_id 
_struct_conf.end_auth_seq_id 
_struct_conf.pdbx_PDB_helix_class 
_struct_conf.details 
_struct_conf.pdbx_PDB_helix_length 
HELX_P HELX_P1 1 GLY A 16  ? ASN A 27  ? GLY A 15  ASN A 26  1 ? 12 
HELX_P HELX_P2 2 TYR A 65  ? GLY A 76  ? TYR A 64  GLY A 75  1 ? 12 
HELX_P HELX_P3 3 ASN A 87  ? ASP A 106 ? ASN A 86  ASP A 105 1 ? 20 
HELX_P HELX_P4 4 ASP A 127 ? GLY A 139 ? ASP A 126 GLY A 138 1 ? 13 
HELX_P HELX_P5 5 GLY A 152 ? GLU A 169 ? GLY A 151 GLU A 168 1 ? 18 
# 
_struct_conf_type.id          HELX_P 
_struct_conf_type.criteria    ? 
_struct_conf_type.reference   ? 
# 
loop_
_struct_conn.id 
_struct_conn.conn_type_id 
_struct_conn.pdbx_leaving_atom_flag 
_struct_conn.pdbx_PDB_id 
_struct_conn.ptnr1_label_asym_id 
_struct_conn.ptnr1_label_comp_id 
_struct_conn.ptnr1_label_seq_id 
_struct_conn.ptnr1_label_atom_id 
_struct_conn.pdbx_ptnr1_label_alt_id 
_struct_conn.pdbx_ptnr1_PDB_ins_code 
_struct_conn.pdbx_ptnr1_standard_comp_id 
_struct_conn.ptnr1_symmetry 
_struct_conn.ptnr2_label_asym_id 
_struct_conn.ptnr2_label_comp_id 
_struct_conn.ptnr2_label_seq_id 
_struct_conn.ptnr2_label_atom_id 
_struct_conn.pdbx_ptnr2_label_alt_id 
_struct_conn.pdbx_ptnr2_PDB_ins_code 
_struct_conn.ptnr1_auth_asym_id 
_struct_conn.ptnr1_auth_comp_id 
_struct_conn.ptnr1_auth_seq_id 
_struct_conn.ptnr2_auth_asym_id 
_struct_conn.ptnr2_auth_comp_id 
_struct_conn.ptnr2_auth_seq_id 
_struct_conn.ptnr2_symmetry 
_struct_conn.pdbx_ptnr3_label_atom_id 
_struct_conn.pdbx_ptnr3_label_seq_id 
_struct_conn.pdbx_ptnr3_label_comp_id 
_struct_conn.pdbx_ptnr3_label_asym_id 
_struct_conn.pdbx_ptnr3_label_alt_id 
_struct_conn.pdbx_ptnr3_PDB_ins_code 
_struct_conn.details 
_struct_conn.pdbx_dist_value 
_struct_conn.pdbx_value_order 
_struct_conn.pdbx_role 
metalc1 metalc ? ? A SER 18 OG  ? ? ? 1_555 C MG  . MG ? ? A SER 17  A MG  202 1_555 ? ? ? ? ? ? ? 2.164 ? ? 
metalc2 metalc ? ? B GDP .  O1B ? ? ? 1_555 C MG  . MG ? ? A GDP 201 A MG  202 1_555 ? ? ? ? ? ? ? 2.012 ? ? 
metalc3 metalc ? ? C MG  .  MG  ? ? ? 1_555 E HOH . O  ? ? A MG  202 A HOH 306 1_555 ? ? ? ? ? ? ? 2.177 ? ? 
metalc4 metalc ? ? C MG  .  MG  ? ? ? 1_555 E HOH . O  ? ? A MG  202 A HOH 313 1_555 ? ? ? ? ? ? ? 2.034 ? ? 
metalc5 metalc ? ? C MG  .  MG  ? ? ? 1_555 E HOH . O  ? ? A MG  202 A HOH 338 1_555 ? ? ? ? ? ? ? 2.121 ? ? 
metalc6 metalc ? ? C MG  .  MG  ? ? ? 1_555 E HOH . O  ? ? A MG  202 A HOH 351 1_555 ? ? ? ? ? ? ? 2.024 ? ? 
# 
_struct_conn_type.id          metalc 
_struct_conn_type.criteria    ? 
_struct_conn_type.reference   ? 
# 
_struct_sheet.id               A 
_struct_sheet.type             ? 
_struct_sheet.number_strands   6 
_struct_sheet.details          ? 
# 
loop_
_struct_sheet_order.sheet_id 
_struct_sheet_order.range_id_1 
_struct_sheet_order.range_id_2 
_struct_sheet_order.offset 
_struct_sheet_order.sense 
A 1 2 ? anti-parallel 
A 2 3 ? parallel      
A 3 4 ? parallel      
A 4 5 ? parallel      
A 5 6 ? parallel      
# 
loop_
_struct_sheet_range.sheet_id 
_struct_sheet_range.id 
_struct_sheet_range.beg_label_comp_id 
_struct_sheet_range.beg_label_asym_id 
_struct_sheet_range.beg_label_seq_id 
_struct_sheet_range.pdbx_beg_PDB_ins_code 
_struct_sheet_range.end_label_comp_id 
_struct_sheet_range.end_label_asym_id 
_struct_sheet_range.end_label_seq_id 
_struct_sheet_range.pdbx_end_PDB_ins_code 
_struct_sheet_range.beg_auth_comp_id 
_struct_sheet_range.beg_auth_asym_id 
_struct_sheet_range.beg_auth_seq_id 
_struct_sheet_range.end_auth_comp_id 
_struct_sheet_range.end_auth_asym_id 
_struct_sheet_range.end_auth_seq_id 
A 1 ASP A 39  ? ILE A 47  ? ASP A 38  ILE A 46  
A 2 GLU A 50  ? ASP A 58  ? GLU A 49  ASP A 57  
A 3 GLU A 4   ? VAL A 10  ? GLU A 3   VAL A 9   
A 4 GLY A 78  ? ALA A 84  ? GLY A 77  ALA A 83  
A 5 MET A 112 ? ASN A 117 ? MET A 111 ASN A 116 
A 6 PHE A 142 ? GLU A 144 ? PHE A 141 GLU A 143 
# 
loop_
_pdbx_struct_sheet_hbond.sheet_id 
_pdbx_struct_sheet_hbond.range_id_1 
_pdbx_struct_sheet_hbond.range_id_2 
_pdbx_struct_sheet_hbond.range_1_label_atom_id 
_pdbx_struct_sheet_hbond.range_1_label_comp_id 
_pdbx_struct_sheet_hbond.range_1_label_asym_id 
_pdbx_struct_sheet_hbond.range_1_label_seq_id 
_pdbx_struct_sheet_hbond.range_1_PDB_ins_code 
_pdbx_struct_sheet_hbond.range_1_auth_atom_id 
_pdbx_struct_sheet_hbond.range_1_auth_comp_id 
_pdbx_struct_sheet_hbond.range_1_auth_asym_id 
_pdbx_struct_sheet_hbond.range_1_auth_seq_id 
_pdbx_struct_sheet_hbond.range_2_label_atom_id 
_pdbx_struct_sheet_hbond.range_2_label_comp_id 
_pdbx_struct_sheet_hbond.range_2_label_asym_id 
_pdbx_struct_sheet_hbond.range_2_label_seq_id 
_pdbx_struct_sheet_hbond.range_2_PDB_ins_code 
_pdbx_struct_sheet_hbond.range_2_auth_atom_id 
_pdbx_struct_sheet_hbond.range_2_auth_comp_id 
_pdbx_struct_sheet_hbond.range_2_auth_asym_id 
_pdbx_struct_sheet_hbond.range_2_auth_seq_id 
A 1 2 N TYR A 41  ? N TYR A 40  O ILE A 56  ? O ILE A 55  
A 2 3 O LEU A 53  ? O LEU A 52  N TYR A 5   ? N TYR A 4   
A 3 4 N VAL A 10  ? N VAL A 9   O VAL A 82  ? O VAL A 81  
A 4 5 N PHE A 83  ? N PHE A 82  O ASN A 117 ? O ASN A 116 
A 5 6 N LEU A 114 ? N LEU A 113 O ILE A 143 ? O ILE A 142 
# 
loop_
_struct_site.id 
_struct_site.pdbx_evidence_code 
_struct_site.pdbx_auth_asym_id 
_struct_site.pdbx_auth_comp_id 
_struct_site.pdbx_auth_seq_id 
_struct_site.pdbx_auth_ins_code 
_struct_site.pdbx_num_residues 
_struct_site.details 
AC1 Software A GDP 201 ? 23 'BINDING SITE FOR RESIDUE GDP A 201' 
AC2 Software A MG  202 ? 6  'BINDING SITE FOR RESIDUE MG A 202'  
AC3 Software A 0QR 203 ? 12 'BINDING SITE FOR RESIDUE 0QR A 203' 
# 
loop_
_struct_site_gen.id 
_struct_site_gen.site_id 
_struct_site_gen.pdbx_num_res 
_struct_site_gen.label_comp_id 
_struct_site_gen.label_asym_id 
_struct_site_gen.label_seq_id 
_struct_site_gen.pdbx_auth_ins_code 
_struct_site_gen.auth_comp_id 
_struct_site_gen.auth_asym_id 
_struct_site_gen.auth_seq_id 
_struct_site_gen.label_atom_id 
_struct_site_gen.label_alt_id 
_struct_site_gen.symmetry 
_struct_site_gen.details 
1  AC1 23 GLY A 14  ? GLY A 13  . ? 1_555 ? 
2  AC1 23 VAL A 15  ? VAL A 14  . ? 1_555 ? 
3  AC1 23 GLY A 16  ? GLY A 15  . ? 1_555 ? 
4  AC1 23 LYS A 17  ? LYS A 16  . ? 1_555 ? 
5  AC1 23 SER A 18  ? SER A 17  . ? 1_555 ? 
6  AC1 23 ALA A 19  ? ALA A 18  . ? 1_555 ? 
7  AC1 23 PHE A 29  ? PHE A 28  . ? 1_555 ? 
8  AC1 23 VAL A 30  ? VAL A 29  . ? 1_555 ? 
9  AC1 23 ASP A 31  ? ASP A 30  . ? 1_555 ? 
10 AC1 23 ASN A 117 ? ASN A 116 . ? 1_555 ? 
11 AC1 23 LYS A 118 ? LYS A 117 . ? 1_555 ? 
12 AC1 23 ASP A 120 ? ASP A 119 . ? 1_555 ? 
13 AC1 23 LEU A 121 ? LEU A 120 . ? 1_555 ? 
14 AC1 23 SER A 146 ? SER A 145 . ? 1_555 ? 
15 AC1 23 ALA A 147 ? ALA A 146 . ? 1_555 ? 
16 AC1 23 LYS A 148 ? LYS A 147 . ? 1_555 ? 
17 AC1 23 MG  C .   ? MG  A 202 . ? 1_555 ? 
18 AC1 23 HOH E .   ? HOH A 313 . ? 1_555 ? 
19 AC1 23 HOH E .   ? HOH A 335 . ? 1_555 ? 
20 AC1 23 HOH E .   ? HOH A 338 . ? 1_555 ? 
21 AC1 23 HOH E .   ? HOH A 351 . ? 1_555 ? 
22 AC1 23 HOH E .   ? HOH A 398 . ? 1_555 ? 
23 AC1 23 HOH E .   ? HOH A 430 . ? 1_555 ? 
24 AC2 6  SER A 18  ? SER A 17  . ? 1_555 ? 
25 AC2 6  GDP B .   ? GDP A 201 . ? 1_555 ? 
26 AC2 6  HOH E .   ? HOH A 306 . ? 1_555 ? 
27 AC2 6  HOH E .   ? HOH A 313 . ? 1_555 ? 
28 AC2 6  HOH E .   ? HOH A 338 . ? 1_555 ? 
29 AC2 6  HOH E .   ? HOH A 351 . ? 1_555 ? 
30 AC3 12 LEU A 7   ? LEU A 6   . ? 1_555 ? 
31 AC3 12 VAL A 8   ? VAL A 7   . ? 1_555 ? 
32 AC3 12 GLU A 38  ? GLU A 37  . ? 1_555 ? 
33 AC3 12 ASP A 55  ? ASP A 54  . ? 1_555 ? 
34 AC3 12 LEU A 57  ? LEU A 56  . ? 1_555 ? 
35 AC3 12 GLU A 63  ? GLU A 62  . ? 1_555 ? 
36 AC3 12 MET A 68  ? MET A 67  . ? 1_555 ? 
37 AC3 12 TYR A 72  ? TYR A 71  . ? 1_555 ? 
38 AC3 12 THR A 75  ? THR A 74  . ? 1_555 ? 
39 AC3 12 GLY A 76  ? GLY A 75  . ? 1_555 ? 
40 AC3 12 HOH E .   ? HOH A 418 . ? 1_555 ? 
41 AC3 12 HOH E .   ? HOH A 476 . ? 1_555 ? 
# 
_atom_sites.entry_id                    4EPX 
_atom_sites.fract_transf_matrix[1][1]   -0.00961479 
_atom_sites.fract_transf_matrix[1][2]   -0.02219496 
_atom_sites.fract_transf_matrix[1][3]   0.00824606 
_atom_sites.fract_transf_matrix[2][1]   0.02232038 
_atom_sites.fract_transf_matrix[2][2]   -0.00814167 
_atom_sites.fract_transf_matrix[2][3]   0.00411125 
_atom_sites.fract_transf_matrix[3][1]   -0.00042661 
_atom_sites.fract_transf_matrix[3][2]   0.00395583 
_atom_sites.fract_transf_matrix[3][3]   0.01015002 
_atom_sites.fract_transf_vector[1]      0.286603 
_atom_sites.fract_transf_vector[2]      0.053488 
_atom_sites.fract_transf_vector[3]      0.117739 
# 
loop_
_atom_type.symbol 
C  
F  
MG 
N  
O  
P  
S  
# 
loop_
_atom_site.group_PDB 
_atom_site.id 
_atom_site.type_symbol 
_atom_site.label_atom_id 
_atom_site.label_alt_id 
_atom_site.label_comp_id 
_atom_site.label_asym_id 
_atom_site.label_entity_id 
_atom_site.label_seq_id 
_atom_site.pdbx_PDB_ins_code 
_atom_site.Cartn_x 
_atom_site.Cartn_y 
_atom_site.Cartn_z 
_atom_site.occupancy 
_atom_site.B_iso_or_equiv 
_atom_site.pdbx_formal_charge 
_atom_site.auth_seq_id 
_atom_site.auth_comp_id 
_atom_site.auth_asym_id 
_atom_site.auth_atom_id 
_atom_site.pdbx_PDB_model_num 
ATOM   1    N  N     . GLY A 1 1   ? -3.827  -22.813 -11.235 1.00 12.52 ? 0   GLY A N     1 
ATOM   2    C  CA    . GLY A 1 1   ? -4.346  -21.434 -11.355 1.00 12.08 ? 0   GLY A CA    1 
ATOM   3    C  C     . GLY A 1 1   ? -3.161  -20.508 -11.594 1.00 12.60 ? 0   GLY A C     1 
ATOM   4    O  O     . GLY A 1 1   ? -2.012  -20.819 -11.271 1.00 13.36 ? 0   GLY A O     1 
ATOM   5    N  N     . MET A 1 2   ? -3.423  -19.358 -12.197 1.00 13.22 ? 1   MET A N     1 
ATOM   6    C  CA    . MET A 1 2   ? -2.363  -18.352 -12.355 1.00 12.52 ? 1   MET A CA    1 
ATOM   7    C  C     . MET A 1 2   ? -1.898  -17.917 -10.991 1.00 13.71 ? 1   MET A C     1 
ATOM   8    O  O     . MET A 1 2   ? -2.623  -18.078 -9.990  1.00 12.26 ? 1   MET A O     1 
ATOM   9    C  CB    . MET A 1 2   ? -2.884  -17.157 -13.191 1.00 13.48 ? 1   MET A CB    1 
ATOM   10   C  CG    . MET A 1 2   ? -3.981  -16.369 -12.485 1.00 14.98 ? 1   MET A CG    1 
ATOM   11   S  SD    . MET A 1 2   ? -4.552  -14.913 -13.447 1.00 18.29 ? 1   MET A SD    1 
ATOM   12   C  CE    . MET A 1 2   ? -5.336  -15.787 -14.828 1.00 21.60 ? 1   MET A CE    1 
ATOM   13   N  N     . THR A 1 3   ? -0.678  -17.380 -10.925 1.00 11.68 ? 2   THR A N     1 
ATOM   14   C  CA    . THR A 1 3   ? -0.235  -16.854 -9.617  1.00 14.50 ? 2   THR A CA    1 
ATOM   15   C  C     . THR A 1 3   ? -1.086  -15.691 -9.099  1.00 14.17 ? 2   THR A C     1 
ATOM   16   O  O     . THR A 1 3   ? -1.528  -14.846 -9.906  1.00 13.56 ? 2   THR A O     1 
ATOM   17   C  CB    . THR A 1 3   ? 1.183   -16.412 -9.759  1.00 14.54 ? 2   THR A CB    1 
ATOM   18   O  OG1   . THR A 1 3   ? 1.971   -17.607 -10.016 1.00 15.85 ? 2   THR A OG1   1 
ATOM   19   C  CG2   . THR A 1 3   ? 1.605   -15.682 -8.436  1.00 15.98 ? 2   THR A CG2   1 
ATOM   20   N  N     . GLU A 1 4   ? -1.344  -15.687 -7.779  1.00 13.90 ? 3   GLU A N     1 
ATOM   21   C  CA    . GLU A 1 4   ? -2.126  -14.658 -7.117  1.00 14.80 ? 3   GLU A CA    1 
ATOM   22   C  C     . GLU A 1 4   ? -1.187  -13.984 -6.117  1.00 14.12 ? 3   GLU A C     1 
ATOM   23   O  O     . GLU A 1 4   ? -0.408  -14.656 -5.395  1.00 16.09 ? 3   GLU A O     1 
ATOM   24   C  CB    . GLU A 1 4   ? -3.332  -15.204 -6.356  1.00 15.49 ? 3   GLU A CB    1 
ATOM   25   C  CG    . GLU A 1 4   ? -4.276  -16.002 -7.187  1.00 22.10 ? 3   GLU A CG    1 
ATOM   26   C  CD    . GLU A 1 4   ? -5.426  -16.595 -6.362  1.00 33.10 ? 3   GLU A CD    1 
ATOM   27   O  OE1   . GLU A 1 4   ? -5.704  -16.031 -5.235  1.00 32.40 ? 3   GLU A OE1   1 
ATOM   28   O  OE2   . GLU A 1 4   ? -6.035  -17.597 -6.883  1.00 33.46 ? 3   GLU A OE2   1 
ATOM   29   N  N     . TYR A 1 5   ? -1.206  -12.656 -6.109  1.00 12.96 ? 4   TYR A N     1 
ATOM   30   C  CA    . TYR A 1 5   ? -0.370  -11.929 -5.141  1.00 12.63 ? 4   TYR A CA    1 
ATOM   31   C  C     . TYR A 1 5   ? -1.386  -11.282 -4.168  1.00 13.55 ? 4   TYR A C     1 
ATOM   32   O  O     . TYR A 1 5   ? -2.230  -10.498 -4.568  1.00 12.86 ? 4   TYR A O     1 
ATOM   33   C  CB    . TYR A 1 5   ? 0.429   -10.848 -5.867  1.00 12.79 ? 4   TYR A CB    1 
ATOM   34   C  CG    . TYR A 1 5   ? 1.462   -11.412 -6.807  1.00 11.32 ? 4   TYR A CG    1 
ATOM   35   C  CD1   . TYR A 1 5   ? 2.663   -11.922 -6.310  1.00 11.17 ? 4   TYR A CD1   1 
ATOM   36   C  CD2   . TYR A 1 5   ? 1.229   -11.453 -8.200  1.00 13.76 ? 4   TYR A CD2   1 
ATOM   37   C  CE1   . TYR A 1 5   ? 3.685   -12.439 -7.189  1.00 13.18 ? 4   TYR A CE1   1 
ATOM   38   C  CE2   . TYR A 1 5   ? 2.181   -11.960 -9.073  1.00 10.95 ? 4   TYR A CE2   1 
ATOM   39   C  CZ    . TYR A 1 5   ? 3.404   -12.468 -8.577  1.00 13.70 ? 4   TYR A CZ    1 
ATOM   40   O  OH    . TYR A 1 5   ? 4.360   -12.975 -9.479  1.00 14.50 ? 4   TYR A OH    1 
ATOM   41   N  N     . LYS A 1 6   ? -1.214  -11.577 -2.881  1.00 13.65 ? 5   LYS A N     1 
ATOM   42   C  CA    . LYS A 1 6   ? -2.054  -10.957 -1.821  1.00 13.48 ? 5   LYS A CA    1 
ATOM   43   C  C     . LYS A 1 6   ? -1.398  -9.699  -1.317  1.00 11.52 ? 5   LYS A C     1 
ATOM   44   O  O     . LYS A 1 6   ? -0.326  -9.760  -0.678  1.00 12.49 ? 5   LYS A O     1 
ATOM   45   C  CB    . LYS A 1 6   ? -2.275  -11.943 -0.688  1.00 15.17 ? 5   LYS A CB    1 
ATOM   46   C  CG    . LYS A 1 6   ? -3.075  -13.189 -1.222  1.00 19.77 ? 5   LYS A CG    1 
ATOM   47   C  CD    . LYS A 1 6   ? -3.521  -14.110 -0.060  1.00 28.85 ? 5   LYS A CD    1 
ATOM   48   C  CE    . LYS A 1 6   ? -4.121  -15.456 -0.538  1.00 34.98 ? 5   LYS A CE    1 
ATOM   49   N  NZ    . LYS A 1 6   ? -3.551  -16.010 -1.833  1.00 39.84 ? 5   LYS A NZ    1 
ATOM   50   N  N     . LEU A 1 7   ? -1.995  -8.565  -1.667  1.00 11.04 ? 6   LEU A N     1 
ATOM   51   C  CA    . LEU A 1 7   ? -1.401  -7.246  -1.342  1.00 9.34  ? 6   LEU A CA    1 
ATOM   52   C  C     . LEU A 1 7   ? -2.305  -6.633  -0.281  1.00 10.36 ? 6   LEU A C     1 
ATOM   53   O  O     . LEU A 1 7   ? -3.541  -6.900  -0.267  1.00 10.96 ? 6   LEU A O     1 
ATOM   54   C  CB    . LEU A 1 7   ? -1.463  -6.349  -2.541  1.00 10.64 ? 6   LEU A CB    1 
ATOM   55   C  CG    . LEU A 1 7   ? -0.822  -6.974  -3.817  1.00 9.25  ? 6   LEU A CG    1 
ATOM   56   C  CD1   . LEU A 1 7   ? -0.824  -5.954  -4.948  1.00 8.64  ? 6   LEU A CD1   1 
ATOM   57   C  CD2   . LEU A 1 7   ? 0.589   -7.448  -3.569  1.00 8.84  ? 6   LEU A CD2   1 
ATOM   58   N  N     . VAL A 1 8   ? -1.738  -5.795  0.570   1.00 9.59  ? 7   VAL A N     1 
ATOM   59   C  CA    . VAL A 1 8   ? -2.518  -5.139  1.625   1.00 9.68  ? 7   VAL A CA    1 
ATOM   60   C  C     . VAL A 1 8   ? -2.127  -3.682  1.568   1.00 9.40  ? 7   VAL A C     1 
ATOM   61   O  O     . VAL A 1 8   ? -0.931  -3.346  1.560   1.00 9.45  ? 7   VAL A O     1 
ATOM   62   C  CB    . VAL A 1 8   ? -2.124  -5.677  3.001   1.00 8.13  ? 7   VAL A CB    1 
ATOM   63   C  CG1   . VAL A 1 8   ? -2.911  -4.975  4.090   1.00 10.27 ? 7   VAL A CG1   1 
ATOM   64   C  CG2   . VAL A 1 8   ? -2.464  -7.225  3.121   1.00 11.33 ? 7   VAL A CG2   1 
ATOM   65   N  N     . VAL A 1 9   ? -3.117  -2.801  1.594   1.00 9.13  ? 8   VAL A N     1 
ATOM   66   C  CA    . VAL A 1 9   ? -2.846  -1.380  1.618   1.00 8.76  ? 8   VAL A CA    1 
ATOM   67   C  C     . VAL A 1 9   ? -3.170  -0.863  3.014   1.00 9.02  ? 8   VAL A C     1 
ATOM   68   O  O     . VAL A 1 9   ? -4.332  -0.982  3.490   1.00 10.73 ? 8   VAL A O     1 
ATOM   69   C  CB    . VAL A 1 9   ? -3.747  -0.683  0.584   1.00 8.82  ? 8   VAL A CB    1 
ATOM   70   C  CG1   . VAL A 1 9   ? -3.430  0.877   0.505   1.00 8.31  ? 8   VAL A CG1   1 
ATOM   71   C  CG2   . VAL A 1 9   ? -3.661  -1.445  -0.828  1.00 8.09  ? 8   VAL A CG2   1 
ATOM   72   N  N     . VAL A 1 10  ? -2.129  -0.317  3.683   1.00 10.61 ? 9   VAL A N     1 
ATOM   73   C  CA    . VAL A 1 10  ? -2.248  0.184   5.063   1.00 9.82  ? 9   VAL A CA    1 
ATOM   74   C  C     . VAL A 1 10  ? -1.935  1.694   5.124   1.00 9.50  ? 9   VAL A C     1 
ATOM   75   O  O     . VAL A 1 10  ? -1.322  2.256   4.179   1.00 11.42 ? 9   VAL A O     1 
ATOM   76   C  CB    . VAL A 1 10  ? -1.324  -0.599  6.042   1.00 8.75  ? 9   VAL A CB    1 
ATOM   77   C  CG1   . VAL A 1 10  ? -1.688  -2.096  6.006   1.00 10.24 ? 9   VAL A CG1   1 
ATOM   78   C  CG2   . VAL A 1 10  ? 0.174   -0.453  5.741   1.00 11.12 ? 9   VAL A CG2   1 
ATOM   79   N  N     . GLY A 1 11  ? -2.295  2.316   6.253   1.00 10.77 ? 10  GLY A N     1 
ATOM   80   C  CA    . GLY A 1 11  ? -2.045  3.763   6.426   1.00 11.38 ? 10  GLY A CA    1 
ATOM   81   C  C     . GLY A 1 11  ? -3.174  4.420   7.172   1.00 11.80 ? 10  GLY A C     1 
ATOM   82   O  O     . GLY A 1 11  ? -4.264  3.844   7.284   1.00 11.76 ? 10  GLY A O     1 
ATOM   83   N  N     . ALA A 1 12  ? -2.909  5.628   7.658   1.00 11.13 ? 11  ALA A N     1 
ATOM   84   C  CA    . ALA A 1 12  ? -3.884  6.408   8.390   1.00 11.49 ? 11  ALA A CA    1 
ATOM   85   C  C     . ALA A 1 12  ? -5.160  6.640   7.621   1.00 11.50 ? 11  ALA A C     1 
ATOM   86   O  O     . ALA A 1 12  ? -5.183  6.659   6.390   1.00 10.60 ? 11  ALA A O     1 
ATOM   87   C  CB    . ALA A 1 12  ? -3.231  7.712   8.850   1.00 13.60 ? 11  ALA A CB    1 
ATOM   88   N  N     . VAL A 1 13  ? -6.268  6.764   8.357   1.00 11.60 ? 12  VAL A N     1 
ATOM   89   C  CA    . VAL A 1 13  ? -7.526  7.174   7.735   1.00 12.92 ? 12  VAL A CA    1 
ATOM   90   C  C     . VAL A 1 13  ? -7.343  8.468   6.944   1.00 12.39 ? 12  VAL A C     1 
ATOM   91   O  O     . VAL A 1 13  ? -6.717  9.414   7.440   1.00 13.15 ? 12  VAL A O     1 
ATOM   92   C  CB    . VAL A 1 13  ? -8.714  7.241   8.768   1.00 13.62 ? 12  VAL A CB    1 
ATOM   93   C  CG1   . VAL A 1 13  ? -8.580  8.431   9.699   1.00 17.31 ? 12  VAL A CG1   1 
ATOM   94   C  CG2   . VAL A 1 13  ? -10.082 7.344   8.013   1.00 15.26 ? 12  VAL A CG2   1 
ATOM   95   N  N     . GLY A 1 14  ? -7.919  8.496   5.731   1.00 10.67 ? 13  GLY A N     1 
ATOM   96   C  CA    . GLY A 1 14  ? -7.998  9.743   4.933   1.00 11.72 ? 13  GLY A CA    1 
ATOM   97   C  C     . GLY A 1 14  ? -6.824  9.847   3.946   1.00 12.88 ? 13  GLY A C     1 
ATOM   98   O  O     . GLY A 1 14  ? -6.788  10.807  3.175   1.00 13.95 ? 13  GLY A O     1 
ATOM   99   N  N     . VAL A 1 15  ? -5.854  8.896   3.971   1.00 10.82 ? 14  VAL A N     1 
ATOM   100  C  CA    . VAL A 1 15  ? -4.646  9.090   3.163   1.00 11.30 ? 14  VAL A CA    1 
ATOM   101  C  C     . VAL A 1 15  ? -4.905  8.794   1.679   1.00 12.47 ? 14  VAL A C     1 
ATOM   102  O  O     . VAL A 1 15  ? -4.160  9.282   0.833   1.00 11.74 ? 14  VAL A O     1 
ATOM   103  C  CB    . VAL A 1 15  ? -3.370  8.254   3.618   1.00 11.31 ? 14  VAL A CB    1 
ATOM   104  C  CG1   . VAL A 1 15  ? -2.975  8.615   5.037   1.00 10.90 ? 14  VAL A CG1   1 
ATOM   105  C  CG2   . VAL A 1 15  ? -3.620  6.776   3.502   1.00 12.83 ? 14  VAL A CG2   1 
ATOM   106  N  N     . GLY A 1 16  ? -5.933  8.005   1.371   1.00 12.19 ? 15  GLY A N     1 
ATOM   107  C  CA    . GLY A 1 16  ? -6.253  7.603   0.002   1.00 12.12 ? 15  GLY A CA    1 
ATOM   108  C  C     . GLY A 1 16  ? -6.155  6.111   -0.308  1.00 11.69 ? 15  GLY A C     1 
ATOM   109  O  O     . GLY A 1 16  ? -6.037  5.725   -1.485  1.00 9.96  ? 15  GLY A O     1 
ATOM   110  N  N     . LYS A 1 17  ? -6.167  5.280   0.715   1.00 9.27  ? 16  LYS A N     1 
ATOM   111  C  CA    . LYS A 1 17  ? -6.077  3.816   0.466   1.00 11.20 ? 16  LYS A CA    1 
ATOM   112  C  C     . LYS A 1 17  ? -7.227  3.357   -0.436  1.00 11.24 ? 16  LYS A C     1 
ATOM   113  O  O     . LYS A 1 17  ? -7.032  2.580   -1.374  1.00 9.78  ? 16  LYS A O     1 
ATOM   114  C  CB    . LYS A 1 17  ? -6.179  3.084   1.774   1.00 10.01 ? 16  LYS A CB    1 
ATOM   115  C  CG    . LYS A 1 17  ? -4.999  3.503   2.774   1.00 11.68 ? 16  LYS A CG    1 
ATOM   116  C  CD    . LYS A 1 17  ? -5.095  2.666   4.096   1.00 11.46 ? 16  LYS A CD    1 
ATOM   117  C  CE    . LYS A 1 17  ? -6.402  2.860   4.934   1.00 13.25 ? 16  LYS A CE    1 
ATOM   118  N  NZ    . LYS A 1 17  ? -6.547  4.287   5.365   1.00 12.61 ? 16  LYS A NZ    1 
ATOM   119  N  N     . SER A 1 18  ? -8.429  3.805   -0.104  1.00 10.03 ? 17  SER A N     1 
ATOM   120  C  CA    . SER A 1 18  ? -9.578  3.364   -0.922  1.00 10.65 ? 17  SER A CA    1 
ATOM   121  C  C     . SER A 1 18  ? -9.501  3.936   -2.328  1.00 9.74  ? 17  SER A C     1 
ATOM   122  O  O     . SER A 1 18  ? -9.771  3.224   -3.334  1.00 11.28 ? 17  SER A O     1 
ATOM   123  C  CB    . SER A 1 18  ? -10.893 3.740   -0.231  1.00 11.34 ? 17  SER A CB    1 
ATOM   124  O  OG    . SER A 1 18  ? -11.057 2.951   0.919   1.00 11.64 ? 17  SER A OG    1 
ATOM   125  N  N     . ALA A 1 19  ? -9.181  5.214   -2.420  1.00 12.35 ? 18  ALA A N     1 
ATOM   126  C  CA    . ALA A 1 19  ? -9.103  5.874   -3.709  1.00 11.65 ? 18  ALA A CA    1 
ATOM   127  C  C     . ALA A 1 19  ? -8.008  5.219   -4.563  1.00 12.22 ? 18  ALA A C     1 
ATOM   128  O  O     . ALA A 1 19  ? -8.221  4.952   -5.756  1.00 11.46 ? 18  ALA A O     1 
ATOM   129  C  CB    . ALA A 1 19  ? -8.783  7.372   -3.515  1.00 13.25 ? 18  ALA A CB    1 
ATOM   130  N  N     . LEU A 1 20  ? -6.866  4.889   -3.946  1.00 11.42 ? 19  LEU A N     1 
ATOM   131  C  CA    . LEU A 1 20  ? -5.811  4.167   -4.703  1.00 11.38 ? 19  LEU A CA    1 
ATOM   132  C  C     . LEU A 1 20  ? -6.299  2.773   -5.229  1.00 12.36 ? 19  LEU A C     1 
ATOM   133  O  O     . LEU A 1 20  ? -6.035  2.392   -6.351  1.00 13.20 ? 19  LEU A O     1 
ATOM   134  C  CB    . LEU A 1 20  ? -4.546  3.931   -3.839  1.00 10.22 ? 19  LEU A CB    1 
ATOM   135  C  CG    . LEU A 1 20  ? -3.668  5.212   -3.683  1.00 9.65  ? 19  LEU A CG    1 
ATOM   136  C  CD1   . LEU A 1 20  ? -2.653  5.049   -2.566  1.00 10.04 ? 19  LEU A CD1   1 
ATOM   137  C  CD2   . LEU A 1 20  ? -2.921  5.644   -5.016  1.00 12.10 ? 19  LEU A CD2   1 
ATOM   138  N  N     . THR A 1 21  ? -6.929  2.021   -4.360  1.00 12.94 ? 20  THR A N     1 
ATOM   139  C  CA    . THR A 1 21  ? -7.339  0.645   -4.710  1.00 13.34 ? 20  THR A CA    1 
ATOM   140  C  C     . THR A 1 21  ? -8.375  0.697   -5.832  1.00 13.47 ? 20  THR A C     1 
ATOM   141  O  O     . THR A 1 21  ? -8.298  -0.089  -6.789  1.00 11.55 ? 20  THR A O     1 
ATOM   142  C  CB    . THR A 1 21  ? -7.865  -0.063  -3.434  1.00 12.97 ? 20  THR A CB    1 
ATOM   143  O  OG1   . THR A 1 21  ? -6.796  -0.142  -2.451  1.00 14.31 ? 20  THR A OG1   1 
ATOM   144  C  CG2   . THR A 1 21  ? -8.297  -1.514  -3.733  1.00 14.35 ? 20  THR A CG2   1 
ATOM   145  N  N     . ILE A 1 22  ? -9.332  1.600   -5.701  1.00 13.77 ? 21  ILE A N     1 
ATOM   146  C  CA    . ILE A 1 22  ? -10.453 1.678   -6.681  1.00 15.23 ? 21  ILE A CA    1 
ATOM   147  C  C     . ILE A 1 22  ? -9.877  2.181   -8.033  1.00 15.52 ? 21  ILE A C     1 
ATOM   148  O  O     . ILE A 1 22  ? -10.325 1.761   -9.136  1.00 16.17 ? 21  ILE A O     1 
ATOM   149  C  CB    . ILE A 1 22  ? -11.648 2.493   -6.144  1.00 15.83 ? 21  ILE A CB    1 
ATOM   150  C  CG1   . ILE A 1 22  ? -12.243 1.806   -4.880  1.00 15.87 ? 21  ILE A CG1   1 
ATOM   151  C  CG2   . ILE A 1 22  ? -12.709 2.815   -7.295  1.00 15.67 ? 21  ILE A CG2   1 
ATOM   152  C  CD1   . ILE A 1 22  ? -13.353 2.671   -4.191  1.00 29.43 ? 21  ILE A CD1   1 
ATOM   153  N  N     . GLN A 1 23  ? -8.893  3.064   -7.993  1.00 13.61 ? 22  GLN A N     1 
ATOM   154  C  CA    . GLN A 1 23  ? -8.231  3.489   -9.254  1.00 14.03 ? 22  GLN A CA    1 
ATOM   155  C  C     . GLN A 1 23  ? -7.519  2.312   -9.919  1.00 14.83 ? 22  GLN A C     1 
ATOM   156  O  O     . GLN A 1 23  ? -7.571  2.133   -11.127 1.00 15.29 ? 22  GLN A O     1 
ATOM   157  C  CB    . GLN A 1 23  ? -7.181  4.576   -8.895  1.00 15.45 ? 22  GLN A CB    1 
ATOM   158  C  CG    . GLN A 1 23  ? -6.901  5.801   -9.721  1.00 20.05 ? 22  GLN A CG    1 
ATOM   159  C  CD    . GLN A 1 23  ? -7.825  6.215   -10.854 1.00 17.60 ? 22  GLN A CD    1 
ATOM   160  O  OE1   . GLN A 1 23  ? -8.187  5.429   -11.704 1.00 19.32 ? 22  GLN A OE1   1 
ATOM   161  N  NE2   . GLN A 1 23  ? -8.105  7.480   -10.908 1.00 14.87 ? 22  GLN A NE2   1 
ATOM   162  N  N     . LEU A 1 24  ? -6.800  1.529   -9.139  1.00 13.16 ? 23  LEU A N     1 
ATOM   163  C  CA    . LEU A 1 24  ? -6.111  0.407   -9.679  1.00 14.81 ? 23  LEU A CA    1 
ATOM   164  C  C     . LEU A 1 24  ? -7.115  -0.584  -10.324 1.00 17.02 ? 23  LEU A C     1 
ATOM   165  O  O     . LEU A 1 24  ? -6.946  -0.983  -11.468 1.00 18.52 ? 23  LEU A O     1 
ATOM   166  C  CB    . LEU A 1 24  ? -5.323  -0.295  -8.551  1.00 14.41 ? 23  LEU A CB    1 
ATOM   167  C  CG    . LEU A 1 24  ? -4.594  -1.439  -9.255  1.00 16.70 ? 23  LEU A CG    1 
ATOM   168  C  CD1   . LEU A 1 24  ? -3.233  -1.164  -9.907  1.00 13.07 ? 23  LEU A CD1   1 
ATOM   169  C  CD2   . LEU A 1 24  ? -4.735  -2.736  -8.520  1.00 23.91 ? 23  LEU A CD2   1 
ATOM   170  N  N     . ILE A 1 25  ? -8.141  -0.971  -9.584  1.00 16.97 ? 24  ILE A N     1 
ATOM   171  C  CA    . ILE A 1 25  ? -9.039  -2.048  -9.991  1.00 19.35 ? 24  ILE A CA    1 
ATOM   172  C  C     . ILE A 1 25  ? -10.008 -1.543  -11.048 1.00 20.62 ? 24  ILE A C     1 
ATOM   173  O  O     . ILE A 1 25  ? -10.244 -2.223  -12.067 1.00 22.16 ? 24  ILE A O     1 
ATOM   174  C  CB    . ILE A 1 25  ? -9.867  -2.562  -8.806  1.00 19.63 ? 24  ILE A CB    1 
ATOM   175  C  CG1   . ILE A 1 25  ? -8.989  -3.013  -7.635  1.00 19.88 ? 24  ILE A CG1   1 
ATOM   176  C  CG2   . ILE A 1 25  ? -10.904 -3.706  -9.267  1.00 19.47 ? 24  ILE A CG2   1 
ATOM   177  C  CD1   . ILE A 1 25  ? -8.380  -4.417  -7.779  1.00 25.21 ? 24  ILE A CD1   1 
ATOM   178  N  N     . GLN A 1 26  ? -10.588 -0.362  -10.819 1.00 21.82 ? 25  GLN A N     1 
ATOM   179  C  CA    . GLN A 1 26  ? -11.735 0.105   -11.635 1.00 22.21 ? 25  GLN A CA    1 
ATOM   180  C  C     . GLN A 1 26  ? -11.449 1.303   -12.563 1.00 23.68 ? 25  GLN A C     1 
ATOM   181  O  O     . GLN A 1 26  ? -12.275 1.670   -13.407 1.00 23.80 ? 25  GLN A O     1 
ATOM   182  C  CB    . GLN A 1 26  ? -12.942 0.404   -10.732 1.00 22.20 ? 25  GLN A CB    1 
ATOM   183  C  CG    . GLN A 1 26  ? -13.404 -0.770  -9.901  1.00 22.49 ? 25  GLN A CG    1 
ATOM   184  C  CD    . GLN A 1 26  ? -14.539 -0.437  -8.921  1.00 26.39 ? 25  GLN A CD    1 
ATOM   185  O  OE1   . GLN A 1 26  ? -14.998 0.678   -8.837  1.00 29.01 ? 25  GLN A OE1   1 
ATOM   186  N  NE2   . GLN A 1 26  ? -14.964 -1.434  -8.168  1.00 27.42 ? 25  GLN A NE2   1 
ATOM   187  N  N     . ASN A 1 27  ? -10.282 1.917   -12.412 1.00 24.19 ? 26  ASN A N     1 
ATOM   188  C  CA    . ASN A 1 27  ? -9.818  2.941   -13.307 1.00 24.10 ? 26  ASN A CA    1 
ATOM   189  C  C     . ASN A 1 27  ? -10.724 4.160   -13.237 1.00 24.52 ? 26  ASN A C     1 
ATOM   190  O  O     . ASN A 1 27  ? -11.026 4.830   -14.246 1.00 25.01 ? 26  ASN A O     1 
ATOM   191  C  CB    . ASN A 1 27  ? -9.630  2.386   -14.730 1.00 25.50 ? 26  ASN A CB    1 
ATOM   192  C  CG    . ASN A 1 27  ? -8.460  1.377   -14.810 1.00 29.48 ? 26  ASN A CG    1 
ATOM   193  O  OD1   . ASN A 1 27  ? -7.308  1.785   -14.964 1.00 35.26 ? 26  ASN A OD1   1 
ATOM   194  N  ND2   . ASN A 1 27  ? -8.753  0.071   -14.672 1.00 35.30 ? 26  ASN A ND2   1 
ATOM   195  N  N     . HIS A 1 28  ? -11.219 4.427   -12.040 1.00 23.67 ? 27  HIS A N     1 
ATOM   196  C  CA    . HIS A 1 28  ? -11.850 5.707   -11.806 1.00 24.99 ? 27  HIS A CA    1 
ATOM   197  C  C     . HIS A 1 28  ? -11.493 6.226   -10.443 1.00 23.89 ? 27  HIS A C     1 
ATOM   198  O  O     . HIS A 1 28  ? -11.163 5.425   -9.575  1.00 21.77 ? 27  HIS A O     1 
ATOM   199  C  CB    . HIS A 1 28  ? -13.380 5.643   -12.037 1.00 27.07 ? 27  HIS A CB    1 
ATOM   200  C  CG    . HIS A 1 28  ? -14.105 4.682   -11.165 1.00 30.20 ? 27  HIS A CG    1 
ATOM   201  N  ND1   . HIS A 1 28  ? -14.872 5.083   -10.092 1.00 36.27 ? 27  HIS A ND1   1 
ATOM   202  C  CD2   . HIS A 1 28  ? -14.220 3.329   -11.223 1.00 36.31 ? 27  HIS A CD2   1 
ATOM   203  C  CE1   . HIS A 1 28  ? -15.406 4.017   -9.510  1.00 36.79 ? 27  HIS A CE1   1 
ATOM   204  N  NE2   . HIS A 1 28  ? -15.018 2.938   -10.173 1.00 36.03 ? 27  HIS A NE2   1 
ATOM   205  N  N     . PHE A 1 29  ? -11.556 7.554   -10.274 1.00 22.91 ? 28  PHE A N     1 
ATOM   206  C  CA    . PHE A 1 29  ? -11.297 8.209   -8.981  1.00 22.55 ? 28  PHE A CA    1 
ATOM   207  C  C     . PHE A 1 29  ? -12.587 8.329   -8.193  1.00 24.61 ? 28  PHE A C     1 
ATOM   208  O  O     . PHE A 1 29  ? -13.584 8.871   -8.728  1.00 23.70 ? 28  PHE A O     1 
ATOM   209  C  CB    . PHE A 1 29  ? -10.632 9.577   -9.192  1.00 22.13 ? 28  PHE A CB    1 
ATOM   210  C  CG    . PHE A 1 29  ? -10.458 10.396  -7.923  1.00 18.56 ? 28  PHE A CG    1 
ATOM   211  C  CD1   . PHE A 1 29  ? -9.722  9.896   -6.856  1.00 18.35 ? 28  PHE A CD1   1 
ATOM   212  C  CD2   . PHE A 1 29  ? -11.028 11.688  -7.812  1.00 20.79 ? 28  PHE A CD2   1 
ATOM   213  C  CE1   . PHE A 1 29  ? -9.519  10.623  -5.669  1.00 19.06 ? 28  PHE A CE1   1 
ATOM   214  C  CE2   . PHE A 1 29  ? -10.854 12.474  -6.595  1.00 20.46 ? 28  PHE A CE2   1 
ATOM   215  C  CZ    . PHE A 1 29  ? -10.118 11.923  -5.526  1.00 22.33 ? 28  PHE A CZ    1 
ATOM   216  N  N     . VAL A 1 30  ? -12.583 7.858   -6.937  1.00 25.33 ? 29  VAL A N     1 
ATOM   217  C  CA    . VAL A 1 30  ? -13.768 7.949   -6.051  1.00 29.32 ? 29  VAL A CA    1 
ATOM   218  C  C     . VAL A 1 30  ? -13.600 9.007   -4.958  1.00 31.11 ? 29  VAL A C     1 
ATOM   219  O  O     . VAL A 1 30  ? -12.721 8.860   -4.066  1.00 32.50 ? 29  VAL A O     1 
ATOM   220  C  CB    . VAL A 1 30  ? -14.293 6.542   -5.527  1.00 27.76 ? 29  VAL A CB    1 
ATOM   221  C  CG1   . VAL A 1 30  ? -15.560 6.680   -4.791  1.00 31.20 ? 29  VAL A CG1   1 
ATOM   222  C  CG2   . VAL A 1 30  ? -14.586 5.683   -6.675  1.00 30.36 ? 29  VAL A CG2   1 
ATOM   223  N  N     . ASP A 1 31  ? -14.427 10.065  -5.068  1.00 32.43 ? 30  ASP A N     1 
ATOM   224  C  CA    . ASP A 1 31  ? -14.468 11.278  -4.182  1.00 35.17 ? 30  ASP A CA    1 
ATOM   225  C  C     . ASP A 1 31  ? -14.686 10.946  -2.725  1.00 34.70 ? 30  ASP A C     1 
ATOM   226  O  O     . ASP A 1 31  ? -14.096 11.532  -1.827  1.00 34.06 ? 30  ASP A O     1 
ATOM   227  C  CB    . ASP A 1 31  ? -15.675 12.201  -4.537  1.00 36.40 ? 30  ASP A CB    1 
ATOM   228  C  CG    . ASP A 1 31  ? -15.363 13.250  -5.592  1.00 43.03 ? 30  ASP A CG    1 
ATOM   229  O  OD1   . ASP A 1 31  ? -14.651 12.938  -6.571  1.00 49.38 ? 30  ASP A OD1   1 
ATOM   230  O  OD2   . ASP A 1 31  ? -15.878 14.396  -5.466  1.00 47.73 ? 30  ASP A OD2   1 
ATOM   231  N  N     . GLU A 1 32  ? -15.624 10.048  -2.500  1.00 33.73 ? 31  GLU A N     1 
ATOM   232  C  CA    . GLU A 1 32  ? -16.097 9.821   -1.184  1.00 34.72 ? 31  GLU A CA    1 
ATOM   233  C  C     . GLU A 1 32  ? -16.310 8.336   -1.136  1.00 32.38 ? 31  GLU A C     1 
ATOM   234  O  O     . GLU A 1 32  ? -17.073 7.770   -1.941  1.00 33.88 ? 31  GLU A O     1 
ATOM   235  C  CB    . GLU A 1 32  ? -17.428 10.578  -0.979  1.00 36.37 ? 31  GLU A CB    1 
ATOM   236  C  CG    . GLU A 1 32  ? -17.646 11.059  0.457   1.00 43.56 ? 31  GLU A CG    1 
ATOM   237  C  CD    . GLU A 1 32  ? -18.380 12.407  0.501   1.00 51.31 ? 31  GLU A CD    1 
ATOM   238  O  OE1   . GLU A 1 32  ? -19.640 12.372  0.582   1.00 53.37 ? 31  GLU A OE1   1 
ATOM   239  O  OE2   . GLU A 1 32  ? -17.685 13.475  0.421   1.00 52.15 ? 31  GLU A OE2   1 
ATOM   240  N  N     . TYR A 1 33  ? -15.609 7.681   -0.232  1.00 28.24 ? 32  TYR A N     1 
ATOM   241  C  CA    . TYR A 1 33  ? -15.900 6.278   -0.010  1.00 24.75 ? 32  TYR A CA    1 
ATOM   242  C  C     . TYR A 1 33  ? -15.798 6.120   1.467   1.00 21.44 ? 32  TYR A C     1 
ATOM   243  O  O     . TYR A 1 33  ? -14.813 6.542   2.103   1.00 21.01 ? 32  TYR A O     1 
ATOM   244  C  CB    . TYR A 1 33  ? -14.918 5.415   -0.767  1.00 24.23 ? 32  TYR A CB    1 
ATOM   245  C  CG    . TYR A 1 33  ? -15.077 3.917   -0.634  1.00 26.36 ? 32  TYR A CG    1 
ATOM   246  C  CD1   . TYR A 1 33  ? -16.031 3.177   -1.392  1.00 31.04 ? 32  TYR A CD1   1 
ATOM   247  C  CD2   . TYR A 1 33  ? -14.246 3.223   0.230   1.00 23.65 ? 32  TYR A CD2   1 
ATOM   248  C  CE1   . TYR A 1 33  ? -16.106 1.741   -1.252  1.00 36.28 ? 32  TYR A CE1   1 
ATOM   249  C  CE2   . TYR A 1 33  ? -14.305 1.864   0.367   1.00 30.43 ? 32  TYR A CE2   1 
ATOM   250  C  CZ    . TYR A 1 33  ? -15.211 1.098   -0.359  1.00 37.23 ? 32  TYR A CZ    1 
ATOM   251  O  OH    . TYR A 1 33  ? -15.148 -0.308  -0.147  1.00 40.80 ? 32  TYR A OH    1 
ATOM   252  N  N     . ASP A 1 34  ? -16.861 5.561   2.033   1.00 19.57 ? 33  ASP A N     1 
ATOM   253  C  CA    . ASP A 1 34  ? -16.969 5.509   3.511   1.00 17.68 ? 33  ASP A CA    1 
ATOM   254  C  C     . ASP A 1 34  ? -15.625 5.095   4.144   1.00 16.89 ? 33  ASP A C     1 
ATOM   255  O  O     . ASP A 1 34  ? -15.092 4.031   3.815   1.00 15.32 ? 33  ASP A O     1 
ATOM   256  C  CB    . ASP A 1 34  ? -18.034 4.493   3.884   1.00 19.56 ? 33  ASP A CB    1 
ATOM   257  C  CG    . ASP A 1 34  ? -18.381 4.502   5.366   1.00 19.94 ? 33  ASP A CG    1 
ATOM   258  O  OD1   . ASP A 1 34  ? -17.480 4.676   6.230   1.00 17.09 ? 33  ASP A OD1   1 
ATOM   259  O  OD2   . ASP A 1 34  ? -19.569 4.188   5.653   1.00 18.95 ? 33  ASP A OD2   1 
ATOM   260  N  N     . PRO A 1 35  ? -15.098 5.920   5.067   1.00 15.23 ? 34  PRO A N     1 
ATOM   261  C  CA    . PRO A 1 35  ? -13.761 5.624   5.672   1.00 16.04 ? 34  PRO A CA    1 
ATOM   262  C  C     . PRO A 1 35  ? -13.717 4.337   6.509   1.00 14.75 ? 34  PRO A C     1 
ATOM   263  O  O     . PRO A 1 35  ? -12.609 3.810   6.841   1.00 15.45 ? 34  PRO A O     1 
ATOM   264  C  CB    . PRO A 1 35  ? -13.488 6.849   6.564   1.00 17.99 ? 34  PRO A CB    1 
ATOM   265  C  CG    . PRO A 1 35  ? -14.783 7.610   6.636   1.00 19.48 ? 34  PRO A CG    1 
ATOM   266  C  CD    . PRO A 1 35  ? -15.604 7.269   5.439   1.00 15.88 ? 34  PRO A CD    1 
ATOM   267  N  N     . THR A 1 36  ? -14.903 3.823   6.857   1.00 13.20 ? 35  THR A N     1 
ATOM   268  C  CA    . THR A 1 36  ? -14.985 2.704   7.780   1.00 12.34 ? 35  THR A CA    1 
ATOM   269  C  C     . THR A 1 36  ? -15.129 1.340   7.060   1.00 13.43 ? 35  THR A C     1 
ATOM   270  O  O     . THR A 1 36  ? -15.256 0.339   7.740   1.00 14.84 ? 35  THR A O     1 
ATOM   271  C  CB    . THR A 1 36  ? -16.104 2.854   8.888   1.00 13.65 ? 35  THR A CB    1 
ATOM   272  O  OG1   . THR A 1 36  ? -17.373 2.776   8.250   1.00 14.16 ? 35  THR A OG1   1 
ATOM   273  C  CG2   . THR A 1 36  ? -15.946 4.110   9.667   1.00 12.28 ? 35  THR A CG2   1 
ATOM   274  N  N     . ILE A 1 37  ? -15.204 1.321   5.720   1.00 14.83 ? 36  ILE A N     1 
ATOM   275  C  CA    . ILE A 1 37  ? -15.441 0.066   4.983   1.00 15.82 ? 36  ILE A CA    1 
ATOM   276  C  C     . ILE A 1 37  ? -14.095 -0.591  4.596   1.00 15.08 ? 36  ILE A C     1 
ATOM   277  O  O     . ILE A 1 37  ? -13.260 0.064   3.996   1.00 15.45 ? 36  ILE A O     1 
ATOM   278  C  CB    . ILE A 1 37  ? -16.314 0.278   3.697   1.00 16.70 ? 36  ILE A CB    1 
ATOM   279  C  CG1   . ILE A 1 37  ? -17.767 0.627   4.070   1.00 18.23 ? 36  ILE A CG1   1 
ATOM   280  C  CG2   . ILE A 1 37  ? -16.374 -1.035  2.872   1.00 18.27 ? 36  ILE A CG2   1 
ATOM   281  C  CD1   . ILE A 1 37  ? -18.618 1.160   2.821   1.00 23.45 ? 36  ILE A CD1   1 
ATOM   282  N  N     . GLU A 1 38  ? -13.929 -1.872  4.949   1.00 14.69 ? 37  GLU A N     1 
ATOM   283  C  CA    . GLU A 1 38  ? -12.712 -2.612  4.618   1.00 15.69 ? 37  GLU A CA    1 
ATOM   284  C  C     . GLU A 1 38  ? -13.112 -3.787  3.777   1.00 17.45 ? 37  GLU A C     1 
ATOM   285  O  O     . GLU A 1 38  ? -13.934 -4.613  4.198   1.00 17.92 ? 37  GLU A O     1 
ATOM   286  C  CB    . GLU A 1 38  ? -12.038 -3.118  5.895   1.00 13.14 ? 37  GLU A CB    1 
ATOM   287  C  CG    . GLU A 1 38  ? -10.894 -4.155  5.700   1.00 13.16 ? 37  GLU A CG    1 
ATOM   288  C  CD    . GLU A 1 38  ? -10.166 -4.372  6.980   1.00 16.75 ? 37  GLU A CD    1 
ATOM   289  O  OE1   . GLU A 1 38  ? -9.491  -3.431  7.482   1.00 14.98 ? 37  GLU A OE1   1 
ATOM   290  O  OE2   . GLU A 1 38  ? -10.220 -5.497  7.555   1.00 17.76 ? 37  GLU A OE2   1 
ATOM   291  N  N     . ASP A 1 39  ? -12.520 -3.863  2.599   1.00 18.19 ? 38  ASP A N     1 
ATOM   292  C  CA    . ASP A 1 39  ? -12.890 -4.894  1.647   1.00 20.46 ? 38  ASP A CA    1 
ATOM   293  C  C     . ASP A 1 39  ? -11.691 -5.317  0.867   1.00 17.72 ? 38  ASP A C     1 
ATOM   294  O  O     . ASP A 1 39  ? -10.732 -4.547  0.710   1.00 14.88 ? 38  ASP A O     1 
ATOM   295  C  CB    . ASP A 1 39  ? -13.826 -4.243  0.662   1.00 22.70 ? 38  ASP A CB    1 
ATOM   296  C  CG    . ASP A 1 39  ? -15.078 -5.011  0.465   1.00 33.64 ? 38  ASP A CG    1 
ATOM   297  O  OD1   . ASP A 1 39  ? -15.037 -6.285  0.478   1.00 36.20 ? 38  ASP A OD1   1 
ATOM   298  O  OD2   . ASP A 1 39  ? -16.098 -4.270  0.259   1.00 43.33 ? 38  ASP A OD2   1 
ATOM   299  N  N     . SER A 1 40  ? -11.778 -6.523  0.307   1.00 17.27 ? 39  SER A N     1 
ATOM   300  C  CA    . SER A 1 40  ? -10.784 -6.918  -0.706  1.00 17.32 ? 39  SER A CA    1 
ATOM   301  C  C     . SER A 1 40  ? -11.333 -6.946  -2.153  1.00 18.95 ? 39  SER A C     1 
ATOM   302  O  O     . SER A 1 40  ? -12.566 -7.092  -2.381  1.00 18.60 ? 39  SER A O     1 
ATOM   303  C  CB    . SER A 1 40  ? -10.028 -8.187  -0.273  1.00 18.06 ? 39  SER A CB    1 
ATOM   304  O  OG    . SER A 1 40  ? -10.910 -9.273  -0.143  1.00 22.47 ? 39  SER A OG    1 
ATOM   305  N  N     . TYR A 1 41  ? -10.426 -6.719  -3.118  1.00 17.15 ? 40  TYR A N     1 
ATOM   306  C  CA    . TYR A 1 41  ? -10.792 -6.522  -4.512  1.00 17.15 ? 40  TYR A CA    1 
ATOM   307  C  C     . TYR A 1 41  ? -9.829  -7.372  -5.339  1.00 17.07 ? 40  TYR A C     1 
ATOM   308  O  O     . TYR A 1 41  ? -8.656  -7.434  -4.996  1.00 17.73 ? 40  TYR A O     1 
ATOM   309  C  CB    . TYR A 1 41  ? -10.558 -5.065  -4.882  1.00 17.15 ? 40  TYR A CB    1 
ATOM   310  C  CG    . TYR A 1 41  ? -11.515 -4.091  -4.298  1.00 22.87 ? 40  TYR A CG    1 
ATOM   311  C  CD1   . TYR A 1 41  ? -11.330 -3.586  -2.995  1.00 23.17 ? 40  TYR A CD1   1 
ATOM   312  C  CD2   . TYR A 1 41  ? -12.563 -3.592  -5.064  1.00 28.29 ? 40  TYR A CD2   1 
ATOM   313  C  CE1   . TYR A 1 41  ? -12.198 -2.677  -2.447  1.00 27.22 ? 40  TYR A CE1   1 
ATOM   314  C  CE2   . TYR A 1 41  ? -13.438 -2.659  -4.543  1.00 32.00 ? 40  TYR A CE2   1 
ATOM   315  C  CZ    . TYR A 1 41  ? -13.261 -2.208  -3.226  1.00 34.18 ? 40  TYR A CZ    1 
ATOM   316  O  OH    . TYR A 1 41  ? -14.156 -1.295  -2.701  1.00 38.35 ? 40  TYR A OH    1 
ATOM   317  N  N     . ARG A 1 42  ? -10.283 -7.942  -6.474  1.00 18.08 ? 41  ARG A N     1 
ATOM   318  C  CA    . ARG A 1 42  ? -9.415  -8.755  -7.340  1.00 19.24 ? 41  ARG A CA    1 
ATOM   319  C  C     . ARG A 1 42  ? -9.382  -8.203  -8.727  1.00 19.95 ? 41  ARG A C     1 
ATOM   320  O  O     . ARG A 1 42  ? -10.410 -7.699  -9.243  1.00 20.77 ? 41  ARG A O     1 
ATOM   321  C  CB    . ARG A 1 42  ? -9.993  -10.144 -7.552  1.00 21.07 ? 41  ARG A CB    1 
ATOM   322  C  CG    . ARG A 1 42  ? -9.727  -11.157 -6.485  1.00 25.63 ? 41  ARG A CG    1 
ATOM   323  C  CD    . ARG A 1 42  ? -11.011 -11.453 -5.791  1.00 32.56 ? 41  ARG A CD    1 
ATOM   324  N  NE    . ARG A 1 42  ? -10.606 -11.425 -4.420  1.00 38.44 ? 41  ARG A NE    1 
ATOM   325  C  CZ    . ARG A 1 42  ? -11.358 -11.187 -3.361  1.00 38.20 ? 41  ARG A CZ    1 
ATOM   326  N  NH1   . ARG A 1 42  ? -12.682 -10.958 -3.445  1.00 36.22 ? 41  ARG A NH1   1 
ATOM   327  N  NH2   . ARG A 1 42  ? -10.727 -11.192 -2.196  1.00 39.47 ? 41  ARG A NH2   1 
ATOM   328  N  N     . LYS A 1 43  ? -8.217  -8.277  -9.372  1.00 16.98 ? 42  LYS A N     1 
ATOM   329  C  CA    . LYS A 1 43  ? -8.142  -7.864  -10.784 1.00 17.71 ? 42  LYS A CA    1 
ATOM   330  C  C     . LYS A 1 43  ? -7.098  -8.765  -11.412 1.00 16.27 ? 42  LYS A C     1 
ATOM   331  O  O     . LYS A 1 43  ? -6.050  -8.956  -10.839 1.00 15.73 ? 42  LYS A O     1 
ATOM   332  C  CB    . LYS A 1 43  ? -7.682  -6.389  -10.876 1.00 17.17 ? 42  LYS A CB    1 
ATOM   333  C  CG    . LYS A 1 43  ? -7.926  -5.717  -12.245 1.00 21.59 ? 42  LYS A CG    1 
ATOM   334  C  CD    . LYS A 1 43  ? -7.013  -4.501  -12.406 1.00 25.03 ? 42  LYS A CD    1 
ATOM   335  C  CE    . LYS A 1 43  ? -7.316  -3.682  -13.682 1.00 28.66 ? 42  LYS A CE    1 
ATOM   336  N  NZ    . LYS A 1 43  ? -6.286  -2.531  -13.757 1.00 31.59 ? 42  LYS A NZ    1 
ATOM   337  N  N     . GLN A 1 44  ? -7.356  -9.244  -12.622 1.00 16.95 ? 43  GLN A N     1 
ATOM   338  C  CA    . GLN A 1 44  ? -6.354  -10.004 -13.363 1.00 17.91 ? 43  GLN A CA    1 
ATOM   339  C  C     . GLN A 1 44  ? -5.577  -9.021  -14.192 1.00 17.07 ? 43  GLN A C     1 
ATOM   340  O  O     . GLN A 1 44  ? -6.169  -8.163  -14.901 1.00 15.99 ? 43  GLN A O     1 
ATOM   341  C  CB    . GLN A 1 44  ? -7.078  -10.997 -14.254 1.00 19.48 ? 43  GLN A CB    1 
ATOM   342  C  CG    . GLN A 1 44  ? -6.173  -11.869 -15.096 1.00 24.61 ? 43  GLN A CG    1 
ATOM   343  C  CD    . GLN A 1 44  ? -7.016  -12.869 -15.893 1.00 32.19 ? 43  GLN A CD    1 
ATOM   344  O  OE1   . GLN A 1 44  ? -8.056  -13.389 -15.402 1.00 34.20 ? 43  GLN A OE1   1 
ATOM   345  N  NE2   . GLN A 1 44  ? -6.620  -13.102 -17.125 1.00 37.76 ? 43  GLN A NE2   1 
ATOM   346  N  N     . VAL A 1 45  ? -4.248  -9.117  -14.147 1.00 15.33 ? 44  VAL A N     1 
ATOM   347  C  CA    . VAL A 1 45  ? -3.400  -8.157  -14.812 1.00 15.07 ? 44  VAL A CA    1 
ATOM   348  C  C     . VAL A 1 45  ? -2.226  -8.835  -15.484 1.00 15.54 ? 44  VAL A C     1 
ATOM   349  O  O     . VAL A 1 45  ? -2.028  -10.012 -15.282 1.00 16.11 ? 44  VAL A O     1 
ATOM   350  C  CB    . VAL A 1 45  ? -2.786  -7.085  -13.856 1.00 14.94 ? 44  VAL A CB    1 
ATOM   351  C  CG1   . VAL A 1 45  ? -3.912  -6.189  -13.206 1.00 19.19 ? 44  VAL A CG1   1 
ATOM   352  C  CG2   . VAL A 1 45  ? -1.885  -7.697  -12.740 1.00 15.35 ? 44  VAL A CG2   1 
ATOM   353  N  N     . VAL A 1 46  ? -1.431  -8.065  -16.222 1.00 14.35 ? 45  VAL A N     1 
ATOM   354  C  CA    . VAL A 1 46  ? -0.223  -8.602  -16.796 1.00 14.83 ? 45  VAL A CA    1 
ATOM   355  C  C     . VAL A 1 46  ? 0.907   -7.703  -16.296 1.00 14.29 ? 45  VAL A C     1 
ATOM   356  O  O     . VAL A 1 46  ? 0.871   -6.500  -16.521 1.00 14.77 ? 45  VAL A O     1 
ATOM   357  C  CB    . VAL A 1 46  ? -0.272  -8.643  -18.382 1.00 14.64 ? 45  VAL A CB    1 
ATOM   358  C  CG1   . VAL A 1 46  ? 1.129   -9.163  -18.936 1.00 17.77 ? 45  VAL A CG1   1 
ATOM   359  C  CG2   . VAL A 1 46  ? -1.330  -9.582  -18.869 1.00 16.21 ? 45  VAL A CG2   1 
ATOM   360  N  N     . ILE A 1 47  ? 1.874   -8.266  -15.574 1.00 12.48 ? 46  ILE A N     1 
ATOM   361  C  CA    . ILE A 1 47  ? 2.991   -7.547  -15.015 1.00 11.71 ? 46  ILE A CA    1 
ATOM   362  C  C     . ILE A 1 47  ? 4.254   -8.184  -15.503 1.00 13.22 ? 46  ILE A C     1 
ATOM   363  O  O     . ILE A 1 47  ? 4.525   -9.356  -15.197 1.00 14.34 ? 46  ILE A O     1 
ATOM   364  C  CB    . ILE A 1 47  ? 2.967   -7.488  -13.439 1.00 12.05 ? 46  ILE A CB    1 
ATOM   365  C  CG1   . ILE A 1 47  ? 1.634   -6.847  -12.966 1.00 11.94 ? 46  ILE A CG1   1 
ATOM   366  C  CG2   . ILE A 1 47  ? 4.242   -6.756  -12.922 1.00 11.53 ? 46  ILE A CG2   1 
ATOM   367  C  CD1   . ILE A 1 47  ? 1.374   -7.080  -11.412 1.00 11.80 ? 46  ILE A CD1   1 
ATOM   368  N  N     . ASP A 1 48  ? 5.026   -7.428  -16.300 1.00 13.80 ? 47  ASP A N     1 
ATOM   369  C  CA    . ASP A 1 48  ? 6.287   -7.946  -16.926 1.00 14.44 ? 47  ASP A CA    1 
ATOM   370  C  C     . ASP A 1 48  ? 6.056   -9.262  -17.622 1.00 13.66 ? 47  ASP A C     1 
ATOM   371  O  O     . ASP A 1 48  ? 6.875   -10.131 -17.504 1.00 15.24 ? 47  ASP A O     1 
ATOM   372  C  CB    . ASP A 1 48  ? 7.444   -8.147  -15.881 1.00 14.67 ? 47  ASP A CB    1 
ATOM   373  C  CG    . ASP A 1 48  ? 7.699   -6.901  -15.053 1.00 18.38 ? 47  ASP A CG    1 
ATOM   374  O  OD1   . ASP A 1 48  ? 7.797   -5.823  -15.700 1.00 20.26 ? 47  ASP A OD1   1 
ATOM   375  O  OD2   . ASP A 1 48  ? 7.656   -6.971  -13.765 1.00 13.48 ? 47  ASP A OD2   1 
ATOM   376  N  N     . GLY A 1 49  ? 4.958   -9.373  -18.354 1.00 12.71 ? 48  GLY A N     1 
ATOM   377  C  CA    . GLY A 1 49  ? 4.627   -10.546 -19.167 1.00 14.95 ? 48  GLY A CA    1 
ATOM   378  C  C     . GLY A 1 49  ? 3.911   -11.651 -18.423 1.00 14.25 ? 48  GLY A C     1 
ATOM   379  O  O     . GLY A 1 49  ? 3.419   -12.603 -19.046 1.00 15.58 ? 48  GLY A O     1 
ATOM   380  N  N     . GLU A 1 50  ? 3.798   -11.529 -17.096 1.00 12.62 ? 49  GLU A N     1 
ATOM   381  C  CA    . GLU A 1 50  ? 3.120   -12.581 -16.310 1.00 13.29 ? 49  GLU A CA    1 
ATOM   382  C  C     . GLU A 1 50  ? 1.662   -12.233 -16.130 1.00 13.00 ? 49  GLU A C     1 
ATOM   383  O  O     . GLU A 1 50  ? 1.342   -11.226 -15.486 1.00 13.52 ? 49  GLU A O     1 
ATOM   384  C  CB    . GLU A 1 50  ? 3.798   -12.774 -14.940 1.00 11.87 ? 49  GLU A CB    1 
ATOM   385  C  CG    . GLU A 1 50  ? 3.100   -13.789 -14.041 1.00 14.78 ? 49  GLU A CG    1 
ATOM   386  C  CD    . GLU A 1 50  ? 3.762   -13.858 -12.702 1.00 19.96 ? 49  GLU A CD    1 
ATOM   387  O  OE1   . GLU A 1 50  ? 3.705   -12.839 -11.970 1.00 16.79 ? 49  GLU A OE1   1 
ATOM   388  O  OE2   . GLU A 1 50  ? 4.374   -14.914 -12.393 1.00 18.10 ? 49  GLU A OE2   1 
ATOM   389  N  N     . THR A 1 51  ? 0.765   -13.061 -16.646 1.00 13.17 ? 50  THR A N     1 
ATOM   390  C  CA    . THR A 1 51  ? -0.646  -12.949 -16.292 1.00 13.51 ? 50  THR A CA    1 
ATOM   391  C  C     . THR A 1 51  ? -0.855  -13.459 -14.881 1.00 12.94 ? 50  THR A C     1 
ATOM   392  O  O     . THR A 1 51  ? -0.506  -14.607 -14.555 1.00 14.97 ? 50  THR A O     1 
ATOM   393  C  CB    . THR A 1 51  ? -1.530  -13.714 -17.311 1.00 14.40 ? 50  THR A CB    1 
ATOM   394  O  OG1   . THR A 1 51  ? -1.438  -13.091 -18.598 1.00 17.82 ? 50  THR A OG1   1 
ATOM   395  C  CG2   . THR A 1 51  ? -3.019  -13.636 -16.885 1.00 15.13 ? 50  THR A CG2   1 
ATOM   396  N  N     . CYS A 1 52  ? -1.410  -12.600 -14.017 1.00 13.03 ? 51  CYS A N     1 
ATOM   397  C  CA    . CYS A 1 52  ? -1.520  -12.931 -12.582 1.00 12.52 ? 51  CYS A CA    1 
ATOM   398  C  C     . CYS A 1 52  ? -2.752  -12.249 -11.982 1.00 12.27 ? 51  CYS A C     1 
ATOM   399  O  O     . CYS A 1 52  ? -3.424  -11.411 -12.628 1.00 13.45 ? 51  CYS A O     1 
ATOM   400  C  CB    . CYS A 1 52  ? -0.236  -12.547 -11.810 1.00 12.35 ? 51  CYS A CB    1 
ATOM   401  S  SG    . CYS A 1 52  ? 0.116   -10.711 -11.922 1.00 14.39 ? 51  CYS A SG    1 
ATOM   402  N  N     . LEU A 1 53  ? -3.076  -12.675 -10.778 1.00 12.98 ? 52  LEU A N     1 
ATOM   403  C  CA    . LEU A 1 53  ? -4.212  -12.145 -10.083 1.00 12.81 ? 52  LEU A CA    1 
ATOM   404  C  C     . LEU A 1 53  ? -3.696  -11.295 -8.905  1.00 12.09 ? 52  LEU A C     1 
ATOM   405  O  O     . LEU A 1 53  ? -2.921  -11.793 -8.102  1.00 14.76 ? 52  LEU A O     1 
ATOM   406  C  CB    . LEU A 1 53  ? -5.112  -13.269 -9.598  1.00 13.79 ? 52  LEU A CB    1 
ATOM   407  C  CG    . LEU A 1 53  ? -6.336  -12.500 -9.006  1.00 17.83 ? 52  LEU A CG    1 
ATOM   408  C  CD1   . LEU A 1 53  ? -7.462  -12.297 -9.994  1.00 22.18 ? 52  LEU A CD1   1 
ATOM   409  C  CD2   . LEU A 1 53  ? -6.820  -13.078 -7.711  1.00 27.97 ? 52  LEU A CD2   1 
ATOM   410  N  N     . LEU A 1 54  ? -4.091  -10.009 -8.862  1.00 12.48 ? 53  LEU A N     1 
ATOM   411  C  CA    . LEU A 1 54  ? -3.963  -9.198  -7.650  1.00 12.74 ? 53  LEU A CA    1 
ATOM   412  C  C     . LEU A 1 54  ? -5.188  -9.366  -6.767  1.00 12.93 ? 53  LEU A C     1 
ATOM   413  O  O     . LEU A 1 54  ? -6.307  -9.122  -7.225  1.00 14.51 ? 53  LEU A O     1 
ATOM   414  C  CB    . LEU A 1 54  ? -3.766  -7.717  -8.000  1.00 13.87 ? 53  LEU A CB    1 
ATOM   415  C  CG    . LEU A 1 54  ? -2.641  -7.508  -9.020  1.00 12.82 ? 53  LEU A CG    1 
ATOM   416  C  CD1   . LEU A 1 54  ? -2.407  -5.979  -9.080  1.00 15.68 ? 53  LEU A CD1   1 
ATOM   417  C  CD2   . LEU A 1 54  ? -1.380  -8.218  -8.652  1.00 12.86 ? 53  LEU A CD2   1 
ATOM   418  N  N     . ASP A 1 55  ? -4.948  -9.647  -5.498  1.00 12.27 ? 54  ASP A N     1 
ATOM   419  C  CA    . ASP A 1 55  ? -6.014  -9.702  -4.514  1.00 12.46 ? 54  ASP A CA    1 
ATOM   420  C  C     . ASP A 1 55  ? -5.670  -8.686  -3.451  1.00 11.45 ? 54  ASP A C     1 
ATOM   421  O  O     . ASP A 1 55  ? -4.749  -8.890  -2.696  1.00 10.98 ? 54  ASP A O     1 
ATOM   422  C  CB    . ASP A 1 55  ? -6.032  -11.108 -3.999  1.00 11.91 ? 54  ASP A CB    1 
ATOM   423  C  CG    . ASP A 1 55  ? -7.007  -11.329 -2.876  1.00 17.08 ? 54  ASP A CG    1 
ATOM   424  O  OD1   . ASP A 1 55  ? -7.712  -10.404 -2.446  1.00 15.91 ? 54  ASP A OD1   1 
ATOM   425  O  OD2   . ASP A 1 55  ? -7.006  -12.491 -2.453  1.00 23.45 ? 54  ASP A OD2   1 
ATOM   426  N  N     . ILE A 1 56  ? -6.328  -7.542  -3.508  1.00 10.06 ? 55  ILE A N     1 
ATOM   427  C  CA    . ILE A 1 56  ? -5.922  -6.398  -2.701  1.00 11.65 ? 55  ILE A CA    1 
ATOM   428  C  C     . ILE A 1 56  ? -6.883  -6.186  -1.550  1.00 11.41 ? 55  ILE A C     1 
ATOM   429  O  O     . ILE A 1 56  ? -8.074  -5.926  -1.742  1.00 13.09 ? 55  ILE A O     1 
ATOM   430  C  CB    . ILE A 1 56  ? -5.877  -5.154  -3.614  1.00 10.88 ? 55  ILE A CB    1 
ATOM   431  C  CG1   . ILE A 1 56  ? -4.902  -5.470  -4.783  1.00 13.14 ? 55  ILE A CG1   1 
ATOM   432  C  CG2   . ILE A 1 56  ? -5.480  -3.925  -2.837  1.00 10.46 ? 55  ILE A CG2   1 
ATOM   433  C  CD1   . ILE A 1 56  ? -4.888  -4.343  -5.790  1.00 14.80 ? 55  ILE A CD1   1 
ATOM   434  N  N     . LEU A 1 57  ? -6.334  -6.184  -0.335  1.00 10.85 ? 56  LEU A N     1 
ATOM   435  C  CA    . LEU A 1 57  ? -7.113  -5.777  0.863   1.00 10.39 ? 56  LEU A CA    1 
ATOM   436  C  C     . LEU A 1 57  ? -6.924  -4.263  1.123   1.00 10.30 ? 56  LEU A C     1 
ATOM   437  O  O     . LEU A 1 57  ? -5.811  -3.791  1.390   1.00 11.15 ? 56  LEU A O     1 
ATOM   438  C  CB    . LEU A 1 57  ? -6.645  -6.513  2.136   1.00 10.77 ? 56  LEU A CB    1 
ATOM   439  C  CG    . LEU A 1 57  ? -7.448  -6.198  3.448   1.00 8.74  ? 56  LEU A CG    1 
ATOM   440  C  CD1   . LEU A 1 57  ? -8.908  -6.638  3.257   1.00 11.79 ? 56  LEU A CD1   1 
ATOM   441  C  CD2   . LEU A 1 57  ? -6.795  -6.982  4.639   1.00 12.08 ? 56  LEU A CD2   1 
ATOM   442  N  N     . ASP A 1 58  ? -8.032  -3.532  1.074   1.00 9.30  ? 57  ASP A N     1 
ATOM   443  C  CA    . ASP A 1 58  ? -8.138  -2.100  1.343   1.00 11.09 ? 57  ASP A CA    1 
ATOM   444  C  C     . ASP A 1 58  ? -8.516  -1.992  2.842   1.00 12.10 ? 57  ASP A C     1 
ATOM   445  O  O     . ASP A 1 58  ? -9.695  -2.130  3.220   1.00 11.08 ? 57  ASP A O     1 
ATOM   446  C  CB    . ASP A 1 58  ? -9.212  -1.487  0.411   1.00 11.41 ? 57  ASP A CB    1 
ATOM   447  C  CG    . ASP A 1 58  ? -9.505  -0.041  0.725   1.00 12.88 ? 57  ASP A CG    1 
ATOM   448  O  OD1   . ASP A 1 58  ? -8.575  0.655   1.250   1.00 11.80 ? 57  ASP A OD1   1 
ATOM   449  O  OD2   . ASP A 1 58  ? -10.646 0.430   0.424   1.00 12.44 ? 57  ASP A OD2   1 
ATOM   450  N  N     . THR A 1 59  ? -7.500  -1.796  3.719   1.00 10.99 ? 58  THR A N     1 
ATOM   451  C  CA    . THR A 1 59  ? -7.770  -1.861  5.173   1.00 12.71 ? 58  THR A CA    1 
ATOM   452  C  C     . THR A 1 59  ? -8.459  -0.584  5.663   1.00 12.80 ? 58  THR A C     1 
ATOM   453  O  O     . THR A 1 59  ? -8.400  0.434   4.986   1.00 13.28 ? 58  THR A O     1 
ATOM   454  C  CB    . THR A 1 59  ? -6.475  -2.104  5.999   1.00 10.64 ? 58  THR A CB    1 
ATOM   455  O  OG1   . THR A 1 59  ? -5.572  -0.990  5.887   1.00 11.58 ? 58  THR A OG1   1 
ATOM   456  C  CG2   . THR A 1 59  ? -5.731  -3.359  5.460   1.00 10.05 ? 58  THR A CG2   1 
ATOM   457  N  N     . ALA A 1 60  ? -9.092  -0.660  6.842   1.00 11.83 ? 59  ALA A N     1 
ATOM   458  C  CA    . ALA A 1 60  ? -9.716  0.537   7.425   1.00 11.66 ? 59  ALA A CA    1 
ATOM   459  C  C     . ALA A 1 60  ? -9.405  0.670   8.894   1.00 12.07 ? 59  ALA A C     1 
ATOM   460  O  O     . ALA A 1 60  ? -10.036 1.490   9.553   1.00 13.25 ? 59  ALA A O     1 
ATOM   461  C  CB    . ALA A 1 60  ? -11.271 0.567   7.159   1.00 11.54 ? 59  ALA A CB    1 
ATOM   462  N  N     . GLY A 1 61  ? -8.407  -0.059  9.395   1.00 12.26 ? 60  GLY A N     1 
ATOM   463  C  CA    . GLY A 1 61  ? -7.817  0.258   10.713  1.00 12.53 ? 60  GLY A CA    1 
ATOM   464  C  C     . GLY A 1 61  ? -8.276  -0.749  11.747  1.00 13.16 ? 60  GLY A C     1 
ATOM   465  O  O     . GLY A 1 61  ? -8.113  -1.964  11.547  1.00 11.77 ? 60  GLY A O     1 
ATOM   466  N  N     . GLN A 1 62  ? -8.842  -0.280  12.831  1.00 11.72 ? 61  GLN A N     1 
ATOM   467  C  CA    . GLN A 1 62  ? -9.239  -1.238  13.891  1.00 11.41 ? 61  GLN A CA    1 
ATOM   468  C  C     . GLN A 1 62  ? -10.217 -2.298  13.424  1.00 11.93 ? 61  GLN A C     1 
ATOM   469  O  O     . GLN A 1 62  ? -11.144 -2.083  12.571  1.00 13.90 ? 61  GLN A O     1 
ATOM   470  C  CB    . GLN A 1 62  ? -9.854  -0.527  15.106  1.00 13.21 ? 61  GLN A CB    1 
ATOM   471  C  CG    . GLN A 1 62  ? -8.932  0.448   15.830  1.00 12.85 ? 61  GLN A CG    1 
ATOM   472  C  CD    . GLN A 1 62  ? -7.744  -0.241  16.567  1.00 19.84 ? 61  GLN A CD    1 
ATOM   473  O  OE1   . GLN A 1 62  ? -7.847  -1.354  16.984  1.00 23.45 ? 61  GLN A OE1   1 
ATOM   474  N  NE2   . GLN A 1 62  ? -6.661  0.482   16.761  1.00 25.05 ? 61  GLN A NE2   1 
ATOM   475  N  N     . GLU A 1 63  ? -10.014 -3.489  13.966  1.00 11.38 ? 62  GLU A N     1 
ATOM   476  C  CA    . GLU A 1 63  ? -10.924 -4.595  13.636  1.00 12.87 ? 62  GLU A CA    1 
ATOM   477  C  C     . GLU A 1 63  ? -11.788 -4.940  14.829  1.00 12.51 ? 62  GLU A C     1 
ATOM   478  O  O     . GLU A 1 63  ? -11.440 -4.606  15.964  1.00 12.02 ? 62  GLU A O     1 
ATOM   479  C  CB    . GLU A 1 63  ? -10.117 -5.871  13.346  1.00 13.04 ? 62  GLU A CB    1 
ATOM   480  C  CG    . GLU A 1 63  ? -9.245  -5.758  12.159  1.00 14.06 ? 62  GLU A CG    1 
ATOM   481  C  CD    . GLU A 1 63  ? -9.947  -5.675  10.863  1.00 12.99 ? 62  GLU A CD    1 
ATOM   482  O  OE1   . GLU A 1 63  ? -11.215 -5.826  10.675  1.00 13.91 ? 62  GLU A OE1   1 
ATOM   483  O  OE2   . GLU A 1 63  ? -9.200  -5.525  9.868   1.00 15.15 ? 62  GLU A OE2   1 
ATOM   484  N  N     . GLU A 1 64  ? -12.859 -5.680  14.585  1.00 13.32 ? 63  GLU A N     1 
ATOM   485  C  CA    . GLU A 1 64  ? -13.716 -6.156  15.714  1.00 12.73 ? 63  GLU A CA    1 
ATOM   486  C  C     . GLU A 1 64  ? -12.823 -6.860  16.769  1.00 12.37 ? 63  GLU A C     1 
ATOM   487  O  O     . GLU A 1 64  ? -12.906 -6.558  17.962  1.00 12.20 ? 63  GLU A O     1 
ATOM   488  C  CB    . GLU A 1 64  ? -14.789 -7.113  15.129  1.00 12.16 ? 63  GLU A CB    1 
ATOM   489  C  CG    . GLU A 1 64  ? -15.785 -7.571  16.169  1.00 12.87 ? 63  GLU A CG    1 
ATOM   490  C  CD    . GLU A 1 64  ? -16.637 -8.778  15.704  1.00 15.72 ? 63  GLU A CD    1 
ATOM   491  O  OE1   . GLU A 1 64  ? -16.471 -9.339  14.525  1.00 16.40 ? 63  GLU A OE1   1 
ATOM   492  O  OE2   . GLU A 1 64  ? -17.462 -9.223  16.549  1.00 15.63 ? 63  GLU A OE2   1 
ATOM   493  N  N     . TYR A 1 65  ? -11.918 -7.732  16.309  1.00 11.13 ? 64  TYR A N     1 
ATOM   494  C  CA    . TYR A 1 65  ? -10.914 -8.410  17.160  1.00 10.36 ? 64  TYR A CA    1 
ATOM   495  C  C     . TYR A 1 65  ? -9.512  -8.204  16.606  1.00 11.62 ? 64  TYR A C     1 
ATOM   496  O  O     . TYR A 1 65  ? -9.306  -8.351  15.414  1.00 12.70 ? 64  TYR A O     1 
ATOM   497  C  CB    . TYR A 1 65  ? -11.148 -9.930  17.121  1.00 10.57 ? 64  TYR A CB    1 
ATOM   498  C  CG    . TYR A 1 65  ? -12.524 -10.354 17.649  1.00 11.08 ? 64  TYR A CG    1 
ATOM   499  C  CD1   . TYR A 1 65  ? -12.793 -10.335 19.004  1.00 11.12 ? 64  TYR A CD1   1 
ATOM   500  C  CD2   . TYR A 1 65  ? -13.521 -10.782 16.745  1.00 10.44 ? 64  TYR A CD2   1 
ATOM   501  C  CE1   . TYR A 1 65  ? -14.047 -10.764 19.522  1.00 12.10 ? 64  TYR A CE1   1 
ATOM   502  C  CE2   . TYR A 1 65  ? -14.769 -11.225 17.234  1.00 11.51 ? 64  TYR A CE2   1 
ATOM   503  C  CZ    . TYR A 1 65  ? -15.028 -11.194 18.615  1.00 12.45 ? 64  TYR A CZ    1 
ATOM   504  O  OH    . TYR A 1 65  ? -16.234 -11.665 19.068  1.00 12.34 ? 64  TYR A OH    1 
ATOM   505  N  N     . SER A 1 66  ? -8.545  -7.914  17.451  1.00 13.48 ? 65  SER A N     1 
ATOM   506  C  CA    . SER A 1 66  ? -7.195  -7.776  16.934  1.00 13.41 ? 65  SER A CA    1 
ATOM   507  C  C     . SER A 1 66  ? -6.719  -9.037  16.170  1.00 13.09 ? 65  SER A C     1 
ATOM   508  O  O     . SER A 1 66  ? -5.836  -8.935  15.295  1.00 14.26 ? 65  SER A O     1 
ATOM   509  C  CB    . SER A 1 66  ? -6.198  -7.359  18.050  1.00 14.07 ? 65  SER A CB    1 
ATOM   510  O  OG    . SER A 1 66  ? -6.116  -8.411  18.966  1.00 20.29 ? 65  SER A OG    1 
ATOM   511  N  N     . ALA A 1 67  ? -7.184  -10.250 16.542  1.00 13.46 ? 66  ALA A N     1 
ATOM   512  C  CA    . ALA A 1 67  ? -6.833  -11.462 15.791  1.00 11.59 ? 66  ALA A CA    1 
ATOM   513  C  C     . ALA A 1 67  ? -7.058  -11.301 14.267  1.00 12.80 ? 66  ALA A C     1 
ATOM   514  O  O     . ALA A 1 67  ? -6.385  -11.981 13.456  1.00 11.85 ? 66  ALA A O     1 
ATOM   515  C  CB    . ALA A 1 67  ? -7.642  -12.661 16.297  1.00 13.79 ? 66  ALA A CB    1 
ATOM   516  N  N     . MET A 1 68  ? -8.052  -10.497 13.905  1.00 11.25 ? 67  MET A N     1 
ATOM   517  C  CA    . MET A 1 68  ? -8.377  -10.262 12.480  1.00 10.50 ? 67  MET A CA    1 
ATOM   518  C  C     . MET A 1 68  ? -7.234  -9.515  11.801  1.00 10.32 ? 67  MET A C     1 
ATOM   519  O  O     . MET A 1 68  ? -6.914  -9.795  10.616  1.00 10.62 ? 67  MET A O     1 
ATOM   520  C  CB    . MET A 1 68  ? -9.703  -9.529  12.318  1.00 11.90 ? 67  MET A CB    1 
ATOM   521  C  CG    . MET A 1 68  ? -10.857 -10.472 12.713  1.00 10.11 ? 67  MET A CG    1 
ATOM   522  S  SD    . MET A 1 68  ? -12.340 -9.487  13.109  1.00 15.17 ? 67  MET A SD    1 
ATOM   523  C  CE    . MET A 1 68  ? -12.819 -8.985  11.479  1.00 15.32 ? 67  MET A CE    1 
ATOM   524  N  N     . ARG A 1 69  ? -6.703  -8.516  12.512  1.00 9.74  ? 68  ARG A N     1 
ATOM   525  C  CA    . ARG A 1 69  ? -5.608  -7.695  11.959  1.00 10.73 ? 68  ARG A CA    1 
ATOM   526  C  C     . ARG A 1 69  ? -4.393  -8.616  11.780  1.00 10.48 ? 68  ARG A C     1 
ATOM   527  O  O     . ARG A 1 69  ? -3.735  -8.689  10.698  1.00 10.22 ? 68  ARG A O     1 
ATOM   528  C  CB    . ARG A 1 69  ? -5.323  -6.537  12.937  1.00 10.57 ? 68  ARG A CB    1 
ATOM   529  C  CG    . ARG A 1 69  ? -4.013  -5.759  12.561  1.00 13.19 ? 68  ARG A CG    1 
ATOM   530  C  CD    . ARG A 1 69  ? -3.479  -5.088  13.850  1.00 13.00 ? 68  ARG A CD    1 
ATOM   531  N  NE    . ARG A 1 69  ? -2.928  -6.106  14.760  1.00 13.68 ? 68  ARG A NE    1 
ATOM   532  C  CZ    . ARG A 1 69  ? -2.893  -5.961  16.100  1.00 18.53 ? 68  ARG A CZ    1 
ATOM   533  N  NH1   . ARG A 1 69  ? -3.350  -4.805  16.658  1.00 18.09 ? 68  ARG A NH1   1 
ATOM   534  N  NH2   . ARG A 1 69  ? -2.405  -6.946  16.883  1.00 16.83 ? 68  ARG A NH2   1 
ATOM   535  N  N     . ASP A 1 70  ? -4.094  -9.383  12.830  1.00 10.34 ? 69  ASP A N     1 
ATOM   536  C  CA    . ASP A 1 70  ? -2.935  -10.275 12.755  1.00 11.17 ? 69  ASP A CA    1 
ATOM   537  C  C     . ASP A 1 70  ? -3.119  -11.288 11.651  1.00 11.41 ? 69  ASP A C     1 
ATOM   538  O  O     . ASP A 1 70  ? -2.148  -11.602 10.953  1.00 11.04 ? 69  ASP A O     1 
ATOM   539  C  CB    . ASP A 1 70  ? -2.732  -11.026 14.061  1.00 12.01 ? 69  ASP A CB    1 
ATOM   540  C  CG    . ASP A 1 70  ? -2.320  -10.141 15.191  1.00 13.84 ? 69  ASP A CG    1 
ATOM   541  O  OD1   . ASP A 1 70  ? -2.051  -8.936  15.009  1.00 16.19 ? 69  ASP A OD1   1 
ATOM   542  O  OD2   . ASP A 1 70  ? -2.237  -10.704 16.291  1.00 15.54 ? 69  ASP A OD2   1 
ATOM   543  N  N     . GLN A 1 71  ? -4.361  -11.756 11.417  1.00 10.06 ? 70  GLN A N     1 
ATOM   544  C  CA    . GLN A 1 71  ? -4.610  -12.714 10.369  1.00 10.09 ? 70  GLN A CA    1 
ATOM   545  C  C     . GLN A 1 71  ? -4.325  -12.159 8.951   1.00 9.94  ? 70  GLN A C     1 
ATOM   546  O  O     . GLN A 1 71  ? -3.702  -12.854 8.104   1.00 11.23 ? 70  GLN A O     1 
ATOM   547  C  CB    . GLN A 1 71  ? -6.085  -13.240 10.479  1.00 9.47  ? 70  GLN A CB    1 
ATOM   548  C  CG    . GLN A 1 71  ? -6.466  -14.220 9.332   1.00 11.55 ? 70  GLN A CG    1 
ATOM   549  C  CD    . GLN A 1 71  ? -5.990  -15.652 9.648   1.00 12.17 ? 70  GLN A CD    1 
ATOM   550  O  OE1   . GLN A 1 71  ? -5.506  -15.933 10.759  1.00 12.86 ? 70  GLN A OE1   1 
ATOM   551  N  NE2   . GLN A 1 71  ? -6.088  -16.520 8.679   1.00 16.02 ? 70  GLN A NE2   1 
ATOM   552  N  N     . TYR A 1 72  ? -4.769  -10.927 8.678   1.00 11.48 ? 71  TYR A N     1 
ATOM   553  C  CA    . TYR A 1 72  ? -4.462  -10.375 7.326   1.00 10.95 ? 71  TYR A CA    1 
ATOM   554  C  C     . TYR A 1 72  ? -3.008  -10.006 7.175   1.00 11.16 ? 71  TYR A C     1 
ATOM   555  O  O     . TYR A 1 72  ? -2.515  -10.023 6.095   1.00 10.83 ? 71  TYR A O     1 
ATOM   556  C  CB    . TYR A 1 72  ? -5.407  -9.243  6.985   1.00 10.34 ? 71  TYR A CB    1 
ATOM   557  C  CG    . TYR A 1 72  ? -5.201  -7.845  7.578   1.00 8.08  ? 71  TYR A CG    1 
ATOM   558  C  CD1   . TYR A 1 72  ? -4.047  -7.050  7.263   1.00 10.10 ? 71  TYR A CD1   1 
ATOM   559  C  CD2   . TYR A 1 72  ? -6.242  -7.266  8.297   1.00 8.34  ? 71  TYR A CD2   1 
ATOM   560  C  CE1   . TYR A 1 72  ? -3.946  -5.711  7.746   1.00 13.01 ? 71  TYR A CE1   1 
ATOM   561  C  CE2   . TYR A 1 72  ? -6.151  -5.939  8.794   1.00 9.07  ? 71  TYR A CE2   1 
ATOM   562  C  CZ    . TYR A 1 72  ? -4.999  -5.182  8.493   1.00 13.91 ? 71  TYR A CZ    1 
ATOM   563  O  OH    . TYR A 1 72  ? -4.889  -3.923  8.964   1.00 12.92 ? 71  TYR A OH    1 
ATOM   564  N  N     . MET A 1 73  ? -2.335  -9.666  8.256   1.00 9.09  ? 72  MET A N     1 
ATOM   565  C  CA    . MET A 1 73  ? -0.876  -9.384  8.138   1.00 10.11 ? 72  MET A CA    1 
ATOM   566  C  C     . MET A 1 73  ? -0.103  -10.642 7.851   1.00 10.81 ? 72  MET A C     1 
ATOM   567  O  O     . MET A 1 73  ? 0.843   -10.635 7.079   1.00 11.81 ? 72  MET A O     1 
ATOM   568  C  CB    . MET A 1 73  ? -0.420  -8.697  9.406   1.00 10.35 ? 72  MET A CB    1 
ATOM   569  C  CG    . MET A 1 73  ? -0.935  -7.205  9.324   1.00 9.55  ? 72  MET A CG    1 
ATOM   570  S  SD    . MET A 1 73  ? -0.312  -6.296  10.796  1.00 13.98 ? 72  MET A SD    1 
ATOM   571  C  CE    . MET A 1 73  ? -0.922  -4.642  10.417  1.00 13.37 ? 72  MET A CE    1 
ATOM   572  N  N     . ARG A 1 74  ? -0.516  -11.773 8.443   1.00 10.22 ? 73  ARG A N     1 
ATOM   573  C  CA    . ARG A 1 74  ? 0.209   -13.026 8.176   1.00 10.85 ? 73  ARG A CA    1 
ATOM   574  C  C     . ARG A 1 74  ? -0.119  -13.519 6.789   1.00 12.51 ? 73  ARG A C     1 
ATOM   575  O  O     . ARG A 1 74  ? 0.745   -14.052 6.099   1.00 13.60 ? 73  ARG A O     1 
ATOM   576  C  CB    . ARG A 1 74  ? -0.150  -14.139 9.177   1.00 12.29 ? 73  ARG A CB    1 
ATOM   577  C  CG    . ARG A 1 74  ? 0.384   -13.917 10.603  1.00 16.42 ? 73  ARG A CG    1 
ATOM   578  C  CD    . ARG A 1 74  ? 0.431   -15.254 11.451  1.00 17.78 ? 73  ARG A CD    1 
ATOM   579  N  NE    . ARG A 1 74  ? 0.776   -14.787 12.802  1.00 20.75 ? 73  ARG A NE    1 
ATOM   580  C  CZ    . ARG A 1 74  ? -0.159  -14.467 13.710  1.00 26.82 ? 73  ARG A CZ    1 
ATOM   581  N  NH1   . ARG A 1 74  ? -1.429  -14.670 13.444  1.00 26.75 ? 73  ARG A NH1   1 
ATOM   582  N  NH2   . ARG A 1 74  ? 0.172   -13.998 14.890  1.00 30.94 ? 73  ARG A NH2   1 
ATOM   583  N  N     . THR A 1 75  ? -1.351  -13.299 6.350   1.00 11.62 ? 74  THR A N     1 
ATOM   584  C  CA    . THR A 1 75  ? -1.781  -13.806 5.031   1.00 12.42 ? 74  THR A CA    1 
ATOM   585  C  C     . THR A 1 75  ? -1.203  -12.919 3.896   1.00 12.24 ? 74  THR A C     1 
ATOM   586  O  O     . THR A 1 75  ? -0.827  -13.443 2.829   1.00 11.45 ? 74  THR A O     1 
ATOM   587  C  CB    . THR A 1 75  ? -3.322  -13.845 4.984   1.00 13.21 ? 74  THR A CB    1 
ATOM   588  O  OG1   . THR A 1 75  ? -3.755  -14.840 5.940   1.00 16.27 ? 74  THR A OG1   1 
ATOM   589  C  CG2   . THR A 1 75  ? -3.868  -14.205 3.573   1.00 15.85 ? 74  THR A CG2   1 
ATOM   590  N  N     . GLY A 1 76  ? -1.119  -11.613 4.179   1.00 11.66 ? 75  GLY A N     1 
ATOM   591  C  CA    . GLY A 1 76  ? -0.613  -10.670 3.161   1.00 11.88 ? 75  GLY A CA    1 
ATOM   592  C  C     . GLY A 1 76  ? 0.817   -10.933 2.765   1.00 11.03 ? 75  GLY A C     1 
ATOM   593  O  O     . GLY A 1 76  ? 1.678   -11.153 3.618   1.00 10.78 ? 75  GLY A O     1 
ATOM   594  N  N     . GLU A 1 77  ? 1.120   -10.839 1.462   1.00 9.85  ? 76  GLU A N     1 
ATOM   595  C  CA    . GLU A 1 77  ? 2.488   -11.103 1.027   1.00 9.54  ? 76  GLU A CA    1 
ATOM   596  C  C     . GLU A 1 77  ? 3.293   -9.811  0.905   1.00 9.86  ? 76  GLU A C     1 
ATOM   597  O  O     . GLU A 1 77  ? 4.532   -9.838  0.996   1.00 12.77 ? 76  GLU A O     1 
ATOM   598  C  CB    . GLU A 1 77  ? 2.485   -11.820 -0.337  1.00 11.71 ? 76  GLU A CB    1 
ATOM   599  C  CG    . GLU A 1 77  ? 1.899   -13.237 -0.313  1.00 10.47 ? 76  GLU A CG    1 
ATOM   600  C  CD    . GLU A 1 77  ? 1.801   -13.777 -1.704  1.00 21.23 ? 76  GLU A CD    1 
ATOM   601  O  OE1   . GLU A 1 77  ? 0.716   -13.612 -2.283  1.00 18.66 ? 76  GLU A OE1   1 
ATOM   602  O  OE2   . GLU A 1 77  ? 2.788   -14.394 -2.202  1.00 22.38 ? 76  GLU A OE2   1 
ATOM   603  N  N     . GLY A 1 78  ? 2.607   -8.698  0.698   1.00 9.44  ? 77  GLY A N     1 
ATOM   604  C  CA    . GLY A 1 78  ? 3.294   -7.402  0.480   1.00 10.86 ? 77  GLY A CA    1 
ATOM   605  C  C     . GLY A 1 78  ? 2.367   -6.264  0.898   1.00 9.49  ? 77  GLY A C     1 
ATOM   606  O  O     . GLY A 1 78  ? 1.142   -6.440  0.845   1.00 9.34  ? 77  GLY A O     1 
ATOM   607  N  N     . PHE A 1 79  ? 2.947   -5.142  1.324   1.00 9.33  ? 78  PHE A N     1 
ATOM   608  C  CA    . PHE A 1 79  ? 2.146   -4.104  1.958   1.00 9.34  ? 78  PHE A CA    1 
ATOM   609  C  C     . PHE A 1 79  ? 2.518   -2.800  1.333   1.00 9.79  ? 78  PHE A C     1 
ATOM   610  O  O     . PHE A 1 79  ? 3.712   -2.446  1.276   1.00 11.52 ? 78  PHE A O     1 
ATOM   611  C  CB    . PHE A 1 79  ? 2.426   -4.063  3.496   1.00 9.84  ? 78  PHE A CB    1 
ATOM   612  C  CG    . PHE A 1 79  ? 2.070   -5.356  4.181   1.00 7.33  ? 78  PHE A CG    1 
ATOM   613  C  CD1   . PHE A 1 79  ? 2.850   -6.501  4.023   1.00 6.39  ? 78  PHE A CD1   1 
ATOM   614  C  CD2   . PHE A 1 79  ? 0.869   -5.442  4.848   1.00 10.71 ? 78  PHE A CD2   1 
ATOM   615  C  CE1   . PHE A 1 79  ? 2.415   -7.765  4.551   1.00 7.88  ? 78  PHE A CE1   1 
ATOM   616  C  CE2   . PHE A 1 79  ? 0.468   -6.667  5.427   1.00 10.69 ? 78  PHE A CE2   1 
ATOM   617  C  CZ    . PHE A 1 79  ? 1.254   -7.827  5.267   1.00 11.91 ? 78  PHE A CZ    1 
ATOM   618  N  N     . LEU A 1 80  ? 1.499   -2.071  0.895   1.00 8.87  ? 79  LEU A N     1 
ATOM   619  C  CA    . LEU A 1 80  ? 1.682   -0.667  0.506   1.00 10.13 ? 79  LEU A CA    1 
ATOM   620  C  C     . LEU A 1 80  ? 1.455   0.174   1.731   1.00 10.15 ? 79  LEU A C     1 
ATOM   621  O  O     . LEU A 1 80  ? 0.406   0.112   2.300   1.00 11.25 ? 79  LEU A O     1 
ATOM   622  C  CB    . LEU A 1 80  ? 0.628   -0.246  -0.532  1.00 11.99 ? 79  LEU A CB    1 
ATOM   623  C  CG    . LEU A 1 80  ? 0.797   -0.540  -1.993  1.00 17.67 ? 79  LEU A CG    1 
ATOM   624  C  CD1   . LEU A 1 80  ? -0.256  0.405   -2.684  1.00 17.55 ? 79  LEU A CD1   1 
ATOM   625  C  CD2   . LEU A 1 80  ? 2.179   -0.375  -2.574  1.00 15.04 ? 79  LEU A CD2   1 
ATOM   626  N  N     . CYS A 1 81  ? 2.494   0.913   2.149   1.00 9.40  ? 80  CYS A N     1 
ATOM   627  C  CA    . CYS A 1 81  ? 2.396   1.749   3.346   1.00 9.77  ? 80  CYS A CA    1 
ATOM   628  C  C     . CYS A 1 81  ? 2.145   3.165   2.869   1.00 9.49  ? 80  CYS A C     1 
ATOM   629  O  O     . CYS A 1 81  ? 3.064   3.825   2.393   1.00 7.74  ? 80  CYS A O     1 
ATOM   630  C  CB    . CYS A 1 81  ? 3.742   1.654   4.039   1.00 10.35 ? 80  CYS A CB    1 
ATOM   631  S  SG    . CYS A 1 81  ? 4.015   -0.027  4.767   1.00 13.96 ? 80  CYS A SG    1 
ATOM   632  N  N     . VAL A 1 82  ? 0.914   3.670   3.013   1.00 10.59 ? 81  VAL A N     1 
ATOM   633  C  CA    . VAL A 1 82  ? 0.552   4.903   2.383   1.00 9.62  ? 81  VAL A CA    1 
ATOM   634  C  C     . VAL A 1 82  ? 0.500   5.991   3.416   1.00 9.75  ? 81  VAL A C     1 
ATOM   635  O  O     . VAL A 1 82  ? -0.135  5.845   4.474   1.00 9.54  ? 81  VAL A O     1 
ATOM   636  C  CB    . VAL A 1 82  ? -0.851  4.743   1.653   1.00 10.28 ? 81  VAL A CB    1 
ATOM   637  C  CG1   . VAL A 1 82  ? -1.212  5.987   0.929   1.00 10.72 ? 81  VAL A CG1   1 
ATOM   638  C  CG2   . VAL A 1 82  ? -0.813  3.492   0.704   1.00 10.00 ? 81  VAL A CG2   1 
ATOM   639  N  N     . PHE A 1 83  ? 1.165   7.096   3.102   1.00 8.55  ? 82  PHE A N     1 
ATOM   640  C  CA    . PHE A 1 83  ? 0.829   8.409   3.764   1.00 9.87  ? 82  PHE A CA    1 
ATOM   641  C  C     . PHE A 1 83  ? 0.325   9.428   2.735   1.00 10.21 ? 82  PHE A C     1 
ATOM   642  O  O     . PHE A 1 83  ? 0.390   9.188   1.517   1.00 10.27 ? 82  PHE A O     1 
ATOM   643  C  CB    . PHE A 1 83  ? 2.044   8.892   4.517   1.00 8.55  ? 82  PHE A CB    1 
ATOM   644  C  CG    . PHE A 1 83  ? 3.182   9.321   3.615   1.00 8.55  ? 82  PHE A CG    1 
ATOM   645  C  CD1   . PHE A 1 83  ? 4.090   8.360   3.087   1.00 8.51  ? 82  PHE A CD1   1 
ATOM   646  C  CD2   . PHE A 1 83  ? 3.357   10.718  3.253   1.00 9.63  ? 82  PHE A CD2   1 
ATOM   647  C  CE1   . PHE A 1 83  ? 5.115   8.757   2.237   1.00 9.55  ? 82  PHE A CE1   1 
ATOM   648  C  CE2   . PHE A 1 83  ? 4.389   11.092  2.433   1.00 11.48 ? 82  PHE A CE2   1 
ATOM   649  C  CZ    . PHE A 1 83  ? 5.279   10.085  1.911   1.00 12.16 ? 82  PHE A CZ    1 
ATOM   650  N  N     . ALA A 1 84  ? -0.227  10.559  3.202   1.00 9.08  ? 83  ALA A N     1 
ATOM   651  C  CA    . ALA A 1 84  ? -0.586  11.658  2.267   1.00 8.97  ? 83  ALA A CA    1 
ATOM   652  C  C     . ALA A 1 84  ? 0.422   12.797  2.466   1.00 9.75  ? 83  ALA A C     1 
ATOM   653  O  O     . ALA A 1 84  ? 0.857   13.121  3.627   1.00 9.90  ? 83  ALA A O     1 
ATOM   654  C  CB    . ALA A 1 84  ? -2.024  12.099  2.543   1.00 9.22  ? 83  ALA A CB    1 
ATOM   655  N  N     . ILE A 1 85  ? 0.852   13.371  1.334   1.00 9.48  ? 84  ILE A N     1 
ATOM   656  C  CA    . ILE A 1 85  ? 1.932   14.347  1.340   1.00 11.32 ? 84  ILE A CA    1 
ATOM   657  C  C     . ILE A 1 85  ? 1.594   15.625  2.098   1.00 13.30 ? 84  ILE A C     1 
ATOM   658  O  O     . ILE A 1 85  ? 2.496   16.336  2.470   1.00 12.46 ? 84  ILE A O     1 
ATOM   659  C  CB    . ILE A 1 85  ? 2.432   14.719  -0.055  1.00 11.70 ? 84  ILE A CB    1 
ATOM   660  C  CG1   . ILE A 1 85  ? 1.293   15.410  -0.790  1.00 15.12 ? 84  ILE A CG1   1 
ATOM   661  C  CG2   . ILE A 1 85  ? 3.032   13.463  -0.756  1.00 14.86 ? 84  ILE A CG2   1 
ATOM   662  C  CD1   . ILE A 1 85  ? 1.786   16.311  -1.902  1.00 18.67 ? 84  ILE A CD1   1 
ATOM   663  N  N     . ASN A 1 86  ? 0.315   15.796  2.444   1.00 12.64 ? 85  ASN A N     1 
ATOM   664  C  CA    . ASN A 1 86  ? -0.093  16.985  3.191   1.00 13.33 ? 85  ASN A CA    1 
ATOM   665  C  C     . ASN A 1 86  ? -0.521  16.651  4.611   1.00 14.44 ? 85  ASN A C     1 
ATOM   666  O  O     . ASN A 1 86  ? -1.192  17.486  5.285   1.00 14.64 ? 85  ASN A O     1 
ATOM   667  C  CB    . ASN A 1 86  ? -1.226  17.685  2.476   1.00 14.64 ? 85  ASN A CB    1 
ATOM   668  C  CG    . ASN A 1 86  ? -2.460  16.809  2.294   1.00 12.27 ? 85  ASN A CG    1 
ATOM   669  O  OD1   . ASN A 1 86  ? -2.482  15.603  2.536   1.00 18.35 ? 85  ASN A OD1   1 
ATOM   670  N  ND2   . ASN A 1 86  ? -3.538  17.446  1.817   1.00 24.22 ? 85  ASN A ND2   1 
ATOM   671  N  N     . ASN A 1 87  ? -0.132  15.457  5.080   1.00 13.15 ? 86  ASN A N     1 
ATOM   672  C  CA    . ASN A 1 87  ? -0.531  15.036  6.424   1.00 12.83 ? 86  ASN A CA    1 
ATOM   673  C  C     . ASN A 1 87  ? 0.663   14.430  7.118   1.00 12.53 ? 86  ASN A C     1 
ATOM   674  O  O     . ASN A 1 87  ? 0.973   13.240  6.969   1.00 10.64 ? 86  ASN A O     1 
ATOM   675  C  CB    . ASN A 1 87  ? -1.720  14.023  6.286   1.00 14.49 ? 86  ASN A CB    1 
ATOM   676  C  CG    . ASN A 1 87  ? -2.173  13.423  7.621   1.00 16.00 ? 86  ASN A CG    1 
ATOM   677  O  OD1   . ASN A 1 87  ? -1.711  13.789  8.697   1.00 14.68 ? 86  ASN A OD1   1 
ATOM   678  N  ND2   . ASN A 1 87  ? -3.182  12.561  7.532   1.00 20.57 ? 86  ASN A ND2   1 
ATOM   679  N  N     . THR A 1 88  ? 1.390   15.280  7.858   1.00 11.74 ? 87  THR A N     1 
ATOM   680  C  CA    . THR A 1 88  ? 2.580   14.830  8.557   1.00 11.19 ? 87  THR A CA    1 
ATOM   681  C  C     . THR A 1 88  ? 2.327   13.686  9.534   1.00 9.64  ? 87  THR A C     1 
ATOM   682  O  O     . THR A 1 88  ? 3.105   12.756  9.588   1.00 10.79 ? 87  THR A O     1 
ATOM   683  C  CB    . THR A 1 88  ? 3.219   16.024  9.321   1.00 13.43 ? 87  THR A CB    1 
ATOM   684  O  OG1   . THR A 1 88  ? 3.575   17.041  8.388   1.00 15.64 ? 87  THR A OG1   1 
ATOM   685  C  CG2   . THR A 1 88  ? 4.413   15.615  10.148  1.00 17.34 ? 87  THR A CG2   1 
ATOM   686  N  N     . LYS A 1 89  ? 1.248   13.738  10.287  1.00 8.43  ? 88  LYS A N     1 
ATOM   687  C  CA    . LYS A 1 89  ? 0.908   12.615  11.162  1.00 11.33 ? 88  LYS A CA    1 
ATOM   688  C  C     . LYS A 1 89  ? 0.826   11.264  10.412  1.00 9.88  ? 88  LYS A C     1 
ATOM   689  O  O     . LYS A 1 89  ? 1.315   10.257  10.951  1.00 8.36  ? 88  LYS A O     1 
ATOM   690  C  CB    . LYS A 1 89  ? -0.360  12.920  12.018  1.00 12.21 ? 88  LYS A CB    1 
ATOM   691  C  CG    . LYS A 1 89  ? -0.881  11.799  12.897  1.00 17.56 ? 88  LYS A CG    1 
ATOM   692  C  CD    . LYS A 1 89  ? 0.060   11.452  14.001  1.00 21.95 ? 88  LYS A CD    1 
ATOM   693  C  CE    . LYS A 1 89  ? -0.642  10.604  15.126  1.00 25.12 ? 88  LYS A CE    1 
ATOM   694  N  NZ    . LYS A 1 89  ? -1.501  9.425   14.680  1.00 22.95 ? 88  LYS A NZ    1 
ATOM   695  N  N     . SER A 1 90  ? 0.187   11.233  9.236   1.00 8.38  ? 89  SER A N     1 
ATOM   696  C  CA    . SER A 1 90  ? 0.089   9.965   8.465   1.00 9.19  ? 89  SER A CA    1 
ATOM   697  C  C     . SER A 1 90  ? 1.512   9.488   8.098   1.00 10.20 ? 89  SER A C     1 
ATOM   698  O  O     . SER A 1 90  ? 1.766   8.295   8.056   1.00 9.02  ? 89  SER A O     1 
ATOM   699  C  CB    . SER A 1 90  ? -0.757  10.099  7.149   1.00 9.89  ? 89  SER A CB    1 
ATOM   700  O  OG    . SER A 1 90  ? -0.072  10.905  6.173   1.00 10.23 ? 89  SER A OG    1 
ATOM   701  N  N     . PHE A 1 91  ? 2.444   10.403  7.845   1.00 9.69  ? 90  PHE A N     1 
ATOM   702  C  CA    . PHE A 1 91  ? 3.811   10.017  7.594   1.00 10.33 ? 90  PHE A CA    1 
ATOM   703  C  C     . PHE A 1 91  ? 4.477   9.457   8.845   1.00 11.43 ? 90  PHE A C     1 
ATOM   704  O  O     . PHE A 1 91  ? 5.153   8.430   8.765   1.00 12.11 ? 90  PHE A O     1 
ATOM   705  C  CB    . PHE A 1 91  ? 4.578   11.229  7.084   1.00 10.15 ? 90  PHE A CB    1 
ATOM   706  C  CG    . PHE A 1 91  ? 5.995   10.946  6.699   1.00 12.60 ? 90  PHE A CG    1 
ATOM   707  C  CD1   . PHE A 1 91  ? 6.300   10.124  5.592   1.00 10.10 ? 90  PHE A CD1   1 
ATOM   708  C  CD2   . PHE A 1 91  ? 7.026   11.441  7.487   1.00 15.18 ? 90  PHE A CD2   1 
ATOM   709  C  CE1   . PHE A 1 91  ? 7.617   9.917   5.232   1.00 11.13 ? 90  PHE A CE1   1 
ATOM   710  C  CE2   . PHE A 1 91  ? 8.419   11.202  7.119   1.00 12.90 ? 90  PHE A CE2   1 
ATOM   711  C  CZ    . PHE A 1 91  ? 8.680   10.438  6.031   1.00 12.95 ? 90  PHE A CZ    1 
ATOM   712  N  N     . GLU A 1 92  ? 4.260   10.091  10.008  1.00 10.71 ? 91  GLU A N     1 
ATOM   713  C  CA    . GLU A 1 92  ? 4.847   9.592   11.233  1.00 12.47 ? 91  GLU A CA    1 
ATOM   714  C  C     . GLU A 1 92  ? 4.300   8.209   11.610  1.00 11.71 ? 91  GLU A C     1 
ATOM   715  O  O     . GLU A 1 92  ? 5.033   7.372   12.169  1.00 12.36 ? 91  GLU A O     1 
ATOM   716  C  CB    . GLU A 1 92  ? 4.547   10.594  12.358  1.00 12.71 ? 91  GLU A CB    1 
ATOM   717  C  CG    . GLU A 1 92  ? 5.478   11.855  12.223  1.00 16.43 ? 91  GLU A CG    1 
ATOM   718  C  CD    . GLU A 1 92  ? 5.028   13.009  13.169  1.00 28.26 ? 91  GLU A CD    1 
ATOM   719  O  OE1   . GLU A 1 92  ? 3.851   12.991  13.671  1.00 27.91 ? 91  GLU A OE1   1 
ATOM   720  O  OE2   . GLU A 1 92  ? 5.848   13.958  13.384  1.00 32.04 ? 91  GLU A OE2   1 
ATOM   721  N  N     . ASP A 1 93  ? 3.051   7.959   11.188  1.00 11.04 ? 92  ASP A N     1 
ATOM   722  C  CA    . ASP A 1 93  ? 2.368   6.689   11.468  1.00 11.71 ? 92  ASP A CA    1 
ATOM   723  C  C     . ASP A 1 93  ? 3.040   5.504   10.727  1.00 11.51 ? 92  ASP A C     1 
ATOM   724  O  O     . ASP A 1 93  ? 2.849   4.360   11.129  1.00 11.82 ? 92  ASP A O     1 
ATOM   725  C  CB    . ASP A 1 93  ? 0.876   6.720   11.088  1.00 10.46 ? 92  ASP A CB    1 
ATOM   726  C  CG    . ASP A 1 93  ? 0.021   7.572   11.986  1.00 14.60 ? 92  ASP A CG    1 
ATOM   727  O  OD1   . ASP A 1 93  ? 0.451   7.968   13.113  1.00 13.98 ? 92  ASP A OD1   1 
ATOM   728  O  OD2   . ASP A 1 93  ? -1.159  7.768   11.595  1.00 16.52 ? 92  ASP A OD2   1 
ATOM   729  N  N     . ILE A 1 94  ? 3.764   5.798   9.637   1.00 11.18 ? 93  ILE A N     1 
ATOM   730  C  CA    . ILE A 1 94  ? 4.413   4.779   8.860   1.00 9.99  ? 93  ILE A CA    1 
ATOM   731  C  C     . ILE A 1 94  ? 5.331   3.935   9.771   1.00 12.22 ? 93  ILE A C     1 
ATOM   732  O  O     . ILE A 1 94  ? 5.396   2.718   9.606   1.00 12.11 ? 93  ILE A O     1 
ATOM   733  C  CB    . ILE A 1 94  ? 5.195   5.388   7.687   1.00 9.13  ? 93  ILE A CB    1 
ATOM   734  C  CG1   . ILE A 1 94  ? 4.202   6.095   6.760   1.00 9.81  ? 93  ILE A CG1   1 
ATOM   735  C  CG2   . ILE A 1 94  ? 6.100   4.340   6.940   1.00 12.90 ? 93  ILE A CG2   1 
ATOM   736  C  CD1   . ILE A 1 94  ? 3.303   5.112   5.935   1.00 9.68  ? 93  ILE A CD1   1 
ATOM   737  N  N     . HIS A 1 95  ? 6.015   4.585   10.710  1.00 13.48 ? 94  HIS A N     1 
ATOM   738  C  CA    . HIS A 1 95  ? 6.919   3.880   11.647  1.00 13.94 ? 94  HIS A CA    1 
ATOM   739  C  C     . HIS A 1 95  ? 6.161   2.725   12.325  1.00 15.50 ? 94  HIS A C     1 
ATOM   740  O  O     . HIS A 1 95  ? 6.659   1.552   12.418  1.00 16.04 ? 94  HIS A O     1 
ATOM   741  C  CB    . HIS A 1 95  ? 7.486   4.850   12.683  1.00 14.15 ? 94  HIS A CB    1 
ATOM   742  C  CG    . HIS A 1 95  ? 8.329   5.955   12.096  1.00 15.60 ? 94  HIS A CG    1 
ATOM   743  N  ND1   . HIS A 1 95  ? 9.551   5.721   11.489  1.00 15.26 ? 94  HIS A ND1   1 
ATOM   744  C  CD2   . HIS A 1 95  ? 8.096   7.282   11.988  1.00 17.20 ? 94  HIS A CD2   1 
ATOM   745  C  CE1   . HIS A 1 95  ? 10.058  6.868   11.073  1.00 21.85 ? 94  HIS A CE1   1 
ATOM   746  N  NE2   . HIS A 1 95  ? 9.177   7.826   11.324  1.00 23.33 ? 94  HIS A NE2   1 
ATOM   747  N  N     . HIS A 1 96  ? 4.934   3.019   12.749  1.00 14.21 ? 95  HIS A N     1 
ATOM   748  C  CA    . HIS A 1 96  ? 4.198   2.025   13.500  1.00 16.97 ? 95  HIS A CA    1 
ATOM   749  C  C     . HIS A 1 96  ? 3.690   0.912   12.562  1.00 15.93 ? 95  HIS A C     1 
ATOM   750  O  O     . HIS A 1 96  ? 3.689   -0.256  12.942  1.00 14.51 ? 95  HIS A O     1 
ATOM   751  C  CB    . HIS A 1 96  ? 3.058   2.677   14.296  1.00 18.24 ? 95  HIS A CB    1 
ATOM   752  C  CG    . HIS A 1 96  ? 1.909   1.753   14.624  1.00 25.82 ? 95  HIS A CG    1 
ATOM   753  N  ND1   . HIS A 1 96  ? 1.991   0.794   15.612  1.00 29.64 ? 95  HIS A ND1   1 
ATOM   754  C  CD2   . HIS A 1 96  ? 0.652   1.667   14.118  1.00 29.04 ? 95  HIS A CD2   1 
ATOM   755  C  CE1   . HIS A 1 96  ? 0.847   0.137   15.679  1.00 29.43 ? 95  HIS A CE1   1 
ATOM   756  N  NE2   . HIS A 1 96  ? 0.023   0.639   14.774  1.00 31.79 ? 95  HIS A NE2   1 
ATOM   757  N  N     . TYR A 1 97  ? 3.258   1.275   11.343  1.00 14.64 ? 96  TYR A N     1 
ATOM   758  C  CA    . TYR A 1 97  ? 2.861   0.212   10.395  1.00 15.15 ? 96  TYR A CA    1 
ATOM   759  C  C     . TYR A 1 97  ? 4.048   -0.688  10.053  1.00 15.08 ? 96  TYR A C     1 
ATOM   760  O  O     . TYR A 1 97  ? 3.902   -1.918  10.076  1.00 17.01 ? 96  TYR A O     1 
ATOM   761  C  CB    . TYR A 1 97  ? 2.207   0.777   9.121   1.00 14.01 ? 96  TYR A CB    1 
ATOM   762  C  CG    . TYR A 1 97  ? 0.871   1.437   9.382   1.00 14.51 ? 96  TYR A CG    1 
ATOM   763  C  CD1   . TYR A 1 97  ? -0.237  0.699   9.713   1.00 15.70 ? 96  TYR A CD1   1 
ATOM   764  C  CD2   . TYR A 1 97  ? 0.731   2.842   9.281   1.00 15.56 ? 96  TYR A CD2   1 
ATOM   765  C  CE1   . TYR A 1 97  ? -1.469  1.303   9.944   1.00 15.96 ? 96  TYR A CE1   1 
ATOM   766  C  CE2   . TYR A 1 97  ? -0.503  3.474   9.533   1.00 14.94 ? 96  TYR A CE2   1 
ATOM   767  C  CZ    . TYR A 1 97  ? -1.610  2.681   9.865   1.00 18.02 ? 96  TYR A CZ    1 
ATOM   768  O  OH    . TYR A 1 97  ? -2.833  3.268   10.154  1.00 16.47 ? 96  TYR A OH    1 
ATOM   769  N  N     . ARG A 1 98  ? 5.192   -0.117  9.713   1.00 15.41 ? 97  ARG A N     1 
ATOM   770  C  CA    . ARG A 1 98  ? 6.407   -0.939  9.392   1.00 14.71 ? 97  ARG A CA    1 
ATOM   771  C  C     . ARG A 1 98  ? 6.708   -1.907  10.538  1.00 16.22 ? 97  ARG A C     1 
ATOM   772  O  O     . ARG A 1 98  ? 6.892   -3.127  10.301  1.00 14.96 ? 97  ARG A O     1 
ATOM   773  C  CB    . ARG A 1 98  ? 7.596   -0.021  9.154   1.00 16.72 ? 97  ARG A CB    1 
ATOM   774  C  CG    . ARG A 1 98  ? 9.004   -0.679  9.065   1.00 20.48 ? 97  ARG A CG    1 
ATOM   775  C  CD    . ARG A 1 98  ? 9.228   -0.968  7.662   1.00 23.13 ? 97  ARG A CD    1 
ATOM   776  N  NE    . ARG A 1 98  ? 10.567  -1.510  7.499   1.00 20.26 ? 97  ARG A NE    1 
ATOM   777  C  CZ    . ARG A 1 98  ? 10.905  -2.260  6.451   1.00 23.08 ? 97  ARG A CZ    1 
ATOM   778  N  NH1   . ARG A 1 98  ? 9.992   -2.494  5.506   1.00 21.64 ? 97  ARG A NH1   1 
ATOM   779  N  NH2   . ARG A 1 98  ? 12.146  -2.751  6.327   1.00 26.61 ? 97  ARG A NH2   1 
ATOM   780  N  N     . GLU A 1 99  ? 6.707   -1.401  11.771  1.00 14.92 ? 98  GLU A N     1 
ATOM   781  C  CA    . GLU A 1 99  ? 6.970   -2.202  12.987  1.00 15.25 ? 98  GLU A CA    1 
ATOM   782  C  C     . GLU A 1 99  ? 5.963   -3.317  13.148  1.00 15.22 ? 98  GLU A C     1 
ATOM   783  O  O     . GLU A 1 99  ? 6.315   -4.502  13.340  1.00 13.99 ? 98  GLU A O     1 
ATOM   784  C  CB    . GLU A 1 99  ? 6.860   -1.316  14.258  1.00 15.32 ? 98  GLU A CB    1 
ATOM   785  C  CG    . GLU A 1 99  ? 7.527   -1.987  15.421  1.00 19.27 ? 98  GLU A CG    1 
ATOM   786  C  CD    . GLU A 1 99  ? 8.093   -0.974  16.395  1.00 27.76 ? 98  GLU A CD    1 
ATOM   787  O  OE1   . GLU A 1 99  ? 7.150   -0.437  17.038  1.00 24.29 ? 98  GLU A OE1   1 
ATOM   788  O  OE2   . GLU A 1 99  ? 9.409   -0.772  16.515  1.00 22.94 ? 98  GLU A OE2   1 
ATOM   789  N  N     . GLN A 1 100 ? 4.706   -2.930  13.123  1.00 13.42 ? 99  GLN A N     1 
ATOM   790  C  CA    . GLN A 1 100 ? 3.632   -3.874  13.405  1.00 13.55 ? 99  GLN A CA    1 
ATOM   791  C  C     . GLN A 1 100 ? 3.550   -5.071  12.423  1.00 12.25 ? 99  GLN A C     1 
ATOM   792  O  O     . GLN A 1 100 ? 3.314   -6.250  12.806  1.00 10.87 ? 99  GLN A O     1 
ATOM   793  C  CB    . GLN A 1 100 ? 2.295   -3.132  13.447  1.00 15.49 ? 99  GLN A CB    1 
ATOM   794  C  CG    . GLN A 1 100 ? 1.149   -4.002  13.914  1.00 16.13 ? 99  GLN A CG    1 
ATOM   795  C  CD    . GLN A 1 100 ? -0.130  -3.228  14.123  1.00 17.43 ? 99  GLN A CD    1 
ATOM   796  O  OE1   . GLN A 1 100 ? -0.722  -2.674  13.170  1.00 16.35 ? 99  GLN A OE1   1 
ATOM   797  N  NE2   . GLN A 1 100 ? -0.610  -3.196  15.389  1.00 19.88 ? 99  GLN A NE2   1 
ATOM   798  N  N     . ILE A 1 101 ? 3.699   -4.763  11.141  1.00 12.33 ? 100 ILE A N     1 
ATOM   799  C  CA    . ILE A 1 101 ? 3.672   -5.820  10.143  1.00 10.27 ? 100 ILE A CA    1 
ATOM   800  C  C     . ILE A 1 101 ? 4.853   -6.767  10.370  1.00 10.89 ? 100 ILE A C     1 
ATOM   801  O  O     . ILE A 1 101 ? 4.654   -7.992  10.336  1.00 11.60 ? 100 ILE A O     1 
ATOM   802  C  CB    . ILE A 1 101 ? 3.687   -5.218  8.718   1.00 10.72 ? 100 ILE A CB    1 
ATOM   803  C  CG1   . ILE A 1 101 ? 2.364   -4.448  8.490   1.00 10.04 ? 100 ILE A CG1   1 
ATOM   804  C  CG2   . ILE A 1 101 ? 3.904   -6.315  7.697   1.00 11.73 ? 100 ILE A CG2   1 
ATOM   805  C  CD1   . ILE A 1 101 ? 2.447   -3.479  7.288   1.00 11.70 ? 100 ILE A CD1   1 
ATOM   806  N  N     . LYS A 1 102 ? 6.069   -6.238  10.533  1.00 10.79 ? 101 LYS A N     1 
ATOM   807  C  CA    . LYS A 1 102 ? 7.221   -7.140  10.749  1.00 11.39 ? 101 LYS A CA    1 
ATOM   808  C  C     . LYS A 1 102 ? 7.018   -7.978  12.013  1.00 11.32 ? 101 LYS A C     1 
ATOM   809  O  O     . LYS A 1 102 ? 7.410   -9.148  12.089  1.00 11.99 ? 101 LYS A O     1 
ATOM   810  C  CB    . LYS A 1 102 ? 8.532   -6.341  10.864  1.00 11.03 ? 101 LYS A CB    1 
ATOM   811  C  CG    . LYS A 1 102 ? 9.071   -5.772  9.532   1.00 11.86 ? 101 LYS A CG    1 
ATOM   812  C  CD    . LYS A 1 102 ? 10.188  -4.721  9.915   1.00 11.31 ? 101 LYS A CD    1 
ATOM   813  C  CE    . LYS A 1 102 ? 11.450  -5.431  10.332  1.00 17.18 ? 101 LYS A CE    1 
ATOM   814  N  NZ    . LYS A 1 102 ? 12.596  -4.468  10.572  1.00 14.27 ? 101 LYS A NZ    1 
ATOM   815  N  N     . ARG A 1 103 ? 6.389   -7.376  13.012  1.00 11.94 ? 102 ARG A N     1 
ATOM   816  C  CA    . ARG A 1 103 ? 6.242   -8.028  14.321  1.00 12.05 ? 102 ARG A CA    1 
ATOM   817  C  C     . ARG A 1 103 ? 5.241   -9.194  14.192  1.00 12.85 ? 102 ARG A C     1 
ATOM   818  O  O     . ARG A 1 103 ? 5.496   -10.286 14.693  1.00 13.41 ? 102 ARG A O     1 
ATOM   819  C  CB    . ARG A 1 103 ? 5.734   -6.993  15.346  1.00 12.82 ? 102 ARG A CB    1 
ATOM   820  C  CG    . ARG A 1 103 ? 5.630   -7.437  16.732  1.00 13.06 ? 102 ARG A CG    1 
ATOM   821  C  CD    . ARG A 1 103 ? 5.552   -6.245  17.662  1.00 13.59 ? 102 ARG A CD    1 
ATOM   822  N  NE    . ARG A 1 103 ? 6.833   -5.531  17.774  1.00 15.66 ? 102 ARG A NE    1 
ATOM   823  C  CZ    . ARG A 1 103 ? 7.002   -4.364  18.378  1.00 15.68 ? 102 ARG A CZ    1 
ATOM   824  N  NH1   . ARG A 1 103 ? 5.979   -3.717  18.961  1.00 18.26 ? 102 ARG A NH1   1 
ATOM   825  N  NH2   . ARG A 1 103 ? 8.184   -3.819  18.403  1.00 18.19 ? 102 ARG A NH2   1 
ATOM   826  N  N     . VAL A 1 104 ? 4.086   -8.954  13.545  1.00 12.02 ? 103 VAL A N     1 
ATOM   827  C  CA    . VAL A 1 104 ? 3.100   -9.995  13.355  1.00 10.45 ? 103 VAL A CA    1 
ATOM   828  C  C     . VAL A 1 104 ? 3.663   -11.117 12.497  1.00 12.54 ? 103 VAL A C     1 
ATOM   829  O  O     . VAL A 1 104 ? 3.426   -12.332 12.791  1.00 11.58 ? 103 VAL A O     1 
ATOM   830  C  CB    . VAL A 1 104 ? 1.771   -9.399  12.728  1.00 12.94 ? 103 VAL A CB    1 
ATOM   831  C  CG1   . VAL A 1 104 ? 0.799   -10.478 12.343  1.00 14.20 ? 103 VAL A CG1   1 
ATOM   832  C  CG2   . VAL A 1 104 ? 1.099   -8.511  13.738  1.00 10.64 ? 103 VAL A CG2   1 
ATOM   833  N  N     . LYS A 1 105 ? 4.372   -10.754 11.415  1.00 12.53 ? 104 LYS A N     1 
ATOM   834  C  CA    . LYS A 1 105 ? 4.948   -11.776 10.467  1.00 12.38 ? 104 LYS A CA    1 
ATOM   835  C  C     . LYS A 1 105 ? 6.179   -12.424 11.047  1.00 13.81 ? 104 LYS A C     1 
ATOM   836  O  O     . LYS A 1 105 ? 6.698   -13.437 10.522  1.00 14.57 ? 104 LYS A O     1 
ATOM   837  C  CB    . LYS A 1 105 ? 5.261   -11.139 9.130   1.00 12.24 ? 104 LYS A CB    1 
ATOM   838  C  CG    . LYS A 1 105 ? 3.946   -10.738 8.446   1.00 10.90 ? 104 LYS A CG    1 
ATOM   839  C  CD    . LYS A 1 105 ? 4.167   -10.188 6.980   1.00 13.38 ? 104 LYS A CD    1 
ATOM   840  C  CE    . LYS A 1 105 ? 4.236   -11.305 5.891   1.00 12.02 ? 104 LYS A CE    1 
ATOM   841  N  NZ    . LYS A 1 105 ? 3.061   -12.306 5.901   1.00 9.43  ? 104 LYS A NZ    1 
ATOM   842  N  N     . ASP A 1 106 ? 6.664   -11.823 12.134  1.00 14.66 ? 105 ASP A N     1 
ATOM   843  C  CA    . ASP A 1 106 ? 7.959   -12.226 12.737  1.00 15.03 ? 105 ASP A CA    1 
ATOM   844  C  C     . ASP A 1 106 ? 9.076   -12.397 11.651  1.00 16.11 ? 105 ASP A C     1 
ATOM   845  O  O     . ASP A 1 106 ? 9.789   -13.426 11.523  1.00 16.62 ? 105 ASP A O     1 
ATOM   846  C  CB    . ASP A 1 106 ? 7.743   -13.497 13.585  1.00 16.89 ? 105 ASP A CB    1 
ATOM   847  C  CG    . ASP A 1 106 ? 8.908   -13.783 14.458  1.00 19.36 ? 105 ASP A CG    1 
ATOM   848  O  OD1   . ASP A 1 106 ? 9.605   -12.798 14.783  1.00 20.01 ? 105 ASP A OD1   1 
ATOM   849  O  OD2   . ASP A 1 106 ? 9.177   -14.981 14.737  1.00 19.27 ? 105 ASP A OD2   1 
ATOM   850  N  N     . SER A 1 107 ? 9.240   -11.356 10.857  1.00 15.63 ? 106 SER A N     1 
ATOM   851  C  CA    . SER A 1 107 ? 10.125  -11.428 9.741   1.00 16.48 ? 106 SER A CA    1 
ATOM   852  C  C     . SER A 1 107 ? 10.804  -10.077 9.635   1.00 17.93 ? 106 SER A C     1 
ATOM   853  O  O     . SER A 1 107 ? 10.132  -9.024  9.861   1.00 16.28 ? 106 SER A O     1 
ATOM   854  C  CB    . SER A 1 107 ? 9.324   -11.658 8.446   1.00 16.14 ? 106 SER A CB    1 
ATOM   855  O  OG    . SER A 1 107 ? 10.250  -11.654 7.327   1.00 22.21 ? 106 SER A OG    1 
ATOM   856  N  N     . GLU A 1 108 ? 12.103  -10.090 9.270   1.00 18.71 ? 107 GLU A N     1 
ATOM   857  C  CA    . GLU A 1 108 ? 12.829  -8.864  8.880   1.00 20.30 ? 107 GLU A CA    1 
ATOM   858  C  C     . GLU A 1 108 ? 12.771  -8.541  7.369   1.00 21.25 ? 107 GLU A C     1 
ATOM   859  O  O     . GLU A 1 108 ? 13.326  -7.522  6.908   1.00 22.72 ? 107 GLU A O     1 
ATOM   860  C  CB    . GLU A 1 108 ? 14.325  -8.981  9.182   1.00 22.81 ? 107 GLU A CB    1 
ATOM   861  C  CG    . GLU A 1 108 ? 14.652  -9.375  10.550  1.00 29.73 ? 107 GLU A CG    1 
ATOM   862  C  CD    . GLU A 1 108 ? 16.146  -9.120  10.837  1.00 38.00 ? 107 GLU A CD    1 
ATOM   863  O  OE1   . GLU A 1 108 ? 16.873  -10.106 11.092  1.00 38.78 ? 107 GLU A OE1   1 
ATOM   864  O  OE2   . GLU A 1 108 ? 16.572  -7.938  10.736  1.00 41.39 ? 107 GLU A OE2   1 
ATOM   865  N  N     . ASP A 1 109 ? 12.147  -9.423  6.603   1.00 18.98 ? 108 ASP A N     1 
ATOM   866  C  CA    . ASP A 1 109 ? 12.176  -9.338  5.156   1.00 18.82 ? 108 ASP A CA    1 
ATOM   867  C  C     . ASP A 1 109 ? 10.757  -9.398  4.649   1.00 16.68 ? 108 ASP A C     1 
ATOM   868  O  O     . ASP A 1 109 ? 10.303  -10.450 4.188   1.00 19.83 ? 108 ASP A O     1 
ATOM   869  C  CB    . ASP A 1 109 ? 12.974  -10.535 4.649   1.00 20.59 ? 108 ASP A CB    1 
ATOM   870  C  CG    . ASP A 1 109 ? 13.198  -10.498 3.187   1.00 25.57 ? 108 ASP A CG    1 
ATOM   871  O  OD1   . ASP A 1 109 ? 12.866  -9.472  2.616   1.00 25.57 ? 108 ASP A OD1   1 
ATOM   872  O  OD2   . ASP A 1 109 ? 13.665  -11.517 2.586   1.00 30.60 ? 108 ASP A OD2   1 
ATOM   873  N  N     . VAL A 1 110 ? 10.026  -8.280  4.807   1.00 14.76 ? 109 VAL A N     1 
ATOM   874  C  CA    . VAL A 1 110 ? 8.649   -8.293  4.359   1.00 11.26 ? 109 VAL A CA    1 
ATOM   875  C  C     . VAL A 1 110 ? 8.499   -7.317  3.211   1.00 9.35  ? 109 VAL A C     1 
ATOM   876  O  O     . VAL A 1 110 ? 8.737   -6.087  3.416   1.00 11.67 ? 109 VAL A O     1 
ATOM   877  C  CB    . VAL A 1 110 ? 7.649   -7.836  5.502   1.00 10.28 ? 109 VAL A CB    1 
ATOM   878  C  CG1   . VAL A 1 110 ? 6.237   -7.835  4.894   1.00 11.99 ? 109 VAL A CG1   1 
ATOM   879  C  CG2   . VAL A 1 110 ? 7.792   -8.742  6.735   1.00 12.79 ? 109 VAL A CG2   1 
ATOM   880  N  N     . PRO A 1 111 ? 8.084   -7.793  2.007   1.00 9.15  ? 110 PRO A N     1 
ATOM   881  C  CA    . PRO A 1 111 ? 7.897   -6.873  0.878   1.00 10.20 ? 110 PRO A CA    1 
ATOM   882  C  C     . PRO A 1 111 ? 6.964   -5.692  1.201   1.00 10.29 ? 110 PRO A C     1 
ATOM   883  O  O     . PRO A 1 111 ? 5.816   -5.886  1.673   1.00 10.41 ? 110 PRO A O     1 
ATOM   884  C  CB    . PRO A 1 111 ? 7.249   -7.763  -0.192  1.00 9.27  ? 110 PRO A CB    1 
ATOM   885  C  CG    . PRO A 1 111 ? 7.904   -9.144  0.084   1.00 9.22  ? 110 PRO A CG    1 
ATOM   886  C  CD    . PRO A 1 111 ? 7.835   -9.190  1.613   1.00 7.57  ? 110 PRO A CD    1 
ATOM   887  N  N     . MET A 1 112 ? 7.495   -4.485  1.015   1.00 9.36  ? 111 MET A N     1 
ATOM   888  C  CA    . MET A 1 112 ? 6.707   -3.277  1.251   1.00 9.07  ? 111 MET A CA    1 
ATOM   889  C  C     . MET A 1 112 ? 7.100   -2.169  0.326   1.00 8.88  ? 111 MET A C     1 
ATOM   890  O  O     . MET A 1 112 ? 8.233   -2.156  -0.164  1.00 10.74 ? 111 MET A O     1 
ATOM   891  C  CB    . MET A 1 112 ? 6.934   -2.742  2.674   1.00 10.40 ? 111 MET A CB    1 
ATOM   892  C  CG    . MET A 1 112 ? 6.531   -3.674  3.827   1.00 11.29 ? 111 MET A CG    1 
ATOM   893  S  SD    . MET A 1 112 ? 6.559   -2.737  5.370   1.00 13.57 ? 111 MET A SD    1 
ATOM   894  C  CE    . MET A 1 112 ? 6.583   -4.131  6.529   1.00 15.17 ? 111 MET A CE    1 
ATOM   895  N  N     . VAL A 1 113 ? 6.166   -1.245  0.056   1.00 7.61  ? 112 VAL A N     1 
ATOM   896  C  CA    . VAL A 1 113 ? 6.537   -0.068  -0.761  1.00 8.32  ? 112 VAL A CA    1 
ATOM   897  C  C     . VAL A 1 113 ? 5.975   1.127   -0.004  1.00 9.07  ? 112 VAL A C     1 
ATOM   898  O  O     . VAL A 1 113 ? 4.805   1.087   0.464   1.00 9.75  ? 112 VAL A O     1 
ATOM   899  C  CB    . VAL A 1 113 ? 5.890   -0.149  -2.193  1.00 7.65  ? 112 VAL A CB    1 
ATOM   900  C  CG1   . VAL A 1 113 ? 5.986   1.194   -3.010  1.00 10.35 ? 112 VAL A CG1   1 
ATOM   901  C  CG2   . VAL A 1 113 ? 6.565   -1.332  -3.013  1.00 8.52  ? 112 VAL A CG2   1 
ATOM   902  N  N     . LEU A 1 114 ? 6.801   2.169   0.139   1.00 9.41  ? 113 LEU A N     1 
ATOM   903  C  CA    . LEU A 1 114 ? 6.310   3.450   0.739   1.00 8.17  ? 113 LEU A CA    1 
ATOM   904  C  C     . LEU A 1 114 ? 5.608   4.282   -0.341  1.00 7.62  ? 113 LEU A C     1 
ATOM   905  O  O     . LEU A 1 114 ? 6.179   4.524   -1.405  1.00 10.18 ? 113 LEU A O     1 
ATOM   906  C  CB    . LEU A 1 114 ? 7.470   4.213   1.346   1.00 7.86  ? 113 LEU A CB    1 
ATOM   907  C  CG    . LEU A 1 114 ? 7.125   5.532   2.076   1.00 7.89  ? 113 LEU A CG    1 
ATOM   908  C  CD1   . LEU A 1 114 ? 6.287   5.239   3.301   1.00 7.41  ? 113 LEU A CD1   1 
ATOM   909  C  CD2   . LEU A 1 114 ? 8.474   6.244   2.491   1.00 8.68  ? 113 LEU A CD2   1 
ATOM   910  N  N     . VAL A 1 115 ? 4.404   4.755   -0.048  1.00 9.44  ? 114 VAL A N     1 
ATOM   911  C  CA    . VAL A 1 115 ? 3.599   5.504   -1.018  1.00 9.45  ? 114 VAL A CA    1 
ATOM   912  C  C     . VAL A 1 115 ? 3.198   6.843   -0.419  1.00 10.21 ? 114 VAL A C     1 
ATOM   913  O  O     . VAL A 1 115 ? 2.585   6.861   0.659   1.00 9.58  ? 114 VAL A O     1 
ATOM   914  C  CB    . VAL A 1 115 ? 2.319   4.728   -1.355  1.00 8.29  ? 114 VAL A CB    1 
ATOM   915  C  CG1   . VAL A 1 115 ? 1.414   5.523   -2.356  1.00 9.19  ? 114 VAL A CG1   1 
ATOM   916  C  CG2   . VAL A 1 115 ? 2.711   3.364   -2.082  1.00 11.57 ? 114 VAL A CG2   1 
ATOM   917  N  N     . GLY A 1 116 ? 3.545   7.959   -1.096  1.00 10.79 ? 115 GLY A N     1 
ATOM   918  C  CA    . GLY A 1 116 ? 3.188   9.299   -0.630  1.00 7.25  ? 115 GLY A CA    1 
ATOM   919  C  C     . GLY A 1 116 ? 2.079   9.750   -1.579  1.00 10.82 ? 115 GLY A C     1 
ATOM   920  O  O     . GLY A 1 116 ? 2.357   10.049  -2.755  1.00 10.37 ? 115 GLY A O     1 
ATOM   921  N  N     . ASN A 1 117 ? 0.824   9.692   -1.136  1.00 9.35  ? 116 ASN A N     1 
ATOM   922  C  CA    . ASN A 1 117 ? -0.327  9.968   -2.032  1.00 10.02 ? 116 ASN A CA    1 
ATOM   923  C  C     . ASN A 1 117 ? -0.791  11.419  -1.984  1.00 10.19 ? 116 ASN A C     1 
ATOM   924  O  O     . ASN A 1 117 ? -0.361  12.161  -1.084  1.00 11.37 ? 116 ASN A O     1 
ATOM   925  C  CB    . ASN A 1 117 ? -1.460  8.966   -1.643  1.00 9.30  ? 116 ASN A CB    1 
ATOM   926  C  CG    . ASN A 1 117 ? -2.614  9.019   -2.616  1.00 11.05 ? 116 ASN A CG    1 
ATOM   927  O  OD1   . ASN A 1 117 ? -2.381  8.929   -3.825  1.00 10.21 ? 116 ASN A OD1   1 
ATOM   928  N  ND2   . ASN A 1 117 ? -3.846  9.172   -2.107  1.00 11.19 ? 116 ASN A ND2   1 
ATOM   929  N  N     . LYS A 1 118 ? -1.641  11.798  -2.956  1.00 10.93 ? 117 LYS A N     1 
ATOM   930  C  CA    . LYS A 1 118 ? -2.197  13.166  -3.115  1.00 10.64 ? 117 LYS A CA    1 
ATOM   931  C  C     . LYS A 1 118 ? -1.185  14.107  -3.713  1.00 12.13 ? 117 LYS A C     1 
ATOM   932  O  O     . LYS A 1 118 ? -1.233  15.339  -3.474  1.00 13.03 ? 117 LYS A O     1 
ATOM   933  C  CB    . LYS A 1 118 ? -2.787  13.703  -1.766  1.00 10.09 ? 117 LYS A CB    1 
ATOM   934  C  CG    . LYS A 1 118 ? -3.828  12.717  -1.179  1.00 9.37  ? 117 LYS A CG    1 
ATOM   935  C  CD    . LYS A 1 118 ? -4.683  13.413  -0.062  1.00 10.39 ? 117 LYS A CD    1 
ATOM   936  C  CE    . LYS A 1 118 ? -5.629  12.405  0.604   1.00 10.74 ? 117 LYS A CE    1 
ATOM   937  N  NZ    . LYS A 1 118 ? -6.500  13.142  1.613   1.00 13.13 ? 117 LYS A NZ    1 
ATOM   938  N  N     . SER A 1 119 ? -0.312  13.562  -4.592  1.00 12.73 ? 118 SER A N     1 
ATOM   939  C  CA    . SER A 1 119 ? 0.751   14.373  -5.174  1.00 14.03 ? 118 SER A CA    1 
ATOM   940  C  C     . SER A 1 119 ? 0.201   15.470  -6.064  1.00 14.72 ? 118 SER A C     1 
ATOM   941  O  O     . SER A 1 119 ? 0.946   16.397  -6.432  1.00 15.61 ? 118 SER A O     1 
ATOM   942  C  CB    . SER A 1 119 ? 1.730   13.540  -5.987  1.00 14.21 ? 118 SER A CB    1 
ATOM   943  O  OG    . SER A 1 119 ? 1.112   13.083  -7.225  1.00 17.52 ? 118 SER A OG    1 
ATOM   944  N  N     . ASP A 1 120 ? -1.075  15.369  -6.422  1.00 14.84 ? 119 ASP A N     1 
ATOM   945  C  CA    . ASP A 1 120 ? -1.680  16.446  -7.207  1.00 15.30 ? 119 ASP A CA    1 
ATOM   946  C  C     . ASP A 1 120 ? -1.963  17.726  -6.446  1.00 18.34 ? 119 ASP A C     1 
ATOM   947  O  O     . ASP A 1 120 ? -2.201  18.780  -7.074  1.00 19.20 ? 119 ASP A O     1 
ATOM   948  C  CB    . ASP A 1 120 ? -2.989  15.958  -7.852  1.00 15.66 ? 119 ASP A CB    1 
ATOM   949  C  CG    . ASP A 1 120 ? -3.960  15.467  -6.808  1.00 15.92 ? 119 ASP A CG    1 
ATOM   950  O  OD1   . ASP A 1 120 ? -3.767  14.314  -6.298  1.00 13.71 ? 119 ASP A OD1   1 
ATOM   951  O  OD2   . ASP A 1 120 ? -4.875  16.238  -6.444  1.00 17.32 ? 119 ASP A OD2   1 
ATOM   952  N  N     . LEU A 1 121 ? -2.020  17.642  -5.131  1.00 18.00 ? 120 LEU A N     1 
ATOM   953  C  CA    . LEU A 1 121 ? -2.253  18.785  -4.262  1.00 21.97 ? 120 LEU A CA    1 
ATOM   954  C  C     . LEU A 1 121 ? -0.995  19.642  -4.122  1.00 22.80 ? 120 LEU A C     1 
ATOM   955  O  O     . LEU A 1 121 ? 0.121   19.116  -3.893  1.00 22.59 ? 120 LEU A O     1 
ATOM   956  C  CB    . LEU A 1 121 ? -2.811  18.325  -2.895  1.00 21.75 ? 120 LEU A CB    1 
ATOM   957  C  CG    . LEU A 1 121 ? -4.195  17.675  -2.909  1.00 23.99 ? 120 LEU A CG    1 
ATOM   958  C  CD1   . LEU A 1 121 ? -4.719  17.212  -1.505  1.00 28.15 ? 120 LEU A CD1   1 
ATOM   959  C  CD2   . LEU A 1 121 ? -5.157  18.592  -3.576  1.00 27.38 ? 120 LEU A CD2   1 
ATOM   960  N  N     . PRO A 1 122 ? -1.149  20.989  -4.261  1.00 25.83 ? 121 PRO A N     1 
ATOM   961  C  CA    . PRO A 1 122 ? 0.022   21.861  -4.076  1.00 26.38 ? 121 PRO A CA    1 
ATOM   962  C  C     . PRO A 1 122 ? 0.380   21.908  -2.579  1.00 23.88 ? 121 PRO A C     1 
ATOM   963  O  O     . PRO A 1 122 ? 1.558   22.045  -2.218  1.00 24.97 ? 121 PRO A O     1 
ATOM   964  C  CB    . PRO A 1 122 ? -0.497  23.242  -4.574  1.00 27.17 ? 121 PRO A CB    1 
ATOM   965  C  CG    . PRO A 1 122 ? -2.025  23.246  -4.086  1.00 27.19 ? 121 PRO A CG    1 
ATOM   966  C  CD    . PRO A 1 122 ? -2.429  21.760  -4.338  1.00 28.13 ? 121 PRO A CD    1 
ATOM   967  N  N     . SER A 1 123 ? -0.628  21.699  -1.749  1.00 22.50 ? 122 SER A N     1 
ATOM   968  C  CA    . SER A 1 123 ? -0.476  21.732  -0.331  1.00 19.52 ? 122 SER A CA    1 
ATOM   969  C  C     . SER A 1 123 ? 0.362   20.494  0.104   1.00 18.54 ? 122 SER A C     1 
ATOM   970  O  O     . SER A 1 123 ? 0.026   19.348  -0.254  1.00 20.09 ? 122 SER A O     1 
ATOM   971  C  CB    . SER A 1 123 ? -1.872  21.733  0.272   1.00 21.59 ? 122 SER A CB    1 
ATOM   972  O  OG    . SER A 1 123 ? -1.773  21.977  1.594   1.00 21.44 ? 122 SER A OG    1 
ATOM   973  N  N     . ARG A 1 124 ? 1.501   20.740  0.749   1.00 15.33 ? 123 ARG A N     1 
ATOM   974  C  CA    . ARG A 1 124 ? 2.448   19.678  1.090   1.00 13.05 ? 123 ARG A CA    1 
ATOM   975  C  C     . ARG A 1 124 ? 3.135   20.005  2.375   1.00 12.81 ? 123 ARG A C     1 
ATOM   976  O  O     . ARG A 1 124 ? 3.623   21.142  2.561   1.00 12.24 ? 123 ARG A O     1 
ATOM   977  C  CB    . ARG A 1 124 ? 3.471   19.501  -0.066  1.00 11.98 ? 123 ARG A CB    1 
ATOM   978  C  CG    . ARG A 1 124 ? 4.676   18.612  0.280   1.00 13.97 ? 123 ARG A CG    1 
ATOM   979  C  CD    . ARG A 1 124 ? 5.713   18.636  -0.808  1.00 14.24 ? 123 ARG A CD    1 
ATOM   980  N  NE    . ARG A 1 124 ? 5.248   18.005  -2.048  1.00 13.71 ? 123 ARG A NE    1 
ATOM   981  C  CZ    . ARG A 1 124 ? 5.482   16.706  -2.389  1.00 16.28 ? 123 ARG A CZ    1 
ATOM   982  N  NH1   . ARG A 1 124 ? 6.096   15.869  -1.538  1.00 12.82 ? 123 ARG A NH1   1 
ATOM   983  N  NH2   . ARG A 1 124 ? 5.075   16.215  -3.576  1.00 13.53 ? 123 ARG A NH2   1 
ATOM   984  N  N     . THR A 1 125 ? 3.226   19.009  3.266   1.00 12.65 ? 124 THR A N     1 
ATOM   985  C  CA    . THR A 1 125 ? 3.955   19.170  4.523   1.00 11.72 ? 124 THR A CA    1 
ATOM   986  C  C     . THR A 1 125 ? 5.049   18.146  4.633   1.00 11.96 ? 124 THR A C     1 
ATOM   987  O  O     . THR A 1 125 ? 5.926   18.264  5.488   1.00 13.29 ? 124 THR A O     1 
ATOM   988  C  CB    . THR A 1 125 ? 3.035   18.973  5.792   1.00 13.52 ? 124 THR A CB    1 
ATOM   989  O  OG1   . THR A 1 125 ? 2.472   17.655  5.739   1.00 15.15 ? 124 THR A OG1   1 
ATOM   990  C  CG2   . THR A 1 125 ? 1.872   19.945  5.789   1.00 13.04 ? 124 THR A CG2   1 
ATOM   991  N  N     . VAL A 1 126 ? 5.016   17.144  3.743   1.00 12.89 ? 125 VAL A N     1 
ATOM   992  C  CA    . VAL A 1 126 ? 6.069   16.116  3.720   1.00 12.68 ? 125 VAL A CA    1 
ATOM   993  C  C     . VAL A 1 126 ? 6.819   16.232  2.405   1.00 11.97 ? 125 VAL A C     1 
ATOM   994  O  O     . VAL A 1 126 ? 6.277   15.887  1.372   1.00 14.66 ? 125 VAL A O     1 
ATOM   995  C  CB    . VAL A 1 126 ? 5.494   14.654  3.882   1.00 12.58 ? 125 VAL A CB    1 
ATOM   996  C  CG1   . VAL A 1 126 ? 6.663   13.602  3.926   1.00 12.77 ? 125 VAL A CG1   1 
ATOM   997  C  CG2   . VAL A 1 126 ? 4.595   14.531  5.046   1.00 12.83 ? 125 VAL A CG2   1 
ATOM   998  N  N     . ASP A 1 127 ? 8.084   16.672  2.449   1.00 13.62 ? 126 ASP A N     1 
ATOM   999  C  CA    . ASP A 1 127 ? 8.828   16.821  1.220   1.00 13.42 ? 126 ASP A CA    1 
ATOM   1000 C  C     . ASP A 1 127 ? 9.309   15.428  0.714   1.00 12.61 ? 126 ASP A C     1 
ATOM   1001 O  O     . ASP A 1 127 ? 9.508   14.504  1.497   1.00 13.27 ? 126 ASP A O     1 
ATOM   1002 C  CB    . ASP A 1 127 ? 10.072  17.700  1.470   1.00 14.76 ? 126 ASP A CB    1 
ATOM   1003 C  CG    . ASP A 1 127 ? 9.768   19.183  1.254   1.00 21.29 ? 126 ASP A CG    1 
ATOM   1004 O  OD1   . ASP A 1 127 ? 8.546   19.499  1.219   1.00 23.54 ? 126 ASP A OD1   1 
ATOM   1005 O  OD2   . ASP A 1 127 ? 10.721  19.966  1.010   1.00 26.00 ? 126 ASP A OD2   1 
ATOM   1006 N  N     . THR A 1 128 ? 9.526   15.359  -0.606  1.00 13.90 ? 127 THR A N     1 
ATOM   1007 C  CA    . THR A 1 128 ? 9.999   14.136  -1.243  1.00 12.53 ? 127 THR A CA    1 
ATOM   1008 C  C     . THR A 1 128 ? 11.273  13.644  -0.521  1.00 13.38 ? 127 THR A C     1 
ATOM   1009 O  O     . THR A 1 128 ? 11.386  12.460  -0.231  1.00 14.24 ? 127 THR A O     1 
ATOM   1010 C  CB    . THR A 1 128 ? 10.226  14.391  -2.742  1.00 12.26 ? 127 THR A CB    1 
ATOM   1011 O  OG1   . THR A 1 128 ? 8.948   14.707  -3.327  1.00 13.50 ? 127 THR A OG1   1 
ATOM   1012 C  CG2   . THR A 1 128 ? 10.834  13.156  -3.367  1.00 14.30 ? 127 THR A CG2   1 
ATOM   1013 N  N     . LYS A 1 129 ? 12.209  14.541  -0.243  1.00 14.55 ? 128 LYS A N     1 
ATOM   1014 C  CA    . LYS A 1 129 ? 13.459  14.203  0.389   1.00 16.07 ? 128 LYS A CA    1 
ATOM   1015 C  C     . LYS A 1 129 ? 13.264  13.456  1.721   1.00 16.59 ? 128 LYS A C     1 
ATOM   1016 O  O     . LYS A 1 129 ? 13.972  12.479  2.023   1.00 13.61 ? 128 LYS A O     1 
ATOM   1017 C  CB    . LYS A 1 129 ? 14.324  15.466  0.656   1.00 17.74 ? 128 LYS A CB    1 
ATOM   1018 C  CG    . LYS A 1 129 ? 15.569  15.141  1.509   1.00 18.76 ? 128 LYS A CG    1 
ATOM   1019 C  CD    . LYS A 1 129 ? 16.338  16.354  2.063   1.00 30.25 ? 128 LYS A CD    1 
ATOM   1020 C  CE    . LYS A 1 129 ? 17.304  15.895  3.228   1.00 34.08 ? 128 LYS A CE    1 
ATOM   1021 N  NZ    . LYS A 1 129 ? 18.317  16.916  3.582   1.00 41.27 ? 128 LYS A NZ    1 
ATOM   1022 N  N     . GLN A 1 130 ? 12.325  13.938  2.527   1.00 16.00 ? 129 GLN A N     1 
ATOM   1023 C  CA    . GLN A 1 130 ? 12.094  13.295  3.826   1.00 15.10 ? 129 GLN A CA    1 
ATOM   1024 C  C     . GLN A 1 130 ? 11.571  11.852  3.647   1.00 12.93 ? 129 GLN A C     1 
ATOM   1025 O  O     . GLN A 1 130 ? 11.988  10.933  4.431   1.00 11.66 ? 129 GLN A O     1 
ATOM   1026 C  CB    . GLN A 1 130 ? 11.115  14.156  4.602   1.00 16.97 ? 129 GLN A CB    1 
ATOM   1027 C  CG    . GLN A 1 130 ? 10.625  13.601  5.947   1.00 24.78 ? 129 GLN A CG    1 
ATOM   1028 C  CD    . GLN A 1 130 ? 9.836   14.667  6.725   1.00 32.59 ? 129 GLN A CD    1 
ATOM   1029 O  OE1   . GLN A 1 130 ? 9.380   15.666  6.142   1.00 39.16 ? 129 GLN A OE1   1 
ATOM   1030 N  NE2   . GLN A 1 130 ? 9.675   14.455  8.046   1.00 36.82 ? 129 GLN A NE2   1 
ATOM   1031 N  N     . ALA A 1 131 ? 10.714  11.658  2.668   1.00 10.73 ? 130 ALA A N     1 
ATOM   1032 C  CA    . ALA A 1 131 ? 10.144  10.328  2.433   1.00 12.24 ? 130 ALA A CA    1 
ATOM   1033 C  C     . ALA A 1 131 ? 11.217  9.431   1.816   1.00 12.07 ? 130 ALA A C     1 
ATOM   1034 O  O     . ALA A 1 131 ? 11.338  8.227   2.172   1.00 10.46 ? 130 ALA A O     1 
ATOM   1035 C  CB    . ALA A 1 131 ? 8.957   10.420  1.537   1.00 12.14 ? 130 ALA A CB    1 
ATOM   1036 N  N     . GLN A 1 132 ? 12.068  10.030  0.954   1.00 11.13 ? 131 GLN A N     1 
ATOM   1037 C  CA    . GLN A 1 132 ? 13.224  9.243   0.407   1.00 11.42 ? 131 GLN A CA    1 
ATOM   1038 C  C     . GLN A 1 132 ? 14.127  8.781   1.521   1.00 12.94 ? 131 GLN A C     1 
ATOM   1039 O  O     . GLN A 1 132 ? 14.629  7.636   1.463   1.00 14.58 ? 131 GLN A O     1 
ATOM   1040 C  CB    . GLN A 1 132 ? 14.047  10.005  -0.641  1.00 11.92 ? 131 GLN A CB    1 
ATOM   1041 C  CG    . GLN A 1 132 ? 13.253  10.292  -1.974  1.00 13.39 ? 131 GLN A CG    1 
ATOM   1042 C  CD    . GLN A 1 132 ? 13.963  11.342  -2.805  1.00 13.86 ? 131 GLN A CD    1 
ATOM   1043 O  OE1   . GLN A 1 132 ? 14.640  12.217  -2.264  1.00 14.61 ? 131 GLN A OE1   1 
ATOM   1044 N  NE2   . GLN A 1 132 ? 13.859  11.231  -4.119  1.00 14.55 ? 131 GLN A NE2   1 
ATOM   1045 N  N     . ASP A 1 133 ? 14.384  9.656   2.492   1.00 13.37 ? 132 ASP A N     1 
ATOM   1046 C  CA    . ASP A 1 133 ? 15.264  9.330   3.653   1.00 13.76 ? 132 ASP A CA    1 
ATOM   1047 C  C     . ASP A 1 133 ? 14.691  8.134   4.423   1.00 13.11 ? 132 ASP A C     1 
ATOM   1048 O  O     . ASP A 1 133 ? 15.434  7.237   4.799   1.00 12.37 ? 132 ASP A O     1 
ATOM   1049 C  CB    . ASP A 1 133 ? 15.422  10.564  4.589   1.00 14.47 ? 132 ASP A CB    1 
ATOM   1050 C  CG    . ASP A 1 133 ? 16.252  11.734  3.953   1.00 15.32 ? 132 ASP A CG    1 
ATOM   1051 O  OD1   . ASP A 1 133 ? 16.968  11.523  2.946   1.00 19.03 ? 132 ASP A OD1   1 
ATOM   1052 O  OD2   . ASP A 1 133 ? 16.129  12.909  4.433   1.00 21.27 ? 132 ASP A OD2   1 
ATOM   1053 N  N     . LEU A 1 134 ? 13.354  8.111   4.591   1.00 11.99 ? 133 LEU A N     1 
ATOM   1054 C  CA    . LEU A 1 134 ? 12.728  7.019   5.356   1.00 11.34 ? 133 LEU A CA    1 
ATOM   1055 C  C     . LEU A 1 134 ? 12.881  5.753   4.514   1.00 12.17 ? 133 LEU A C     1 
ATOM   1056 O  O     . LEU A 1 134 ? 13.278  4.712   5.047   1.00 11.75 ? 133 LEU A O     1 
ATOM   1057 C  CB    . LEU A 1 134 ? 11.256  7.314   5.565   1.00 9.84  ? 133 LEU A CB    1 
ATOM   1058 C  CG    . LEU A 1 134 ? 10.570  6.282   6.476   1.00 10.73 ? 133 LEU A CG    1 
ATOM   1059 C  CD1   . LEU A 1 134 ? 11.281  6.207   7.831   1.00 10.99 ? 133 LEU A CD1   1 
ATOM   1060 C  CD2   . LEU A 1 134 ? 9.089   6.666   6.653   1.00 12.96 ? 133 LEU A CD2   1 
ATOM   1061 N  N     . ALA A 1 135 ? 12.505  5.825   3.217   1.00 11.19 ? 134 ALA A N     1 
ATOM   1062 C  CA    . ALA A 1 135 ? 12.589  4.634   2.362   1.00 11.40 ? 134 ALA A CA    1 
ATOM   1063 C  C     . ALA A 1 135 ? 14.015  4.072   2.272   1.00 11.53 ? 134 ALA A C     1 
ATOM   1064 O  O     . ALA A 1 135 ? 14.212  2.845   2.344   1.00 12.46 ? 134 ALA A O     1 
ATOM   1065 C  CB    . ALA A 1 135 ? 12.067  4.937   0.969   1.00 12.77 ? 134 ALA A CB    1 
ATOM   1066 N  N     . ARG A 1 136 ? 15.009  4.951   2.185   1.00 10.43 ? 135 ARG A N     1 
ATOM   1067 C  CA    . ARG A 1 136 ? 16.413  4.496   2.153   1.00 11.73 ? 135 ARG A CA    1 
ATOM   1068 C  C     . ARG A 1 136 ? 16.692  3.687   3.430   1.00 12.25 ? 135 ARG A C     1 
ATOM   1069 O  O     . ARG A 1 136 ? 17.347  2.623   3.390   1.00 11.04 ? 135 ARG A O     1 
ATOM   1070 C  CB    . ARG A 1 136 ? 17.292  5.705   2.100   1.00 13.55 ? 135 ARG A CB    1 
ATOM   1071 C  CG    . ARG A 1 136 ? 18.802  5.389   2.079   1.00 13.06 ? 135 ARG A CG    1 
ATOM   1072 C  CD    . ARG A 1 136 ? 19.644  6.711   2.000   1.00 15.23 ? 135 ARG A CD    1 
ATOM   1073 N  NE    . ARG A 1 136 ? 19.491  7.537   3.201   1.00 17.53 ? 135 ARG A NE    1 
ATOM   1074 C  CZ    . ARG A 1 136 ? 19.001  8.782   3.226   1.00 18.38 ? 135 ARG A CZ    1 
ATOM   1075 N  NH1   . ARG A 1 136 ? 18.608  9.389   2.112   1.00 15.83 ? 135 ARG A NH1   1 
ATOM   1076 N  NH2   . ARG A 1 136 ? 18.886  9.402   4.400   1.00 19.22 ? 135 ARG A NH2   1 
ATOM   1077 N  N     . SER A 1 137 ? 16.216  4.196   4.572   1.00 10.69 ? 136 SER A N     1 
ATOM   1078 C  CA    . SER A 1 137 ? 16.453  3.567   5.910   1.00 10.31 ? 136 SER A CA    1 
ATOM   1079 C  C     . SER A 1 137 ? 15.806  2.174   5.980   1.00 10.98 ? 136 SER A C     1 
ATOM   1080 O  O     . SER A 1 137 ? 16.286  1.284   6.726   1.00 11.79 ? 136 SER A O     1 
ATOM   1081 C  CB    . SER A 1 137 ? 16.022  4.457   7.062   1.00 9.19  ? 136 SER A CB    1 
ATOM   1082 O  OG    . SER A 1 137 ? 14.609  4.319   7.315   1.00 11.12 ? 136 SER A OG    1 
ATOM   1083 N  N     . TYR A 1 138 ? 14.692  1.975   5.257   1.00 11.08 ? 137 TYR A N     1 
ATOM   1084 C  CA    . TYR A 1 138 ? 14.014  0.699   5.269   1.00 11.54 ? 137 TYR A CA    1 
ATOM   1085 C  C     . TYR A 1 138 ? 14.518  -0.261  4.172   1.00 12.49 ? 137 TYR A C     1 
ATOM   1086 O  O     . TYR A 1 138 ? 14.216  -1.477  4.223   1.00 12.97 ? 137 TYR A O     1 
ATOM   1087 C  CB    . TYR A 1 138 ? 12.531  0.948   4.958   1.00 12.50 ? 137 TYR A CB    1 
ATOM   1088 C  CG    . TYR A 1 138 ? 11.749  1.579   6.042   1.00 10.05 ? 137 TYR A CG    1 
ATOM   1089 C  CD1   . TYR A 1 138 ? 12.223  1.616   7.357   1.00 11.80 ? 137 TYR A CD1   1 
ATOM   1090 C  CD2   . TYR A 1 138 ? 10.522  2.146   5.764   1.00 8.84  ? 137 TYR A CD2   1 
ATOM   1091 C  CE1   . TYR A 1 138 ? 11.431  2.159   8.393   1.00 9.08  ? 137 TYR A CE1   1 
ATOM   1092 C  CE2   . TYR A 1 138 ? 9.736   2.731   6.787   1.00 12.13 ? 137 TYR A CE2   1 
ATOM   1093 C  CZ    . TYR A 1 138 ? 10.226  2.742   8.096   1.00 11.22 ? 137 TYR A CZ    1 
ATOM   1094 O  OH    . TYR A 1 138 ? 9.468   3.281   9.129   1.00 13.64 ? 137 TYR A OH    1 
ATOM   1095 N  N     . GLY A 1 139 ? 15.268  0.285   3.199   1.00 11.05 ? 138 GLY A N     1 
ATOM   1096 C  CA    . GLY A 1 139 ? 15.601  -0.429  1.966   1.00 10.15 ? 138 GLY A CA    1 
ATOM   1097 C  C     . GLY A 1 139 ? 14.373  -0.898  1.185   1.00 10.62 ? 138 GLY A C     1 
ATOM   1098 O  O     . GLY A 1 139 ? 14.282  -2.061  0.758   1.00 10.68 ? 138 GLY A O     1 
ATOM   1099 N  N     . ILE A 1 140 ? 13.427  0.008   0.974   1.00 8.19  ? 139 ILE A N     1 
ATOM   1100 C  CA    . ILE A 1 140 ? 12.297  -0.307  0.075   1.00 9.44  ? 139 ILE A CA    1 
ATOM   1101 C  C     . ILE A 1 140 ? 12.036  0.817   -0.880  1.00 10.21 ? 139 ILE A C     1 
ATOM   1102 O  O     . ILE A 1 140 ? 12.503  1.969   -0.653  1.00 9.44  ? 139 ILE A O     1 
ATOM   1103 C  CB    . ILE A 1 140 ? 11.000  -0.511  0.925   1.00 8.14  ? 139 ILE A CB    1 
ATOM   1104 C  CG1   . ILE A 1 140 ? 10.495  0.820   1.574   1.00 9.34  ? 139 ILE A CG1   1 
ATOM   1105 C  CG2   . ILE A 1 140 ? 11.247  -1.646  1.952   1.00 8.21  ? 139 ILE A CG2   1 
ATOM   1106 C  CD1   . ILE A 1 140 ? 9.393   0.720   2.531   1.00 8.66  ? 139 ILE A CD1   1 
ATOM   1107 N  N     . PRO A 1 141 ? 11.281  0.521   -1.970  1.00 8.34  ? 140 PRO A N     1 
ATOM   1108 C  CA    . PRO A 1 141 ? 10.974  1.633   -2.920  1.00 10.32 ? 140 PRO A CA    1 
ATOM   1109 C  C     . PRO A 1 141 ? 10.050  2.674   -2.320  1.00 9.32  ? 140 PRO A C     1 
ATOM   1110 O  O     . PRO A 1 141 ? 9.231   2.366   -1.417  1.00 9.04  ? 140 PRO A O     1 
ATOM   1111 C  CB    . PRO A 1 141 ? 10.223  0.896   -4.048  1.00 9.78  ? 140 PRO A CB    1 
ATOM   1112 C  CG    . PRO A 1 141 ? 10.810  -0.563  -3.973  1.00 10.98 ? 140 PRO A CG    1 
ATOM   1113 C  CD    . PRO A 1 141 ? 10.804  -0.786  -2.454  1.00 9.44  ? 140 PRO A CD    1 
ATOM   1114 N  N     . PHE A 1 142 ? 10.127  3.885   -2.852  1.00 10.63 ? 141 PHE A N     1 
ATOM   1115 C  CA    . PHE A 1 142 ? 9.190   4.935   -2.500  1.00 9.02  ? 141 PHE A CA    1 
ATOM   1116 C  C     . PHE A 1 142 ? 8.642   5.538   -3.789  1.00 9.90  ? 141 PHE A C     1 
ATOM   1117 O  O     . PHE A 1 142 ? 9.431   5.876   -4.711  1.00 10.49 ? 141 PHE A O     1 
ATOM   1118 C  CB    . PHE A 1 142 ? 9.964   6.035   -1.717  1.00 9.76  ? 141 PHE A CB    1 
ATOM   1119 C  CG    . PHE A 1 142 ? 9.234   7.318   -1.640  1.00 9.91  ? 141 PHE A CG    1 
ATOM   1120 C  CD1   . PHE A 1 142 ? 7.890   7.371   -1.190  1.00 9.30  ? 141 PHE A CD1   1 
ATOM   1121 C  CD2   . PHE A 1 142 ? 9.865   8.504   -2.009  1.00 12.59 ? 141 PHE A CD2   1 
ATOM   1122 C  CE1   . PHE A 1 142 ? 7.225   8.647   -1.091  1.00 8.92  ? 141 PHE A CE1   1 
ATOM   1123 C  CE2   . PHE A 1 142 ? 9.163   9.760   -1.967  1.00 10.30 ? 141 PHE A CE2   1 
ATOM   1124 C  CZ    . PHE A 1 142 ? 7.868   9.817   -1.482  1.00 12.19 ? 141 PHE A CZ    1 
ATOM   1125 N  N     . ILE A 1 143 ? 7.332   5.659   -3.861  1.00 7.80  ? 142 ILE A N     1 
ATOM   1126 C  CA    . ILE A 1 143 ? 6.640   6.232   -5.034  1.00 9.86  ? 142 ILE A CA    1 
ATOM   1127 C  C     . ILE A 1 143 ? 5.654   7.287   -4.598  1.00 9.46  ? 142 ILE A C     1 
ATOM   1128 O  O     . ILE A 1 143 ? 4.925   7.069   -3.650  1.00 11.08 ? 142 ILE A O     1 
ATOM   1129 C  CB    . ILE A 1 143 ? 5.943   5.094   -5.859  1.00 9.12  ? 142 ILE A CB    1 
ATOM   1130 C  CG1   . ILE A 1 143 ? 6.991   4.123   -6.407  1.00 12.80 ? 142 ILE A CG1   1 
ATOM   1131 C  CG2   . ILE A 1 143 ? 5.165   5.688   -7.022  1.00 12.54 ? 142 ILE A CG2   1 
ATOM   1132 C  CD1   . ILE A 1 143 ? 6.376   2.724   -6.678  1.00 13.43 ? 142 ILE A CD1   1 
ATOM   1133 N  N     . GLU A 1 144 ? 5.592   8.441   -5.280  1.00 10.92 ? 143 GLU A N     1 
ATOM   1134 C  CA    . GLU A 1 144 ? 4.554   9.447   -4.999  1.00 11.93 ? 143 GLU A CA    1 
ATOM   1135 C  C     . GLU A 1 144 ? 3.460   9.225   -5.979  1.00 11.63 ? 143 GLU A C     1 
ATOM   1136 O  O     . GLU A 1 144 ? 3.696   9.010   -7.188  1.00 11.64 ? 143 GLU A O     1 
ATOM   1137 C  CB    . GLU A 1 144 ? 5.042   10.898  -5.071  1.00 13.03 ? 143 GLU A CB    1 
ATOM   1138 C  CG    . GLU A 1 144 ? 5.854   11.261  -3.818  1.00 13.99 ? 143 GLU A CG    1 
ATOM   1139 C  CD    . GLU A 1 144 ? 6.113   12.805  -3.647  1.00 18.58 ? 143 GLU A CD    1 
ATOM   1140 O  OE1   . GLU A 1 144 ? 5.693   13.569  -4.561  1.00 19.67 ? 143 GLU A OE1   1 
ATOM   1141 O  OE2   . GLU A 1 144 ? 6.757   13.228  -2.606  1.00 15.96 ? 143 GLU A OE2   1 
ATOM   1142 N  N     . THR A 1 145 ? 2.239   9.241   -5.463  1.00 10.48 ? 144 THR A N     1 
ATOM   1143 C  CA    . THR A 1 145 ? 1.066   8.835   -6.316  1.00 10.59 ? 144 THR A CA    1 
ATOM   1144 C  C     . THR A 1 145 ? 0.030   9.929   -6.243  1.00 10.66 ? 144 THR A C     1 
ATOM   1145 O  O     . THR A 1 145 ? 0.031   10.706  -5.290  1.00 8.91  ? 144 THR A O     1 
ATOM   1146 C  CB    . THR A 1 145 ? 0.388   7.531   -5.871  1.00 10.07 ? 144 THR A CB    1 
ATOM   1147 O  OG1   . THR A 1 145 ? -0.023  7.668   -4.499  1.00 11.35 ? 144 THR A OG1   1 
ATOM   1148 C  CG2   . THR A 1 145 ? 1.360   6.371   -5.917  1.00 8.71  ? 144 THR A CG2   1 
ATOM   1149 N  N     . SER A 1 146 ? -0.882  9.926   -7.226  1.00 11.72 ? 145 SER A N     1 
ATOM   1150 C  CA    . SER A 1 146 ? -2.155  10.632  -7.161  1.00 10.89 ? 145 SER A CA    1 
ATOM   1151 C  C     . SER A 1 146 ? -3.247  9.650   -7.576  1.00 11.75 ? 145 SER A C     1 
ATOM   1152 O  O     . SER A 1 146 ? -3.317  9.256   -8.740  1.00 12.69 ? 145 SER A O     1 
ATOM   1153 C  CB    . SER A 1 146 ? -2.204  11.836  -8.143  1.00 10.54 ? 145 SER A CB    1 
ATOM   1154 O  OG    . SER A 1 146 ? -3.536  12.444  -8.090  1.00 11.58 ? 145 SER A OG    1 
ATOM   1155 N  N     . ALA A 1 147 ? -4.058  9.230   -6.602  1.00 11.74 ? 146 ALA A N     1 
ATOM   1156 C  CA    . ALA A 1 147 ? -5.295  8.511   -6.937  1.00 11.67 ? 146 ALA A CA    1 
ATOM   1157 C  C     . ALA A 1 147 ? -6.176  9.347   -7.829  1.00 13.33 ? 146 ALA A C     1 
ATOM   1158 O  O     . ALA A 1 147 ? -6.942  8.786   -8.618  1.00 16.87 ? 146 ALA A O     1 
ATOM   1159 C  CB    . ALA A 1 147 ? -6.034  8.016   -5.650  1.00 11.79 ? 146 ALA A CB    1 
ATOM   1160 N  N     . LYS A 1 148 ? -6.085  10.672  -7.747  1.00 11.77 ? 147 LYS A N     1 
ATOM   1161 C  CA    . LYS A 1 148 ? -7.062  11.497  -8.512  1.00 13.30 ? 147 LYS A CA    1 
ATOM   1162 C  C     . LYS A 1 148 ? -6.656  11.472  -9.954  1.00 14.29 ? 147 LYS A C     1 
ATOM   1163 O  O     . LYS A 1 148 ? -7.534  11.219  -10.820 1.00 16.54 ? 147 LYS A O     1 
ATOM   1164 C  CB    . LYS A 1 148 ? -7.050  12.938  -8.018  1.00 15.42 ? 147 LYS A CB    1 
ATOM   1165 C  CG    . LYS A 1 148 ? -8.092  13.810  -8.740  1.00 16.26 ? 147 LYS A CG    1 
ATOM   1166 C  CD    . LYS A 1 148 ? -8.023  15.231  -8.142  1.00 23.03 ? 147 LYS A CD    1 
ATOM   1167 C  CE    . LYS A 1 148 ? -9.104  16.128  -8.686  1.00 25.88 ? 147 LYS A CE    1 
ATOM   1168 N  NZ    . LYS A 1 148 ? -9.217  17.383  -7.762  1.00 30.79 ? 147 LYS A NZ    1 
ATOM   1169 N  N     . THR A 1 149 ? -5.374  11.673  -10.261 1.00 13.71 ? 148 THR A N     1 
ATOM   1170 C  CA    . THR A 1 149 ? -4.929  11.659  -11.725 1.00 15.87 ? 148 THR A CA    1 
ATOM   1171 C  C     . THR A 1 149 ? -4.411  10.309  -12.246 1.00 16.82 ? 148 THR A C     1 
ATOM   1172 O  O     . THR A 1 149 ? -4.120  10.165  -13.472 1.00 17.04 ? 148 THR A O     1 
ATOM   1173 C  CB    . THR A 1 149 ? -3.820  12.657  -11.986 1.00 15.97 ? 148 THR A CB    1 
ATOM   1174 O  OG1   . THR A 1 149 ? -2.635  12.156  -11.357 1.00 13.59 ? 148 THR A OG1   1 
ATOM   1175 C  CG2   . THR A 1 149 ? -4.160  14.098  -11.473 1.00 16.67 ? 148 THR A CG2   1 
ATOM   1176 N  N     . ARG A 1 150 ? -4.287  9.343   -11.324 1.00 16.01 ? 149 ARG A N     1 
ATOM   1177 C  CA    . ARG A 1 150 ? -3.725  8.028   -11.535 1.00 16.50 ? 149 ARG A CA    1 
ATOM   1178 C  C     . ARG A 1 150 ? -2.196  7.966   -11.636 1.00 14.42 ? 149 ARG A C     1 
ATOM   1179 O  O     . ARG A 1 150 ? -1.630  6.892   -11.741 1.00 12.75 ? 149 ARG A O     1 
ATOM   1180 C  CB    . ARG A 1 150 ? -4.369  7.303   -12.732 1.00 16.81 ? 149 ARG A CB    1 
ATOM   1181 C  CG    . ARG A 1 150 ? -4.600  5.779   -12.425 1.00 18.96 ? 149 ARG A CG    1 
ATOM   1182 C  CD    . ARG A 1 150 ? -5.593  5.058   -13.407 1.00 22.33 ? 149 ARG A CD    1 
ATOM   1183 N  NE    . ARG A 1 150 ? -5.727  3.638   -13.038 1.00 22.33 ? 149 ARG A NE    1 
ATOM   1184 C  CZ    . ARG A 1 150 ? -4.813  2.733   -13.342 1.00 19.66 ? 149 ARG A CZ    1 
ATOM   1185 N  NH1   . ARG A 1 150 ? -3.722  3.129   -13.994 1.00 18.71 ? 149 ARG A NH1   1 
ATOM   1186 N  NH2   . ARG A 1 150 ? -4.969  1.432   -12.984 1.00 19.81 ? 149 ARG A NH2   1 
ATOM   1187 N  N     . GLN A 1 151 ? -1.529  9.105   -11.634 1.00 13.96 ? 150 GLN A N     1 
ATOM   1188 C  CA    . GLN A 1 151 ? -0.081  9.134   -11.599 1.00 14.64 ? 150 GLN A CA    1 
ATOM   1189 C  C     . GLN A 1 151 ? 0.534   8.208   -10.522 1.00 13.93 ? 150 GLN A C     1 
ATOM   1190 O  O     . GLN A 1 151 ? 0.280   8.358   -9.304  1.00 13.79 ? 150 GLN A O     1 
ATOM   1191 C  CB    . GLN A 1 151 ? 0.418   10.563  -11.451 1.00 16.32 ? 150 GLN A CB    1 
ATOM   1192 C  CG    . GLN A 1 151 ? 1.914   10.632  -11.624 1.00 18.45 ? 150 GLN A CG    1 
ATOM   1193 C  CD    . GLN A 1 151 ? 2.389   12.035  -11.870 1.00 25.92 ? 150 GLN A CD    1 
ATOM   1194 O  OE1   . GLN A 1 151 ? 2.324   12.543  -13.007 1.00 29.69 ? 150 GLN A OE1   1 
ATOM   1195 N  NE2   . GLN A 1 151 ? 2.885   12.677  -10.817 1.00 25.81 ? 150 GLN A NE2   1 
ATOM   1196 N  N     . GLY A 1 152 ? 1.359   7.250   -10.985 1.00 12.54 ? 151 GLY A N     1 
ATOM   1197 C  CA    . GLY A 1 152 ? 2.146   6.377   -10.053 1.00 11.53 ? 151 GLY A CA    1 
ATOM   1198 C  C     . GLY A 1 152 ? 1.358   5.180   -9.551  1.00 10.40 ? 151 GLY A C     1 
ATOM   1199 O  O     . GLY A 1 152 ? 1.941   4.347   -8.880  1.00 10.33 ? 151 GLY A O     1 
ATOM   1200 N  N     . VAL A 1 153 ? 0.052   5.088   -9.851  1.00 10.53 ? 152 VAL A N     1 
ATOM   1201 C  CA    . VAL A 1 153 ? -0.777  4.035   -9.278  1.00 10.46 ? 152 VAL A CA    1 
ATOM   1202 C  C     . VAL A 1 153 ? -0.357  2.644   -9.718  1.00 10.52 ? 152 VAL A C     1 
ATOM   1203 O  O     . VAL A 1 153 ? -0.137  1.781   -8.854  1.00 10.85 ? 152 VAL A O     1 
ATOM   1204 C  CB    . VAL A 1 153 ? -2.311  4.246   -9.529  1.00 8.77  ? 152 VAL A CB    1 
ATOM   1205 C  CG1   . VAL A 1 153 ? -3.135  3.013   -9.002  1.00 13.54 ? 152 VAL A CG1   1 
ATOM   1206 C  CG2   . VAL A 1 153 ? -2.797  5.542   -8.805  1.00 9.54  ? 152 VAL A CG2   1 
ATOM   1207 N  N     . ASP A 1 154 ? -0.291  2.398   -11.032 1.00 9.32  ? 153 ASP A N     1 
ATOM   1208 C  CA    . ASP A 1 154 ? 0.178   1.066   -11.425 1.00 10.97 ? 153 ASP A CA    1 
ATOM   1209 C  C     . ASP A 1 154 ? 1.590   0.823   -10.904 1.00 9.98  ? 153 ASP A C     1 
ATOM   1210 O  O     . ASP A 1 154 ? 1.901   -0.303  -10.451 1.00 10.04 ? 153 ASP A O     1 
ATOM   1211 C  CB    . ASP A 1 154 ? 0.155   0.869   -12.934 1.00 13.41 ? 153 ASP A CB    1 
ATOM   1212 C  CG    . ASP A 1 154 ? -1.280  0.776   -13.477 1.00 15.39 ? 153 ASP A CG    1 
ATOM   1213 O  OD1   . ASP A 1 154 ? -2.246  0.324   -12.744 1.00 17.93 ? 153 ASP A OD1   1 
ATOM   1214 O  OD2   . ASP A 1 154 ? -1.415  1.116   -14.675 1.00 18.88 ? 153 ASP A OD2   1 
ATOM   1215 N  N     . ASP A 1 155 ? 2.448   1.834   -10.937 1.00 10.25 ? 154 ASP A N     1 
ATOM   1216 C  CA    . ASP A 1 155 ? 3.819   1.667   -10.454 1.00 9.80  ? 154 ASP A CA    1 
ATOM   1217 C  C     . ASP A 1 155 ? 3.822   1.194   -9.020  1.00 10.35 ? 154 ASP A C     1 
ATOM   1218 O  O     . ASP A 1 155 ? 4.574   0.309   -8.657  1.00 9.55  ? 154 ASP A O     1 
ATOM   1219 C  CB    . ASP A 1 155 ? 4.582   2.999   -10.588 1.00 9.63  ? 154 ASP A CB    1 
ATOM   1220 C  CG    . ASP A 1 155 ? 6.083   2.894   -10.332 1.00 12.05 ? 154 ASP A CG    1 
ATOM   1221 O  OD1   . ASP A 1 155 ? 6.696   1.801   -10.500 1.00 12.29 ? 154 ASP A OD1   1 
ATOM   1222 O  OD2   . ASP A 1 155 ? 6.640   3.976   -9.988  1.00 13.87 ? 154 ASP A OD2   1 
ATOM   1223 N  N     . ALA A 1 156 ? 2.997   1.800   -8.164  1.00 9.37  ? 155 ALA A N     1 
ATOM   1224 C  CA    . ALA A 1 156 ? 3.026   1.441   -6.759  1.00 9.69  ? 155 ALA A CA    1 
ATOM   1225 C  C     . ALA A 1 156 ? 2.650   -0.035  -6.583  1.00 10.23 ? 155 ALA A C     1 
ATOM   1226 O  O     . ALA A 1 156 ? 3.402   -0.801  -5.958  1.00 10.61 ? 155 ALA A O     1 
ATOM   1227 C  CB    . ALA A 1 156 ? 2.009   2.288   -5.956  1.00 9.48  ? 155 ALA A CB    1 
ATOM   1228 N  N     . PHE A 1 157 ? 1.540   -0.456  -7.200  1.00 10.06 ? 156 PHE A N     1 
ATOM   1229 C  CA    . PHE A 1 157 ? 1.120   -1.845  -7.017  1.00 10.46 ? 156 PHE A CA    1 
ATOM   1230 C  C     . PHE A 1 157 ? 2.067   -2.852  -7.737  1.00 11.78 ? 156 PHE A C     1 
ATOM   1231 O  O     . PHE A 1 157 ? 2.385   -3.904  -7.212  1.00 11.17 ? 156 PHE A O     1 
ATOM   1232 C  CB    . PHE A 1 157 ? -0.325  -2.014  -7.473  1.00 11.49 ? 156 PHE A CB    1 
ATOM   1233 C  CG    . PHE A 1 157 ? -1.341  -1.377  -6.533  1.00 11.92 ? 156 PHE A CG    1 
ATOM   1234 C  CD1   . PHE A 1 157 ? -1.807  -2.079  -5.432  1.00 12.53 ? 156 PHE A CD1   1 
ATOM   1235 C  CD2   . PHE A 1 157 ? -1.816  -0.071  -6.762  1.00 13.69 ? 156 PHE A CD2   1 
ATOM   1236 C  CE1   . PHE A 1 157 ? -2.766  -1.542  -4.547  1.00 12.70 ? 156 PHE A CE1   1 
ATOM   1237 C  CE2   . PHE A 1 157 ? -2.757  0.515   -5.877  1.00 11.85 ? 156 PHE A CE2   1 
ATOM   1238 C  CZ    . PHE A 1 157 ? -3.221  -0.267  -4.741  1.00 11.31 ? 156 PHE A CZ    1 
ATOM   1239 N  N     . TYR A 1 158 ? 2.504   -2.507  -8.941  1.00 11.67 ? 157 TYR A N     1 
ATOM   1240 C  CA    . TYR A 1 158 ? 3.332   -3.450  -9.683  1.00 10.96 ? 157 TYR A CA    1 
ATOM   1241 C  C     . TYR A 1 158 ? 4.699   -3.542  -9.047  1.00 10.67 ? 157 TYR A C     1 
ATOM   1242 O  O     . TYR A 1 158 ? 5.280   -4.630  -9.044  1.00 8.87  ? 157 TYR A O     1 
ATOM   1243 C  CB    . TYR A 1 158 ? 3.464   -3.054  -11.138 1.00 11.31 ? 157 TYR A CB    1 
ATOM   1244 C  CG    . TYR A 1 158 ? 2.198   -3.188  -11.968 1.00 10.07 ? 157 TYR A CG    1 
ATOM   1245 C  CD1   . TYR A 1 158 ? 0.973   -3.566  -11.405 1.00 13.02 ? 157 TYR A CD1   1 
ATOM   1246 C  CD2   . TYR A 1 158 ? 2.240   -2.886  -13.332 1.00 15.50 ? 157 TYR A CD2   1 
ATOM   1247 C  CE1   . TYR A 1 158 ? -0.191  -3.714  -12.201 1.00 16.61 ? 157 TYR A CE1   1 
ATOM   1248 C  CE2   . TYR A 1 158 ? 1.084   -2.992  -14.113 1.00 17.26 ? 157 TYR A CE2   1 
ATOM   1249 C  CZ    . TYR A 1 158 ? -0.112  -3.375  -13.544 1.00 19.64 ? 157 TYR A CZ    1 
ATOM   1250 O  OH    . TYR A 1 158 ? -1.237  -3.501  -14.394 1.00 16.62 ? 157 TYR A OH    1 
ATOM   1251 N  N     . THR A 1 159 ? 5.228   -2.426  -8.513  1.00 10.62 ? 158 THR A N     1 
ATOM   1252 C  CA    . THR A 1 159 ? 6.522   -2.462  -7.801  1.00 10.56 ? 158 THR A CA    1 
ATOM   1253 C  C     . THR A 1 159 ? 6.377   -3.377  -6.587  1.00 10.24 ? 158 THR A C     1 
ATOM   1254 O  O     . THR A 1 159 ? 7.303   -4.192  -6.301  1.00 9.20  ? 158 THR A O     1 
ATOM   1255 C  CB    . THR A 1 159 ? 6.974   -1.064  -7.352  1.00 11.43 ? 158 THR A CB    1 
ATOM   1256 O  OG1   . THR A 1 159 ? 7.246   -0.275  -8.524  1.00 10.30 ? 158 THR A OG1   1 
ATOM   1257 C  CG2   . THR A 1 159 ? 8.263   -1.153  -6.426  1.00 12.02 ? 158 THR A CG2   1 
ATOM   1258 N  N     . LEU A 1 160 ? 5.231   -3.297  -5.911  1.00 10.21 ? 159 LEU A N     1 
ATOM   1259 C  CA    . LEU A 1 160 ? 5.036   -4.173  -4.769  1.00 9.37  ? 159 LEU A CA    1 
ATOM   1260 C  C     . LEU A 1 160 ? 5.080   -5.681  -5.194  1.00 10.05 ? 159 LEU A C     1 
ATOM   1261 O  O     . LEU A 1 160 ? 5.694   -6.487  -4.481  1.00 9.60  ? 159 LEU A O     1 
ATOM   1262 C  CB    . LEU A 1 160 ? 3.749   -3.802  -3.992  1.00 9.41  ? 159 LEU A CB    1 
ATOM   1263 C  CG    . LEU A 1 160 ? 3.553   -4.721  -2.764  1.00 9.00  ? 159 LEU A CG    1 
ATOM   1264 C  CD1   . LEU A 1 160 ? 4.696   -4.555  -1.718  1.00 9.82  ? 159 LEU A CD1   1 
ATOM   1265 C  CD2   . LEU A 1 160 ? 2.195   -4.305  -2.147  1.00 9.66  ? 159 LEU A CD2   1 
ATOM   1266 N  N     . VAL A 1 161 ? 4.378   -6.028  -6.301  1.00 9.85  ? 160 VAL A N     1 
ATOM   1267 C  CA    . VAL A 1 161 ? 4.460   -7.392  -6.856  1.00 10.67 ? 160 VAL A CA    1 
ATOM   1268 C  C     . VAL A 1 161 ? 5.939   -7.778  -7.135  1.00 8.43  ? 160 VAL A C     1 
ATOM   1269 O  O     . VAL A 1 161 ? 6.422   -8.865  -6.743  1.00 11.98 ? 160 VAL A O     1 
ATOM   1270 C  CB    . VAL A 1 161 ? 3.598   -7.489  -8.120  1.00 10.87 ? 160 VAL A CB    1 
ATOM   1271 C  CG1   . VAL A 1 161 ? 3.947   -8.744  -8.876  1.00 12.30 ? 160 VAL A CG1   1 
ATOM   1272 C  CG2   . VAL A 1 161 ? 2.144   -7.564  -7.702  1.00 10.86 ? 160 VAL A CG2   1 
ATOM   1273 N  N     . ARG A 1 162 ? 6.730   -6.864  -7.727  1.00 8.20  ? 161 ARG A N     1 
ATOM   1274 C  CA    . ARG A 1 162 ? 8.129   -7.103  -8.009  1.00 9.38  ? 161 ARG A CA    1 
ATOM   1275 C  C     . ARG A 1 162 ? 8.939   -7.342  -6.752  1.00 10.06 ? 161 ARG A C     1 
ATOM   1276 O  O     . ARG A 1 162 ? 9.861   -8.200  -6.762  1.00 11.42 ? 161 ARG A O     1 
ATOM   1277 C  CB    . ARG A 1 162 ? 8.729   -5.967  -8.912  1.00 8.91  ? 161 ARG A CB    1 
ATOM   1278 C  CG    . ARG A 1 162 ? 8.081   -6.036  -10.327 1.00 8.86  ? 161 ARG A CG    1 
ATOM   1279 C  CD    . ARG A 1 162 ? 8.411   -4.731  -11.122 1.00 15.04 ? 161 ARG A CD    1 
ATOM   1280 N  NE    . ARG A 1 162 ? 7.664   -4.626  -12.385 1.00 16.71 ? 161 ARG A NE    1 
ATOM   1281 C  CZ    . ARG A 1 162 ? 6.972   -3.573  -12.777 1.00 17.52 ? 161 ARG A CZ    1 
ATOM   1282 N  NH1   . ARG A 1 162 ? 6.958   -2.441  -12.054 1.00 17.47 ? 161 ARG A NH1   1 
ATOM   1283 N  NH2   . ARG A 1 162 ? 6.328   -3.627  -13.945 1.00 13.47 ? 161 ARG A NH2   1 
ATOM   1284 N  N     . GLU A 1 163 ? 8.570   -6.658  -5.652  1.00 10.46 ? 162 GLU A N     1 
ATOM   1285 C  CA    . GLU A 1 163 ? 9.294   -6.888  -4.350  1.00 9.94  ? 162 GLU A CA    1 
ATOM   1286 C  C     . GLU A 1 163 ? 8.952   -8.260  -3.820  1.00 9.31  ? 162 GLU A C     1 
ATOM   1287 O  O     . GLU A 1 163 ? 9.790   -8.941  -3.244  1.00 10.28 ? 162 GLU A O     1 
ATOM   1288 C  CB    . GLU A 1 163 ? 8.878   -5.848  -3.340  1.00 9.21  ? 162 GLU A CB    1 
ATOM   1289 C  CG    . GLU A 1 163 ? 9.463   -4.437  -3.614  1.00 12.13 ? 162 GLU A CG    1 
ATOM   1290 C  CD    . GLU A 1 163 ? 10.960  -4.405  -3.520  1.00 11.32 ? 162 GLU A CD    1 
ATOM   1291 O  OE1   . GLU A 1 163 ? 11.538  -4.343  -2.419  1.00 11.76 ? 162 GLU A OE1   1 
ATOM   1292 O  OE2   . GLU A 1 163 ? 11.560  -4.430  -4.572  1.00 15.71 ? 162 GLU A OE2   1 
ATOM   1293 N  N     . ILE A 1 164 ? 7.697   -8.643  -3.997  1.00 9.39  ? 163 ILE A N     1 
ATOM   1294 C  CA    . ILE A 1 164 ? 7.268   -9.977  -3.581  1.00 10.05 ? 163 ILE A CA    1 
ATOM   1295 C  C     . ILE A 1 164 ? 8.041   -11.056 -4.362  1.00 10.57 ? 163 ILE A C     1 
ATOM   1296 O  O     . ILE A 1 164 ? 8.546   -12.033 -3.771  1.00 11.45 ? 163 ILE A O     1 
ATOM   1297 C  CB    . ILE A 1 164 ? 5.691   -10.180 -3.720  1.00 8.45  ? 163 ILE A CB    1 
ATOM   1298 C  CG1   . ILE A 1 164 ? 4.924   -9.309  -2.680  1.00 9.92  ? 163 ILE A CG1   1 
ATOM   1299 C  CG2   . ILE A 1 164 ? 5.391   -11.693 -3.498  1.00 8.77  ? 163 ILE A CG2   1 
ATOM   1300 C  CD1   . ILE A 1 164 ? 3.466   -9.163  -3.029  1.00 9.57  ? 163 ILE A CD1   1 
ATOM   1301 N  N     . ARG A 1 165 ? 8.171   -10.898 -5.676  1.00 9.37  ? 164 ARG A N     1 
ATOM   1302 C  CA    . ARG A 1 165 ? 8.955   -11.850 -6.466  1.00 11.38 ? 164 ARG A CA    1 
ATOM   1303 C  C     . ARG A 1 165 ? 10.406  -11.960 -6.004  1.00 12.61 ? 164 ARG A C     1 
ATOM   1304 O  O     . ARG A 1 165 ? 11.005  -13.086 -5.968  1.00 13.07 ? 164 ARG A O     1 
ATOM   1305 C  CB    . ARG A 1 165 ? 8.975   -11.468 -7.940  1.00 12.16 ? 164 ARG A CB    1 
ATOM   1306 C  CG    . ARG A 1 165 ? 7.640   -11.594 -8.613  1.00 12.19 ? 164 ARG A CG    1 
ATOM   1307 C  CD    . ARG A 1 165 ? 7.788   -10.988 -10.022 1.00 11.69 ? 164 ARG A CD    1 
ATOM   1308 N  NE    . ARG A 1 165 ? 6.528   -11.032 -10.744 1.00 13.21 ? 164 ARG A NE    1 
ATOM   1309 C  CZ    . ARG A 1 165 ? 6.238   -10.245 -11.806 1.00 13.42 ? 164 ARG A CZ    1 
ATOM   1310 N  NH1   . ARG A 1 165 ? 7.098   -9.324  -12.229 1.00 13.56 ? 164 ARG A NH1   1 
ATOM   1311 N  NH2   . ARG A 1 165 ? 5.066   -10.397 -12.441 1.00 13.96 ? 164 ARG A NH2   1 
ATOM   1312 N  N     . LYS A 1 166 ? 11.010  -10.829 -5.624  1.00 13.17 ? 165 LYS A N     1 
ATOM   1313 C  CA    . LYS A 1 166 ? 12.394  -10.848 -5.126  1.00 13.96 ? 165 LYS A CA    1 
ATOM   1314 C  C     . LYS A 1 166 ? 12.477  -11.620 -3.842  1.00 13.88 ? 165 LYS A C     1 
ATOM   1315 O  O     . LYS A 1 166 ? 13.429  -12.370 -3.624  1.00 15.68 ? 165 LYS A O     1 
ATOM   1316 C  CB    . LYS A 1 166 ? 12.982  -9.421  -4.935  1.00 12.48 ? 165 LYS A CB    1 
ATOM   1317 C  CG    . LYS A 1 166 ? 13.144  -8.778  -6.324  1.00 18.77 ? 165 LYS A CG    1 
ATOM   1318 C  CD    . LYS A 1 166 ? 13.678  -7.347  -6.287  1.00 25.17 ? 165 LYS A CD    1 
ATOM   1319 C  CE    . LYS A 1 166 ? 14.072  -6.835  -7.724  1.00 28.71 ? 165 LYS A CE    1 
ATOM   1320 N  NZ    . LYS A 1 166 ? 12.905  -6.304  -8.616  1.00 30.11 ? 165 LYS A NZ    1 
ATOM   1321 N  N     . HIS A 1 167 ? 11.463  -11.488 -3.010  1.00 11.90 ? 166 HIS A N     1 
ATOM   1322 C  CA    . HIS A 1 167 ? 11.464  -12.213 -1.756  1.00 11.43 ? 166 HIS A CA    1 
ATOM   1323 C  C     . HIS A 1 167 ? 11.305  -13.715 -1.979  1.00 11.56 ? 166 HIS A C     1 
ATOM   1324 O  O     . HIS A 1 167 ? 11.982  -14.581 -1.307  1.00 11.35 ? 166 HIS A O     1 
ATOM   1325 C  CB    . HIS A 1 167 ? 10.320  -11.651 -0.897  1.00 11.96 ? 166 HIS A CB    1 
ATOM   1326 C  CG    . HIS A 1 167 ? 10.113  -12.378 0.392   1.00 14.40 ? 166 HIS A CG    1 
ATOM   1327 N  ND1   . HIS A 1 167 ? 11.020  -12.327 1.437   1.00 19.61 ? 166 HIS A ND1   1 
ATOM   1328 C  CD2   . HIS A 1 167 ? 9.122   -13.211 0.789   1.00 16.39 ? 166 HIS A CD2   1 
ATOM   1329 C  CE1   . HIS A 1 167 ? 10.610  -13.123 2.417   1.00 18.88 ? 166 HIS A CE1   1 
ATOM   1330 N  NE2   . HIS A 1 167 ? 9.455   -13.654 2.058   1.00 22.23 ? 166 HIS A NE2   1 
ATOM   1331 N  N     . LYS A 1 168 ? 10.408  -14.084 -2.932  1.00 11.71 ? 167 LYS A N     1 
ATOM   1332 C  CA    . LYS A 1 168 ? 10.115  -15.509 -3.186  1.00 12.15 ? 167 LYS A CA    1 
ATOM   1333 C  C     . LYS A 1 168 ? 11.312  -16.260 -3.755  1.00 13.57 ? 167 LYS A C     1 
ATOM   1334 O  O     . LYS A 1 168 ? 11.459  -17.455 -3.512  1.00 14.20 ? 167 LYS A O     1 
ATOM   1335 C  CB    . LYS A 1 168 ? 8.993   -15.625 -4.242  1.00 11.20 ? 167 LYS A CB    1 
ATOM   1336 C  CG    . LYS A 1 168 ? 7.606   -15.424 -3.643  1.00 15.20 ? 167 LYS A CG    1 
ATOM   1337 C  CD    . LYS A 1 168 ? 6.689   -15.361 -4.842  1.00 18.96 ? 167 LYS A CD    1 
ATOM   1338 C  CE    . LYS A 1 168 ? 5.303   -15.638 -4.475  1.00 19.87 ? 167 LYS A CE    1 
ATOM   1339 N  NZ    . LYS A 1 168 ? 4.576   -16.093 -5.735  1.00 15.28 ? 167 LYS A NZ    1 
ATOM   1340 N  N     . GLU A 1 169 ? 12.191  -15.580 -4.487  1.00 12.58 ? 168 GLU A N     1 
ATOM   1341 C  CA    . GLU A 1 169 ? 13.267  -16.293 -5.216  1.00 15.63 ? 168 GLU A CA    1 
ATOM   1342 C  C     . GLU A 1 169 ? 14.393  -16.681 -4.304  1.00 15.80 ? 168 GLU A C     1 
ATOM   1343 O  O     . GLU A 1 169 ? 15.320  -17.381 -4.716  1.00 15.64 ? 168 GLU A O     1 
ATOM   1344 C  CB    . GLU A 1 169 ? 13.776  -15.496 -6.438  1.00 15.85 ? 168 GLU A CB    1 
ATOM   1345 C  CG    . GLU A 1 169 ? 14.683  -14.360 -6.047  1.00 21.04 ? 168 GLU A CG    1 
ATOM   1346 C  CD    . GLU A 1 169 ? 15.175  -13.487 -7.241  1.00 27.65 ? 168 GLU A CD    1 
ATOM   1347 O  OE1   . GLU A 1 169 ? 15.469  -14.006 -8.333  1.00 27.87 ? 168 GLU A OE1   1 
ATOM   1348 O  OE2   . GLU A 1 169 ? 15.219  -12.253 -7.069  1.00 32.22 ? 168 GLU A OE2   1 
ATOM   1349 N  N     . LYS A 1 170 ? 14.349  -16.234 -3.056  1.00 16.89 ? 169 LYS A N     1 
ATOM   1350 C  CA    . LYS A 1 170 ? 15.464  -16.523 -2.173  1.00 20.02 ? 169 LYS A CA    1 
ATOM   1351 C  C     . LYS A 1 170 ? 15.579  -17.999 -1.764  1.00 23.04 ? 169 LYS A C     1 
ATOM   1352 O  O     . LYS A 1 170 ? 16.767  -18.383 -1.566  1.00 25.81 ? 169 LYS A O     1 
ATOM   1353 C  CB    . LYS A 1 170 ? 15.386  -15.635 -0.935  1.00 19.62 ? 169 LYS A CB    1 
ATOM   1354 C  CG    . LYS A 1 170 ? 15.691  -14.167 -1.329  1.00 20.79 ? 169 LYS A CG    1 
ATOM   1355 C  CD    . LYS A 1 170 ? 15.591  -13.235 -0.131  1.00 27.58 ? 169 LYS A CD    1 
ATOM   1356 C  CE    . LYS A 1 170 ? 16.037  -11.801 -0.542  1.00 29.73 ? 169 LYS A CE    1 
ATOM   1357 N  NZ    . LYS A 1 170 ? 16.015  -11.008 0.713   1.00 29.83 ? 169 LYS A NZ    1 
ATOM   1358 O  OXT   . LYS A 1 170 ? 14.585  -18.769 -1.594  1.00 24.82 ? 169 LYS A OXT   1 
HETATM 1359 P  PB    . GDP B 2 .   ? -8.715  6.210   3.067   1.00 13.89 ? 201 GDP A PB    1 
HETATM 1360 O  O1B   . GDP B 2 .   ? -9.397  4.997   2.412   1.00 11.02 ? 201 GDP A O1B   1 
HETATM 1361 O  O2B   . GDP B 2 .   ? -7.246  5.935   3.296   1.00 12.33 ? 201 GDP A O2B   1 
HETATM 1362 O  O3B   . GDP B 2 .   ? -9.376  6.547   4.369   1.00 14.32 ? 201 GDP A O3B   1 
HETATM 1363 O  O3A   . GDP B 2 .   ? -8.891  7.505   2.119   1.00 12.87 ? 201 GDP A O3A   1 
HETATM 1364 P  PA    . GDP B 2 .   ? -9.915  7.739   0.957   1.00 13.69 ? 201 GDP A PA    1 
HETATM 1365 O  O1A   . GDP B 2 .   ? -9.561  6.972   -0.264  1.00 12.35 ? 201 GDP A O1A   1 
HETATM 1366 O  O2A   . GDP B 2 .   ? -11.277 7.556   1.529   1.00 15.76 ? 201 GDP A O2A   1 
HETATM 1367 O  "O5'" . GDP B 2 .   ? -9.598  9.284   0.592   1.00 13.89 ? 201 GDP A "O5'" 1 
HETATM 1368 C  "C5'" . GDP B 2 .   ? -9.786  10.261  1.655   1.00 14.44 ? 201 GDP A "C5'" 1 
HETATM 1369 C  "C4'" . GDP B 2 .   ? -10.116 11.583  0.962   1.00 16.66 ? 201 GDP A "C4'" 1 
HETATM 1370 O  "O4'" . GDP B 2 .   ? -8.971  11.978  0.167   1.00 14.62 ? 201 GDP A "O4'" 1 
HETATM 1371 C  "C3'" . GDP B 2 .   ? -11.258 11.392  -0.027  1.00 17.44 ? 201 GDP A "C3'" 1 
HETATM 1372 O  "O3'" . GDP B 2 .   ? -11.958 12.641  0.004   1.00 20.79 ? 201 GDP A "O3'" 1 
HETATM 1373 C  "C2'" . GDP B 2 .   ? -10.589 11.225  -1.390  1.00 18.11 ? 201 GDP A "C2'" 1 
HETATM 1374 O  "O2'" . GDP B 2 .   ? -11.293 11.800  -2.491  1.00 24.10 ? 201 GDP A "O2'" 1 
HETATM 1375 C  "C1'" . GDP B 2 .   ? -9.348  12.058  -1.222  1.00 15.41 ? 201 GDP A "C1'" 1 
HETATM 1376 N  N9    . GDP B 2 .   ? -8.212  11.573  -1.996  1.00 12.42 ? 201 GDP A N9    1 
HETATM 1377 C  C8    . GDP B 2 .   ? -7.742  10.294  -1.969  1.00 10.62 ? 201 GDP A C8    1 
HETATM 1378 N  N7    . GDP B 2 .   ? -6.681  10.182  -2.798  1.00 11.84 ? 201 GDP A N7    1 
HETATM 1379 C  C5    . GDP B 2 .   ? -6.440  11.433  -3.329  1.00 12.63 ? 201 GDP A C5    1 
HETATM 1380 C  C6    . GDP B 2 .   ? -5.513  12.016  -4.272  1.00 14.48 ? 201 GDP A C6    1 
HETATM 1381 O  O6    . GDP B 2 .   ? -4.586  11.357  -4.758  1.00 14.34 ? 201 GDP A O6    1 
HETATM 1382 N  N1    . GDP B 2 .   ? -5.603  13.321  -4.559  1.00 15.87 ? 201 GDP A N1    1 
HETATM 1383 C  C2    . GDP B 2 .   ? -6.590  14.117  -4.067  1.00 18.96 ? 201 GDP A C2    1 
HETATM 1384 N  N2    . GDP B 2 .   ? -6.620  15.434  -4.429  1.00 20.70 ? 201 GDP A N2    1 
HETATM 1385 N  N3    . GDP B 2 .   ? -7.510  13.659  -3.198  1.00 14.87 ? 201 GDP A N3    1 
HETATM 1386 C  C4    . GDP B 2 .   ? -7.490  12.328  -2.817  1.00 13.45 ? 201 GDP A C4    1 
HETATM 1387 MG MG    . MG  C 3 .   ? -10.853 3.711   2.936   1.00 14.19 ? 202 MG  A MG    1 
HETATM 1388 C  CAD   . 0QR D 4 .   ? -8.223  -11.566 7.132   1.00 26.96 ? 203 0QR A CAD   1 
HETATM 1389 C  CAE   . 0QR D 4 .   ? -8.653  -10.674 8.119   1.00 21.94 ? 203 0QR A CAE   1 
HETATM 1390 C  CAF   . 0QR D 4 .   ? -9.339  -9.530  7.617   1.00 28.61 ? 203 0QR A CAF   1 
HETATM 1391 F  FAG   . 0QR D 4 .   ? -9.790  -8.593  8.455   1.00 26.91 ? 203 0QR A FAG   1 
HETATM 1392 C  CAH   . 0QR D 4 .   ? -9.605  -9.284  6.244   1.00 30.17 ? 203 0QR A CAH   1 
HETATM 1393 C  CAI   . 0QR D 4 .   ? -9.177  -10.203 5.276   1.00 29.23 ? 203 0QR A CAI   1 
HETATM 1394 C  CAC   . 0QR D 4 .   ? -8.477  -11.330 5.761   1.00 28.14 ? 203 0QR A CAC   1 
HETATM 1395 S  SAB   . 0QR D 4 .   ? -7.918  -12.553 4.586   1.00 27.92 ? 203 0QR A SAB   1 
HETATM 1396 O  OAA   . 0QR D 4 .   ? -9.023  -13.635 4.440   1.00 30.64 ? 203 0QR A OAA   1 
HETATM 1397 O  OAR   . 0QR D 4 .   ? -6.645  -13.142 5.186   1.00 27.19 ? 203 0QR A OAR   1 
HETATM 1398 N  NA2   . 0QR D 4 .   ? -7.789  -11.828 3.088   1.00 26.07 ? 203 0QR A NA2   1 
HETATM 1399 C  CAK   . 0QR D 4 .   ? -6.639  -11.166 2.731   1.00 23.72 ? 203 0QR A CAK   1 
HETATM 1400 N  NA3   . 0QR D 4 .   ? -6.594  -10.680 1.455   1.00 20.70 ? 203 0QR A NA3   1 
HETATM 1401 C  CAQ   . 0QR D 4 .   ? -5.532  -10.979 3.589   1.00 20.93 ? 203 0QR A CAQ   1 
HETATM 1402 C  CAP   . 0QR D 4 .   ? -4.383  -10.272 3.102   1.00 17.09 ? 203 0QR A CAP   1 
HETATM 1403 C  CAO   . 0QR D 4 .   ? -4.404  -9.754  1.774   1.00 19.89 ? 203 0QR A CAO   1 
HETATM 1404 C  CAM   . 0QR D 4 .   ? -5.528  -10.009 0.970   1.00 22.35 ? 203 0QR A CAM   1 
HETATM 1405 N  NA1   . 0QR D 4 .   ? -5.636  -9.594  -0.288  1.00 22.67 ? 203 0QR A NA1   1 
HETATM 1406 O  O     . HOH E 5 .   ? 11.776  -8.071  -1.449  1.00 18.97 ? 301 HOH A O     1 
HETATM 1407 O  O     . HOH E 5 .   ? -0.213  6.458   7.136   1.00 11.95 ? 302 HOH A O     1 
HETATM 1408 O  O     . HOH E 5 .   ? 2.012   4.383   -12.453 1.00 11.53 ? 303 HOH A O     1 
HETATM 1409 O  O     . HOH E 5 .   ? -0.747  4.546   -13.078 1.00 12.44 ? 304 HOH A O     1 
HETATM 1410 O  O     . HOH E 5 .   ? 10.240  -4.119  -0.183  1.00 13.28 ? 305 HOH A O     1 
HETATM 1411 O  O     . HOH E 5 .   ? -12.682 2.689   3.529   1.00 11.75 ? 306 HOH A O     1 
HETATM 1412 O  O     . HOH E 5 .   ? -3.190  -1.732  9.291   1.00 15.34 ? 307 HOH A O     1 
HETATM 1413 O  O     . HOH E 5 .   ? 5.796   6.425   -10.720 1.00 14.11 ? 308 HOH A O     1 
HETATM 1414 O  O     . HOH E 5 .   ? -8.194  3.819   7.550   1.00 20.92 ? 309 HOH A O     1 
HETATM 1415 O  O     . HOH E 5 .   ? -4.211  0.456   7.793   1.00 13.05 ? 310 HOH A O     1 
HETATM 1416 O  O     . HOH E 5 .   ? -7.306  -2.788  9.174   1.00 14.05 ? 311 HOH A O     1 
HETATM 1417 O  O     . HOH E 5 .   ? -10.572 5.871   -6.830  1.00 16.98 ? 312 HOH A O     1 
HETATM 1418 O  O     . HOH E 5 .   ? -9.664  2.079   3.182   1.00 12.48 ? 313 HOH A O     1 
HETATM 1419 O  O     . HOH E 5 .   ? -4.594  14.358  3.472   1.00 14.56 ? 314 HOH A O     1 
HETATM 1420 O  O     . HOH E 5 .   ? -0.692  16.011  10.680  1.00 19.59 ? 315 HOH A O     1 
HETATM 1421 O  O     . HOH E 5 .   ? 16.156  -11.687 -3.975  1.00 22.02 ? 316 HOH A O     1 
HETATM 1422 O  O     . HOH E 5 .   ? 15.097  14.823  -2.969  1.00 23.25 ? 317 HOH A O     1 
HETATM 1423 O  O     . HOH E 5 .   ? 2.109   -15.248 -4.654  1.00 19.03 ? 318 HOH A O     1 
HETATM 1424 O  O     . HOH E 5 .   ? -12.732 -1.082  1.406   1.00 16.80 ? 319 HOH A O     1 
HETATM 1425 O  O     . HOH E 5 .   ? 6.684   -14.096 -11.143 1.00 16.16 ? 320 HOH A O     1 
HETATM 1426 O  O     . HOH E 5 .   ? 3.013   11.559  -8.405  1.00 19.38 ? 321 HOH A O     1 
HETATM 1427 O  O     . HOH E 5 .   ? -15.864 -3.218  6.384   1.00 28.47 ? 322 HOH A O     1 
HETATM 1428 O  O     . HOH E 5 .   ? 3.735   -17.643 -11.949 1.00 18.55 ? 323 HOH A O     1 
HETATM 1429 O  O     . HOH E 5 .   ? 4.101   -13.681 3.718   1.00 18.93 ? 324 HOH A O     1 
HETATM 1430 O  O     . HOH E 5 .   ? 5.078   8.604   -9.489  1.00 20.13 ? 325 HOH A O     1 
HETATM 1431 O  O     . HOH E 5 .   ? 0.210   17.900  8.182   1.00 15.86 ? 326 HOH A O     1 
HETATM 1432 O  O     . HOH E 5 .   ? -6.003  -19.290 -13.421 1.00 26.04 ? 327 HOH A O     1 
HETATM 1433 O  O     . HOH E 5 .   ? 18.460  -17.219 -4.208  1.00 29.98 ? 328 HOH A O     1 
HETATM 1434 O  O     . HOH E 5 .   ? 7.838   -11.895 4.392   1.00 21.70 ? 329 HOH A O     1 
HETATM 1435 O  O     . HOH E 5 .   ? 3.765   -15.173 12.282  1.00 24.22 ? 330 HOH A O     1 
HETATM 1436 O  O     . HOH E 5 .   ? 9.336   6.675   -7.471  1.00 18.68 ? 331 HOH A O     1 
HETATM 1437 O  O     . HOH E 5 .   ? 11.784  9.578   -5.242  1.00 26.22 ? 332 HOH A O     1 
HETATM 1438 O  O     . HOH E 5 .   ? 10.018  -9.019  -11.575 1.00 19.09 ? 333 HOH A O     1 
HETATM 1439 O  O     . HOH E 5 .   ? -4.056  -10.398 18.254  1.00 23.28 ? 334 HOH A O     1 
HETATM 1440 O  O     . HOH E 5 .   ? -11.292 8.441   4.362   1.00 14.46 ? 335 HOH A O     1 
HETATM 1441 O  O     . HOH E 5 .   ? -1.158  -15.797 -2.866  1.00 29.54 ? 336 HOH A O     1 
HETATM 1442 O  O     . HOH E 5 .   ? -6.054  2.630   8.956   1.00 18.70 ? 337 HOH A O     1 
HETATM 1443 O  O     . HOH E 5 .   ? -12.220 5.269   2.487   1.00 12.45 ? 338 HOH A O     1 
HETATM 1444 O  O     . HOH E 5 .   ? 9.031   5.225   -9.983  1.00 19.68 ? 339 HOH A O     1 
HETATM 1445 O  O     . HOH E 5 .   ? 4.652   -2.059  -15.745 1.00 26.09 ? 340 HOH A O     1 
HETATM 1446 O  O     . HOH E 5 .   ? -5.849  18.318  -7.664  1.00 25.15 ? 341 HOH A O     1 
HETATM 1447 O  O     . HOH E 5 .   ? -2.778  -16.577 11.206  1.00 16.29 ? 342 HOH A O     1 
HETATM 1448 O  O     . HOH E 5 .   ? -7.603  -4.441  15.276  1.00 23.56 ? 343 HOH A O     1 
HETATM 1449 O  O     . HOH E 5 .   ? 13.469  -12.471 8.846   1.00 24.58 ? 344 HOH A O     1 
HETATM 1450 O  O     . HOH E 5 .   ? 7.973   -10.600 16.099  1.00 12.58 ? 345 HOH A O     1 
HETATM 1451 O  O     . HOH E 5 .   ? 2.130   19.435  9.589   1.00 21.89 ? 346 HOH A O     1 
HETATM 1452 O  O     . HOH E 5 .   ? 14.208  -6.023  12.238  1.00 33.40 ? 347 HOH A O     1 
HETATM 1453 O  O     . HOH E 5 .   ? 7.638   8.911   -7.247  1.00 13.05 ? 348 HOH A O     1 
HETATM 1454 O  O     . HOH E 5 .   ? 3.638   -14.246 7.903   1.00 18.00 ? 349 HOH A O     1 
HETATM 1455 O  O     . HOH E 5 .   ? 11.163  -8.823  -9.208  1.00 17.76 ? 350 HOH A O     1 
HETATM 1456 O  O     . HOH E 5 .   ? -10.605 4.129   4.900   1.00 11.29 ? 351 HOH A O     1 
HETATM 1457 O  O     . HOH E 5 .   ? -3.179  9.376   12.050  1.00 23.43 ? 352 HOH A O     1 
HETATM 1458 O  O     . HOH E 5 .   ? -12.321 9.160   -12.930 1.00 31.85 ? 353 HOH A O     1 
HETATM 1459 O  O     . HOH E 5 .   ? -13.133 -6.824  20.538  1.00 19.36 ? 354 HOH A O     1 
HETATM 1460 O  O     . HOH E 5 .   ? -10.852 4.142   8.869   1.00 18.66 ? 355 HOH A O     1 
HETATM 1461 O  O     . HOH E 5 .   ? 5.088   -14.376 -1.001  1.00 20.89 ? 356 HOH A O     1 
HETATM 1462 O  O     . HOH E 5 .   ? -3.505  -12.331 -19.941 1.00 20.24 ? 357 HOH A O     1 
HETATM 1463 O  O     . HOH E 5 .   ? -2.562  -19.983 -7.944  1.00 21.09 ? 358 HOH A O     1 
HETATM 1464 O  O     . HOH E 5 .   ? 10.320  -14.794 -7.878  1.00 15.88 ? 359 HOH A O     1 
HETATM 1465 O  O     . HOH E 5 .   ? 14.053  3.764   -1.915  1.00 19.42 ? 360 HOH A O     1 
HETATM 1466 O  O     . HOH E 5 .   ? -7.828  15.094  -0.189  1.00 22.53 ? 361 HOH A O     1 
HETATM 1467 O  O     . HOH E 5 .   ? 9.084   -1.342  -10.259 1.00 18.41 ? 362 HOH A O     1 
HETATM 1468 O  O     . HOH E 5 .   ? 0.322   -11.541 16.999  1.00 25.25 ? 363 HOH A O     1 
HETATM 1469 O  O     . HOH E 5 .   ? 3.935   1.245   -13.845 1.00 25.10 ? 364 HOH A O     1 
HETATM 1470 O  O     . HOH E 5 .   ? 17.118  11.807  0.201   1.00 21.62 ? 365 HOH A O     1 
HETATM 1471 O  O     . HOH E 5 .   ? 13.655  -5.078  8.044   1.00 25.07 ? 366 HOH A O     1 
HETATM 1472 O  O     . HOH E 5 .   ? -1.091  -18.166 -6.308  1.00 21.82 ? 367 HOH A O     1 
HETATM 1473 O  O     . HOH E 5 .   ? 13.694  -6.462  -3.227  1.00 22.54 ? 368 HOH A O     1 
HETATM 1474 O  O     . HOH E 5 .   ? 18.282  1.806   1.028   1.00 22.86 ? 369 HOH A O     1 
HETATM 1475 O  O     . HOH E 5 .   ? 13.367  -10.084 -0.325  1.00 23.57 ? 370 HOH A O     1 
HETATM 1476 O  O     . HOH E 5 .   ? 7.180   -1.099  19.788  1.00 27.36 ? 371 HOH A O     1 
HETATM 1477 O  O     . HOH E 5 .   ? 4.247   -4.613  -16.845 1.00 29.51 ? 372 HOH A O     1 
HETATM 1478 O  O     . HOH E 5 .   ? 11.129  -6.002  6.093   1.00 22.48 ? 373 HOH A O     1 
HETATM 1479 O  O     . HOH E 5 .   ? 0.810   -16.612 -13.206 1.00 18.05 ? 374 HOH A O     1 
HETATM 1480 O  O     . HOH E 5 .   ? 11.441  -13.450 -10.005 1.00 22.12 ? 375 HOH A O     1 
HETATM 1481 O  O     . HOH E 5 .   ? 13.837  -3.923  3.154   1.00 35.32 ? 376 HOH A O     1 
HETATM 1482 O  O     . HOH E 5 .   ? -2.776  5.388   11.499  1.00 18.59 ? 377 HOH A O     1 
HETATM 1483 O  O     . HOH E 5 .   ? -9.342  -7.306  19.902  1.00 23.04 ? 378 HOH A O     1 
HETATM 1484 O  O     . HOH E 5 .   ? 5.852   -12.039 1.992   1.00 21.81 ? 379 HOH A O     1 
HETATM 1485 O  O     . HOH E 5 .   ? 5.017   13.768  -7.232  1.00 20.16 ? 380 HOH A O     1 
HETATM 1486 O  O     . HOH E 5 .   ? 18.745  -16.955 -0.335  1.00 36.54 ? 381 HOH A O     1 
HETATM 1487 O  O     . HOH E 5 .   ? 3.230   11.227  15.400  1.00 27.11 ? 382 HOH A O     1 
HETATM 1488 O  O     . HOH E 5 .   ? -13.084 -7.949  -6.609  1.00 35.51 ? 383 HOH A O     1 
HETATM 1489 O  O     . HOH E 5 .   ? 3.746   -6.991  -19.396 1.00 23.66 ? 384 HOH A O     1 
HETATM 1490 O  O     . HOH E 5 .   ? -2.880  -1.613  12.056  1.00 24.73 ? 385 HOH A O     1 
HETATM 1491 O  O     . HOH E 5 .   ? -4.564  12.304  5.015   1.00 26.76 ? 386 HOH A O     1 
HETATM 1492 O  O     . HOH E 5 .   ? -5.537  -17.985 -9.500  1.00 29.88 ? 387 HOH A O     1 
HETATM 1493 O  O     . HOH E 5 .   ? 6.368   0.180   -12.697 1.00 25.40 ? 388 HOH A O     1 
HETATM 1494 O  O     . HOH E 5 .   ? -0.803  14.077  -11.119 1.00 36.15 ? 389 HOH A O     1 
HETATM 1495 O  O     . HOH E 5 .   ? -5.986  6.120   11.288  1.00 18.30 ? 390 HOH A O     1 
HETATM 1496 O  O     . HOH E 5 .   ? -11.624 10.349  6.003   1.00 22.45 ? 391 HOH A O     1 
HETATM 1497 O  O     . HOH E 5 .   ? 12.426  10.685  7.043   1.00 22.93 ? 392 HOH A O     1 
HETATM 1498 O  O     . HOH E 5 .   ? 0.797   -12.903 -20.216 1.00 21.64 ? 393 HOH A O     1 
HETATM 1499 O  O     . HOH E 5 .   ? -5.955  -3.253  12.743  1.00 27.24 ? 394 HOH A O     1 
HETATM 1500 O  O     . HOH E 5 .   ? -19.367 4.953   0.575   1.00 26.29 ? 395 HOH A O     1 
HETATM 1501 O  O     . HOH E 5 .   ? -5.532  -8.114  21.671  1.00 29.92 ? 396 HOH A O     1 
HETATM 1502 O  O     . HOH E 5 .   ? 11.881  7.040   -4.533  1.00 20.18 ? 397 HOH A O     1 
HETATM 1503 O  O     . HOH E 5 .   ? -8.606  17.367  -3.548  1.00 38.80 ? 398 HOH A O     1 
HETATM 1504 O  O     . HOH E 5 .   ? -12.016 -6.909  -11.158 1.00 31.77 ? 399 HOH A O     1 
HETATM 1505 O  O     . HOH E 5 .   ? 5.506   -15.046 -8.138  1.00 19.22 ? 400 HOH A O     1 
HETATM 1506 O  O     . HOH E 5 .   ? -6.428  16.816  1.325   1.00 21.69 ? 401 HOH A O     1 
HETATM 1507 O  O     . HOH E 5 .   ? 6.243   -14.482 7.981   1.00 29.49 ? 402 HOH A O     1 
HETATM 1508 O  O     . HOH E 5 .   ? 13.321  12.683  -6.950  1.00 29.84 ? 403 HOH A O     1 
HETATM 1509 O  O     . HOH E 5 .   ? -3.542  11.282  10.254  1.00 22.22 ? 404 HOH A O     1 
HETATM 1510 O  O     . HOH E 5 .   ? -0.790  -2.404  -17.179 1.00 35.27 ? 405 HOH A O     1 
HETATM 1511 O  O     . HOH E 5 .   ? 10.630  -4.421  3.996   1.00 28.00 ? 406 HOH A O     1 
HETATM 1512 O  O     . HOH E 5 .   ? 11.040  10.144  9.267   1.00 39.67 ? 407 HOH A O     1 
HETATM 1513 O  O     . HOH E 5 .   ? -2.525  -5.657  -17.291 1.00 25.69 ? 408 HOH A O     1 
HETATM 1514 O  O     . HOH E 5 .   ? -4.860  2.555   11.220  1.00 34.45 ? 409 HOH A O     1 
HETATM 1515 O  O     . HOH E 5 .   ? -2.283  -13.366 16.399  1.00 21.50 ? 410 HOH A O     1 
HETATM 1516 O  O     . HOH E 5 .   ? -6.698  12.316  6.879   1.00 27.61 ? 411 HOH A O     1 
HETATM 1517 O  O     . HOH E 5 .   ? 6.535   12.890  0.247   1.00 17.35 ? 412 HOH A O     1 
HETATM 1518 O  O     . HOH E 5 .   ? 12.270  -5.117  1.510   1.00 21.20 ? 413 HOH A O     1 
HETATM 1519 O  O     . HOH E 5 .   ? 4.341   5.765   14.344  1.00 27.37 ? 414 HOH A O     1 
HETATM 1520 O  O     . HOH E 5 .   ? -12.611 -7.129  7.950   1.00 36.68 ? 415 HOH A O     1 
HETATM 1521 O  O     . HOH E 5 .   ? -0.544  -15.781 1.658   1.00 25.89 ? 416 HOH A O     1 
HETATM 1522 O  O     . HOH E 5 .   ? -17.153 9.589   -5.560  1.00 40.44 ? 417 HOH A O     1 
HETATM 1523 O  O     . HOH E 5 .   ? -8.754  -11.255 -0.031  1.00 24.49 ? 418 HOH A O     1 
HETATM 1524 O  O     . HOH E 5 .   ? -9.879  -8.665  -13.986 1.00 35.51 ? 419 HOH A O     1 
HETATM 1525 O  O     . HOH E 5 .   ? 13.470  6.680   -2.216  1.00 18.54 ? 420 HOH A O     1 
HETATM 1526 O  O     . HOH E 5 .   ? -0.534  -14.124 18.451  1.00 25.10 ? 421 HOH A O     1 
HETATM 1527 O  O     . HOH E 5 .   ? 11.312  -7.683  1.066   1.00 21.56 ? 422 HOH A O     1 
HETATM 1528 O  O     . HOH E 5 .   ? 16.472  -9.457  -7.782  1.00 43.42 ? 423 HOH A O     1 
HETATM 1529 O  O     . HOH E 5 .   ? 13.731  -15.051 -10.109 1.00 32.14 ? 424 HOH A O     1 
HETATM 1530 O  O     . HOH E 5 .   ? 12.529  -11.049 -9.102  1.00 25.43 ? 425 HOH A O     1 
HETATM 1531 O  O     . HOH E 5 .   ? 10.499  -12.337 -12.381 1.00 26.62 ? 426 HOH A O     1 
HETATM 1532 O  O     . HOH E 5 .   ? 5.398   -17.663 -9.684  1.00 24.03 ? 427 HOH A O     1 
HETATM 1533 O  O     . HOH E 5 .   ? 2.666   -16.981 6.607   1.00 33.02 ? 428 HOH A O     1 
HETATM 1534 O  O     . HOH E 5 .   ? -6.408  -23.934 -11.413 1.00 31.10 ? 429 HOH A O     1 
HETATM 1535 O  O     . HOH E 5 .   ? -13.541 9.233   2.036   1.00 33.36 ? 430 HOH A O     1 
HETATM 1536 O  O     . HOH E 5 .   ? -5.820  17.232  -10.662 1.00 32.73 ? 431 HOH A O     1 
HETATM 1537 O  O     . HOH E 5 .   ? 3.349   21.660  9.150   1.00 28.97 ? 432 HOH A O     1 
HETATM 1538 O  O     . HOH E 5 .   ? -16.328 -8.387  12.066  1.00 25.66 ? 433 HOH A O     1 
HETATM 1539 O  O     . HOH E 5 .   ? -12.245 5.742   10.560  1.00 22.51 ? 434 HOH A O     1 
HETATM 1540 O  O     . HOH E 5 .   ? -5.311  -10.489 -18.669 1.00 42.18 ? 435 HOH A O     1 
HETATM 1541 O  O     . HOH E 5 .   ? -8.115  -6.594  -16.045 1.00 41.28 ? 436 HOH A O     1 
HETATM 1542 O  O     . HOH E 5 .   ? -10.678 -6.570  -15.472 1.00 38.31 ? 437 HOH A O     1 
HETATM 1543 O  O     . HOH E 5 .   ? 7.978   -0.709  -14.828 1.00 30.59 ? 438 HOH A O     1 
HETATM 1544 O  O     . HOH E 5 .   ? 0.912   -19.979 -5.670  1.00 43.82 ? 439 HOH A O     1 
HETATM 1545 O  O     . HOH E 5 .   ? 19.854  1.216   5.082   1.00 35.38 ? 440 HOH A O     1 
HETATM 1546 O  O     . HOH E 5 .   ? 20.821  6.161   5.539   1.00 39.31 ? 441 HOH A O     1 
HETATM 1547 O  O     . HOH E 5 .   ? 7.677   -5.125  -18.263 1.00 41.26 ? 442 HOH A O     1 
HETATM 1548 O  O     . HOH E 5 .   ? 7.888   -12.924 -13.227 1.00 20.72 ? 443 HOH A O     1 
HETATM 1549 O  O     . HOH E 5 .   ? -8.431  -10.943 19.259  1.00 21.86 ? 444 HOH A O     1 
HETATM 1550 O  O     . HOH E 5 .   ? 2.905   17.697  -5.141  1.00 33.69 ? 445 HOH A O     1 
HETATM 1551 O  O     . HOH E 5 .   ? 4.617   20.920  -2.983  1.00 26.06 ? 446 HOH A O     1 
HETATM 1552 O  O     . HOH E 5 .   ? 2.386   8.551   14.850  1.00 29.16 ? 447 HOH A O     1 
HETATM 1553 O  O     . HOH E 5 .   ? -16.828 -5.481  4.279   1.00 33.65 ? 448 HOH A O     1 
HETATM 1554 O  O     . HOH E 5 .   ? -16.260 -0.325  -4.185  1.00 42.33 ? 449 HOH A O     1 
HETATM 1555 O  O     . HOH E 5 .   ? -5.194  -1.142  13.624  1.00 31.80 ? 450 HOH A O     1 
HETATM 1556 O  O     . HOH E 5 .   ? -10.469 15.363  0.632   1.00 31.16 ? 451 HOH A O     1 
HETATM 1557 O  O     . HOH E 5 .   ? -5.220  1.840   13.878  1.00 34.16 ? 452 HOH A O     1 
HETATM 1558 O  O     . HOH E 5 .   ? 7.558   -13.819 6.045   1.00 37.61 ? 453 HOH A O     1 
HETATM 1559 O  O     . HOH E 5 .   ? 10.637  -13.929 6.373   1.00 44.41 ? 454 HOH A O     1 
HETATM 1560 O  O     . HOH E 5 .   ? 11.437  -16.509 0.711   1.00 24.51 ? 455 HOH A O     1 
HETATM 1561 O  O     . HOH E 5 .   ? 14.280  13.236  6.851   1.00 38.29 ? 456 HOH A O     1 
HETATM 1562 O  O     . HOH E 5 .   ? 4.753   -1.053  16.666  1.00 38.37 ? 457 HOH A O     1 
HETATM 1563 O  O     . HOH E 5 .   ? 14.437  -14.413 -12.687 1.00 29.82 ? 458 HOH A O     1 
HETATM 1564 O  O     . HOH E 5 .   ? 6.640   20.311  7.140   1.00 21.81 ? 459 HOH A O     1 
HETATM 1565 O  O     . HOH E 5 .   ? 6.453   16.778  7.711   1.00 35.36 ? 460 HOH A O     1 
HETATM 1566 O  O     . HOH E 5 .   ? -6.610  -22.334 -14.125 1.00 35.10 ? 461 HOH A O     1 
HETATM 1567 O  O     . HOH E 5 .   ? 2.293   -18.916 -7.732  1.00 27.23 ? 462 HOH A O     1 
HETATM 1568 O  O     . HOH E 5 .   ? -12.316 8.402   -1.666  1.00 28.40 ? 463 HOH A O     1 
HETATM 1569 O  O     . HOH E 5 .   ? -18.648 5.678   -2.148  1.00 33.00 ? 464 HOH A O     1 
HETATM 1570 O  O     . HOH E 5 .   ? -17.097 -0.173  9.912   1.00 23.96 ? 465 HOH A O     1 
HETATM 1571 O  O     . HOH E 5 .   ? -19.107 0.349   7.666   1.00 26.10 ? 466 HOH A O     1 
HETATM 1572 O  O     . HOH E 5 .   ? -18.485 -2.044  6.712   1.00 30.08 ? 467 HOH A O     1 
HETATM 1573 O  O     . HOH E 5 .   ? -3.359  -2.323  -13.260 1.00 29.82 ? 468 HOH A O     1 
HETATM 1574 O  O     . HOH E 5 .   ? 10.771  -7.068  -13.142 1.00 28.27 ? 469 HOH A O     1 
HETATM 1575 O  O     . HOH E 5 .   ? -0.753  -16.972 -16.150 1.00 25.13 ? 470 HOH A O     1 
HETATM 1576 O  O     . HOH E 5 .   ? 0.078   -11.267 -22.274 1.00 29.71 ? 471 HOH A O     1 
HETATM 1577 O  O     . HOH E 5 .   ? -2.820  -12.129 -22.662 1.00 34.74 ? 472 HOH A O     1 
HETATM 1578 O  O     . HOH E 5 .   ? 3.077   -8.062  -21.849 1.00 41.80 ? 473 HOH A O     1 
HETATM 1579 O  O     . HOH E 5 .   ? 1.883   -15.802 -17.595 1.00 20.39 ? 474 HOH A O     1 
HETATM 1580 O  O     . HOH E 5 .   ? -7.305  -15.989 -11.582 1.00 39.27 ? 475 HOH A O     1 
HETATM 1581 O  O     . HOH E 5 .   ? -7.377  -15.669 5.986   1.00 28.86 ? 476 HOH A O     1 
HETATM 1582 O  O     . HOH E 5 .   ? -2.720  -17.099 6.929   1.00 36.87 ? 477 HOH A O     1 
HETATM 1583 O  O     . HOH E 5 .   ? -1.736  -17.438 9.096   1.00 25.36 ? 478 HOH A O     1 
HETATM 1584 O  O     . HOH E 5 .   ? -2.557  19.856  5.376   1.00 26.47 ? 479 HOH A O     1 
HETATM 1585 O  O     . HOH E 5 .   ? -2.549  17.552  9.125   1.00 26.99 ? 480 HOH A O     1 
HETATM 1586 O  O     . HOH E 5 .   ? 1.750   14.964  14.302  1.00 30.79 ? 481 HOH A O     1 
HETATM 1587 O  O     . HOH E 5 .   ? 9.017   10.831  10.975  1.00 44.09 ? 482 HOH A O     1 
HETATM 1588 O  O     . HOH E 5 .   ? 4.235   -12.741 15.713  1.00 29.40 ? 483 HOH A O     1 
HETATM 1589 O  O     . HOH E 5 .   ? 0.516   14.869  -9.226  1.00 29.18 ? 484 HOH A O     1 
HETATM 1590 O  O     . HOH E 5 .   ? 9.084   10.810  -5.658  1.00 28.31 ? 485 HOH A O     1 
HETATM 1591 O  O     . HOH E 5 .   ? -3.739  0.373   -16.307 1.00 33.80 ? 486 HOH A O     1 
HETATM 1592 O  O     . HOH E 5 .   ? -6.121  -0.424  -16.123 1.00 37.91 ? 487 HOH A O     1 
HETATM 1593 O  O     . HOH E 5 .   ? -2.900  5.440   -15.466 1.00 30.12 ? 488 HOH A O     1 
HETATM 1594 O  O     . HOH E 5 .   ? 15.034  -10.707 -9.810  1.00 40.65 ? 489 HOH A O     1 
HETATM 1595 O  O     . HOH E 5 .   ? -4.543  20.542  -7.189  1.00 37.19 ? 490 HOH A O     1 
HETATM 1596 O  O     . HOH E 5 .   ? -7.307  19.212  0.763   1.00 34.90 ? 491 HOH A O     1 
HETATM 1597 O  O     . HOH E 5 .   ? 16.012  -1.306  7.907   1.00 24.38 ? 492 HOH A O     1 
HETATM 1598 O  O     . HOH E 5 .   ? 15.320  -3.416  6.384   1.00 31.39 ? 493 HOH A O     1 
HETATM 1599 O  O     . HOH E 5 .   ? -12.471 -4.322  -12.510 1.00 42.37 ? 494 HOH A O     1 
HETATM 1600 O  O     . HOH E 5 .   ? 2.315   -15.046 2.883   1.00 34.04 ? 495 HOH A O     1 
HETATM 1601 O  O     . HOH E 5 .   ? 16.127  -6.941  -3.796  1.00 31.47 ? 496 HOH A O     1 
HETATM 1602 O  O     . HOH E 5 .   ? -3.989  3.149   -17.666 1.00 37.34 ? 497 HOH A O     1 
HETATM 1603 O  O     . HOH E 5 .   ? 9.248   1.706   -9.133  1.00 28.29 ? 498 HOH A O     1 
HETATM 1604 O  O     . HOH E 5 .   ? 9.264   15.038  -6.537  1.00 33.84 ? 499 HOH A O     1 
# 
loop_
_pdbx_poly_seq_scheme.asym_id 
_pdbx_poly_seq_scheme.entity_id 
_pdbx_poly_seq_scheme.seq_id 
_pdbx_poly_seq_scheme.mon_id 
_pdbx_poly_seq_scheme.ndb_seq_num 
_pdbx_poly_seq_scheme.pdb_seq_num 
_pdbx_poly_seq_scheme.auth_seq_num 
_pdbx_poly_seq_scheme.pdb_mon_id 
_pdbx_poly_seq_scheme.auth_mon_id 
_pdbx_poly_seq_scheme.pdb_strand_id 
_pdbx_poly_seq_scheme.pdb_ins_code 
_pdbx_poly_seq_scheme.hetero 
A 1 1   GLY 1   0   0   GLY GLY A . n 
A 1 2   MET 2   1   1   MET MET A . n 
A 1 3   THR 3   2   2   THR THR A . n 
A 1 4   GLU 4   3   3   GLU GLU A . n 
A 1 5   TYR 5   4   4   TYR TYR A . n 
A 1 6   LYS 6   5   5   LYS LYS A . n 
A 1 7   LEU 7   6   6   LEU LEU A . n 
A 1 8   VAL 8   7   7   VAL VAL A . n 
A 1 9   VAL 9   8   8   VAL VAL A . n 
A 1 10  VAL 10  9   9   VAL VAL A . n 
A 1 11  GLY 11  10  10  GLY GLY A . n 
A 1 12  ALA 12  11  11  ALA ALA A . n 
A 1 13  VAL 13  12  12  VAL VAL A . n 
A 1 14  GLY 14  13  13  GLY GLY A . n 
A 1 15  VAL 15  14  14  VAL VAL A . n 
A 1 16  GLY 16  15  15  GLY GLY A . n 
A 1 17  LYS 17  16  16  LYS LYS A . n 
A 1 18  SER 18  17  17  SER SER A . n 
A 1 19  ALA 19  18  18  ALA ALA A . n 
A 1 20  LEU 20  19  19  LEU LEU A . n 
A 1 21  THR 21  20  20  THR THR A . n 
A 1 22  ILE 22  21  21  ILE ILE A . n 
A 1 23  GLN 23  22  22  GLN GLN A . n 
A 1 24  LEU 24  23  23  LEU LEU A . n 
A 1 25  ILE 25  24  24  ILE ILE A . n 
A 1 26  GLN 26  25  25  GLN GLN A . n 
A 1 27  ASN 27  26  26  ASN ASN A . n 
A 1 28  HIS 28  27  27  HIS HIS A . n 
A 1 29  PHE 29  28  28  PHE PHE A . n 
A 1 30  VAL 30  29  29  VAL VAL A . n 
A 1 31  ASP 31  30  30  ASP ASP A . n 
A 1 32  GLU 32  31  31  GLU GLU A . n 
A 1 33  TYR 33  32  32  TYR TYR A . n 
A 1 34  ASP 34  33  33  ASP ASP A . n 
A 1 35  PRO 35  34  34  PRO PRO A . n 
A 1 36  THR 36  35  35  THR THR A . n 
A 1 37  ILE 37  36  36  ILE ILE A . n 
A 1 38  GLU 38  37  37  GLU GLU A . n 
A 1 39  ASP 39  38  38  ASP ASP A . n 
A 1 40  SER 40  39  39  SER SER A . n 
A 1 41  TYR 41  40  40  TYR TYR A . n 
A 1 42  ARG 42  41  41  ARG ARG A . n 
A 1 43  LYS 43  42  42  LYS LYS A . n 
A 1 44  GLN 44  43  43  GLN GLN A . n 
A 1 45  VAL 45  44  44  VAL VAL A . n 
A 1 46  VAL 46  45  45  VAL VAL A . n 
A 1 47  ILE 47  46  46  ILE ILE A . n 
A 1 48  ASP 48  47  47  ASP ASP A . n 
A 1 49  GLY 49  48  48  GLY GLY A . n 
A 1 50  GLU 50  49  49  GLU GLU A . n 
A 1 51  THR 51  50  50  THR THR A . n 
A 1 52  CYS 52  51  51  CYS CYS A . n 
A 1 53  LEU 53  52  52  LEU LEU A . n 
A 1 54  LEU 54  53  53  LEU LEU A . n 
A 1 55  ASP 55  54  54  ASP ASP A . n 
A 1 56  ILE 56  55  55  ILE ILE A . n 
A 1 57  LEU 57  56  56  LEU LEU A . n 
A 1 58  ASP 58  57  57  ASP ASP A . n 
A 1 59  THR 59  58  58  THR THR A . n 
A 1 60  ALA 60  59  59  ALA ALA A . n 
A 1 61  GLY 61  60  60  GLY GLY A . n 
A 1 62  GLN 62  61  61  GLN GLN A . n 
A 1 63  GLU 63  62  62  GLU GLU A . n 
A 1 64  GLU 64  63  63  GLU GLU A . n 
A 1 65  TYR 65  64  64  TYR TYR A . n 
A 1 66  SER 66  65  65  SER SER A . n 
A 1 67  ALA 67  66  66  ALA ALA A . n 
A 1 68  MET 68  67  67  MET MET A . n 
A 1 69  ARG 69  68  68  ARG ARG A . n 
A 1 70  ASP 70  69  69  ASP ASP A . n 
A 1 71  GLN 71  70  70  GLN GLN A . n 
A 1 72  TYR 72  71  71  TYR TYR A . n 
A 1 73  MET 73  72  72  MET MET A . n 
A 1 74  ARG 74  73  73  ARG ARG A . n 
A 1 75  THR 75  74  74  THR THR A . n 
A 1 76  GLY 76  75  75  GLY GLY A . n 
A 1 77  GLU 77  76  76  GLU GLU A . n 
A 1 78  GLY 78  77  77  GLY GLY A . n 
A 1 79  PHE 79  78  78  PHE PHE A . n 
A 1 80  LEU 80  79  79  LEU LEU A . n 
A 1 81  CYS 81  80  80  CYS CYS A . n 
A 1 82  VAL 82  81  81  VAL VAL A . n 
A 1 83  PHE 83  82  82  PHE PHE A . n 
A 1 84  ALA 84  83  83  ALA ALA A . n 
A 1 85  ILE 85  84  84  ILE ILE A . n 
A 1 86  ASN 86  85  85  ASN ASN A . n 
A 1 87  ASN 87  86  86  ASN ASN A . n 
A 1 88  THR 88  87  87  THR THR A . n 
A 1 89  LYS 89  88  88  LYS LYS A . n 
A 1 90  SER 90  89  89  SER SER A . n 
A 1 91  PHE 91  90  90  PHE PHE A . n 
A 1 92  GLU 92  91  91  GLU GLU A . n 
A 1 93  ASP 93  92  92  ASP ASP A . n 
A 1 94  ILE 94  93  93  ILE ILE A . n 
A 1 95  HIS 95  94  94  HIS HIS A . n 
A 1 96  HIS 96  95  95  HIS HIS A . n 
A 1 97  TYR 97  96  96  TYR TYR A . n 
A 1 98  ARG 98  97  97  ARG ARG A . n 
A 1 99  GLU 99  98  98  GLU GLU A . n 
A 1 100 GLN 100 99  99  GLN GLN A . n 
A 1 101 ILE 101 100 100 ILE ILE A . n 
A 1 102 LYS 102 101 101 LYS LYS A . n 
A 1 103 ARG 103 102 102 ARG ARG A . n 
A 1 104 VAL 104 103 103 VAL VAL A . n 
A 1 105 LYS 105 104 104 LYS LYS A . n 
A 1 106 ASP 106 105 105 ASP ASP A . n 
A 1 107 SER 107 106 106 SER SER A . n 
A 1 108 GLU 108 107 107 GLU GLU A . n 
A 1 109 ASP 109 108 108 ASP ASP A . n 
A 1 110 VAL 110 109 109 VAL VAL A . n 
A 1 111 PRO 111 110 110 PRO PRO A . n 
A 1 112 MET 112 111 111 MET MET A . n 
A 1 113 VAL 113 112 112 VAL VAL A . n 
A 1 114 LEU 114 113 113 LEU LEU A . n 
A 1 115 VAL 115 114 114 VAL VAL A . n 
A 1 116 GLY 116 115 115 GLY GLY A . n 
A 1 117 ASN 117 116 116 ASN ASN A . n 
A 1 118 LYS 118 117 117 LYS LYS A . n 
A 1 119 SER 119 118 118 SER SER A . n 
A 1 120 ASP 120 119 119 ASP ASP A . n 
A 1 121 LEU 121 120 120 LEU LEU A . n 
A 1 122 PRO 122 121 121 PRO PRO A . n 
A 1 123 SER 123 122 122 SER SER A . n 
A 1 124 ARG 124 123 123 ARG ARG A . n 
A 1 125 THR 125 124 124 THR THR A . n 
A 1 126 VAL 126 125 125 VAL VAL A . n 
A 1 127 ASP 127 126 126 ASP ASP A . n 
A 1 128 THR 128 127 127 THR THR A . n 
A 1 129 LYS 129 128 128 LYS LYS A . n 
A 1 130 GLN 130 129 129 GLN GLN A . n 
A 1 131 ALA 131 130 130 ALA ALA A . n 
A 1 132 GLN 132 131 131 GLN GLN A . n 
A 1 133 ASP 133 132 132 ASP ASP A . n 
A 1 134 LEU 134 133 133 LEU LEU A . n 
A 1 135 ALA 135 134 134 ALA ALA A . n 
A 1 136 ARG 136 135 135 ARG ARG A . n 
A 1 137 SER 137 136 136 SER SER A . n 
A 1 138 TYR 138 137 137 TYR TYR A . n 
A 1 139 GLY 139 138 138 GLY GLY A . n 
A 1 140 ILE 140 139 139 ILE ILE A . n 
A 1 141 PRO 141 140 140 PRO PRO A . n 
A 1 142 PHE 142 141 141 PHE PHE A . n 
A 1 143 ILE 143 142 142 ILE ILE A . n 
A 1 144 GLU 144 143 143 GLU GLU A . n 
A 1 145 THR 145 144 144 THR THR A . n 
A 1 146 SER 146 145 145 SER SER A . n 
A 1 147 ALA 147 146 146 ALA ALA A . n 
A 1 148 LYS 148 147 147 LYS LYS A . n 
A 1 149 THR 149 148 148 THR THR A . n 
A 1 150 ARG 150 149 149 ARG ARG A . n 
A 1 151 GLN 151 150 150 GLN GLN A . n 
A 1 152 GLY 152 151 151 GLY GLY A . n 
A 1 153 VAL 153 152 152 VAL VAL A . n 
A 1 154 ASP 154 153 153 ASP ASP A . n 
A 1 155 ASP 155 154 154 ASP ASP A . n 
A 1 156 ALA 156 155 155 ALA ALA A . n 
A 1 157 PHE 157 156 156 PHE PHE A . n 
A 1 158 TYR 158 157 157 TYR TYR A . n 
A 1 159 THR 159 158 158 THR THR A . n 
A 1 160 LEU 160 159 159 LEU LEU A . n 
A 1 161 VAL 161 160 160 VAL VAL A . n 
A 1 162 ARG 162 161 161 ARG ARG A . n 
A 1 163 GLU 163 162 162 GLU GLU A . n 
A 1 164 ILE 164 163 163 ILE ILE A . n 
A 1 165 ARG 165 164 164 ARG ARG A . n 
A 1 166 LYS 166 165 165 LYS LYS A . n 
A 1 167 HIS 167 166 166 HIS HIS A . n 
A 1 168 LYS 168 167 167 LYS LYS A . n 
A 1 169 GLU 169 168 168 GLU GLU A . n 
A 1 170 LYS 170 169 169 LYS LYS A . n 
# 
loop_
_pdbx_nonpoly_scheme.asym_id 
_pdbx_nonpoly_scheme.entity_id 
_pdbx_nonpoly_scheme.mon_id 
_pdbx_nonpoly_scheme.ndb_seq_num 
_pdbx_nonpoly_scheme.pdb_seq_num 
_pdbx_nonpoly_scheme.auth_seq_num 
_pdbx_nonpoly_scheme.pdb_mon_id 
_pdbx_nonpoly_scheme.auth_mon_id 
_pdbx_nonpoly_scheme.pdb_strand_id 
_pdbx_nonpoly_scheme.pdb_ins_code 
B 2 GDP 1   201 201 GDP GDP A . 
C 3 MG  1   202 1   MG  MG  A . 
D 4 0QR 1   203 1   0QR TKL A . 
E 5 HOH 1   301 1   HOH HOH A . 
E 5 HOH 2   302 2   HOH HOH A . 
E 5 HOH 3   303 3   HOH HOH A . 
E 5 HOH 4   304 4   HOH HOH A . 
E 5 HOH 5   305 5   HOH HOH A . 
E 5 HOH 6   306 6   HOH HOH A . 
E 5 HOH 7   307 7   HOH HOH A . 
E 5 HOH 8   308 8   HOH HOH A . 
E 5 HOH 9   309 9   HOH HOH A . 
E 5 HOH 10  310 10  HOH HOH A . 
E 5 HOH 11  311 11  HOH HOH A . 
E 5 HOH 12  312 12  HOH HOH A . 
E 5 HOH 13  313 13  HOH HOH A . 
E 5 HOH 14  314 14  HOH HOH A . 
E 5 HOH 15  315 15  HOH HOH A . 
E 5 HOH 16  316 16  HOH HOH A . 
E 5 HOH 17  317 17  HOH HOH A . 
E 5 HOH 18  318 18  HOH HOH A . 
E 5 HOH 19  319 19  HOH HOH A . 
E 5 HOH 20  320 20  HOH HOH A . 
E 5 HOH 21  321 21  HOH HOH A . 
E 5 HOH 22  322 22  HOH HOH A . 
E 5 HOH 23  323 23  HOH HOH A . 
E 5 HOH 24  324 24  HOH HOH A . 
E 5 HOH 25  325 25  HOH HOH A . 
E 5 HOH 26  326 26  HOH HOH A . 
E 5 HOH 27  327 27  HOH HOH A . 
E 5 HOH 28  328 28  HOH HOH A . 
E 5 HOH 29  329 29  HOH HOH A . 
E 5 HOH 30  330 30  HOH HOH A . 
E 5 HOH 31  331 31  HOH HOH A . 
E 5 HOH 32  332 32  HOH HOH A . 
E 5 HOH 33  333 33  HOH HOH A . 
E 5 HOH 34  334 34  HOH HOH A . 
E 5 HOH 35  335 35  HOH HOH A . 
E 5 HOH 36  336 36  HOH HOH A . 
E 5 HOH 37  337 37  HOH HOH A . 
E 5 HOH 38  338 38  HOH HOH A . 
E 5 HOH 39  339 39  HOH HOH A . 
E 5 HOH 40  340 40  HOH HOH A . 
E 5 HOH 41  341 41  HOH HOH A . 
E 5 HOH 42  342 42  HOH HOH A . 
E 5 HOH 43  343 43  HOH HOH A . 
E 5 HOH 44  344 44  HOH HOH A . 
E 5 HOH 45  345 45  HOH HOH A . 
E 5 HOH 46  346 46  HOH HOH A . 
E 5 HOH 47  347 47  HOH HOH A . 
E 5 HOH 48  348 48  HOH HOH A . 
E 5 HOH 49  349 49  HOH HOH A . 
E 5 HOH 50  350 50  HOH HOH A . 
E 5 HOH 51  351 51  HOH HOH A . 
E 5 HOH 52  352 52  HOH HOH A . 
E 5 HOH 53  353 53  HOH HOH A . 
E 5 HOH 54  354 54  HOH HOH A . 
E 5 HOH 55  355 55  HOH HOH A . 
E 5 HOH 56  356 56  HOH HOH A . 
E 5 HOH 57  357 57  HOH HOH A . 
E 5 HOH 58  358 58  HOH HOH A . 
E 5 HOH 59  359 59  HOH HOH A . 
E 5 HOH 60  360 60  HOH HOH A . 
E 5 HOH 61  361 61  HOH HOH A . 
E 5 HOH 62  362 62  HOH HOH A . 
E 5 HOH 63  363 63  HOH HOH A . 
E 5 HOH 64  364 64  HOH HOH A . 
E 5 HOH 65  365 65  HOH HOH A . 
E 5 HOH 66  366 66  HOH HOH A . 
E 5 HOH 67  367 67  HOH HOH A . 
E 5 HOH 68  368 68  HOH HOH A . 
E 5 HOH 69  369 70  HOH HOH A . 
E 5 HOH 70  370 71  HOH HOH A . 
E 5 HOH 71  371 72  HOH HOH A . 
E 5 HOH 72  372 73  HOH HOH A . 
E 5 HOH 73  373 74  HOH HOH A . 
E 5 HOH 74  374 75  HOH HOH A . 
E 5 HOH 75  375 76  HOH HOH A . 
E 5 HOH 76  376 77  HOH HOH A . 
E 5 HOH 77  377 78  HOH HOH A . 
E 5 HOH 78  378 79  HOH HOH A . 
E 5 HOH 79  379 80  HOH HOH A . 
E 5 HOH 80  380 81  HOH HOH A . 
E 5 HOH 81  381 82  HOH HOH A . 
E 5 HOH 82  382 83  HOH HOH A . 
E 5 HOH 83  383 85  HOH HOH A . 
E 5 HOH 84  384 86  HOH HOH A . 
E 5 HOH 85  385 87  HOH HOH A . 
E 5 HOH 86  386 88  HOH HOH A . 
E 5 HOH 87  387 89  HOH HOH A . 
E 5 HOH 88  388 90  HOH HOH A . 
E 5 HOH 89  389 92  HOH HOH A . 
E 5 HOH 90  390 93  HOH HOH A . 
E 5 HOH 91  391 94  HOH HOH A . 
E 5 HOH 92  392 95  HOH HOH A . 
E 5 HOH 93  393 96  HOH HOH A . 
E 5 HOH 94  394 97  HOH HOH A . 
E 5 HOH 95  395 99  HOH HOH A . 
E 5 HOH 96  396 100 HOH HOH A . 
E 5 HOH 97  397 101 HOH HOH A . 
E 5 HOH 98  398 102 HOH HOH A . 
E 5 HOH 99  399 103 HOH HOH A . 
E 5 HOH 100 400 104 HOH HOH A . 
E 5 HOH 101 401 105 HOH HOH A . 
E 5 HOH 102 402 106 HOH HOH A . 
E 5 HOH 103 403 107 HOH HOH A . 
E 5 HOH 104 404 108 HOH HOH A . 
E 5 HOH 105 405 109 HOH HOH A . 
E 5 HOH 106 406 110 HOH HOH A . 
E 5 HOH 107 407 111 HOH HOH A . 
E 5 HOH 108 408 112 HOH HOH A . 
E 5 HOH 109 409 113 HOH HOH A . 
E 5 HOH 110 410 115 HOH HOH A . 
E 5 HOH 111 411 116 HOH HOH A . 
E 5 HOH 112 412 117 HOH HOH A . 
E 5 HOH 113 413 118 HOH HOH A . 
E 5 HOH 114 414 121 HOH HOH A . 
E 5 HOH 115 415 123 HOH HOH A . 
E 5 HOH 116 416 124 HOH HOH A . 
E 5 HOH 117 417 125 HOH HOH A . 
E 5 HOH 118 418 126 HOH HOH A . 
E 5 HOH 119 419 127 HOH HOH A . 
E 5 HOH 120 420 128 HOH HOH A . 
E 5 HOH 121 421 131 HOH HOH A . 
E 5 HOH 122 422 134 HOH HOH A . 
E 5 HOH 123 423 135 HOH HOH A . 
E 5 HOH 124 424 136 HOH HOH A . 
E 5 HOH 125 425 137 HOH HOH A . 
E 5 HOH 126 426 138 HOH HOH A . 
E 5 HOH 127 427 139 HOH HOH A . 
E 5 HOH 128 428 140 HOH HOH A . 
E 5 HOH 129 429 141 HOH HOH A . 
E 5 HOH 130 430 142 HOH HOH A . 
E 5 HOH 131 431 143 HOH HOH A . 
E 5 HOH 132 432 145 HOH HOH A . 
E 5 HOH 133 433 146 HOH HOH A . 
E 5 HOH 134 434 147 HOH HOH A . 
E 5 HOH 135 435 148 HOH HOH A . 
E 5 HOH 136 436 149 HOH HOH A . 
E 5 HOH 137 437 150 HOH HOH A . 
E 5 HOH 138 438 151 HOH HOH A . 
E 5 HOH 139 439 152 HOH HOH A . 
E 5 HOH 140 440 153 HOH HOH A . 
E 5 HOH 141 441 154 HOH HOH A . 
E 5 HOH 142 442 156 HOH HOH A . 
E 5 HOH 143 443 157 HOH HOH A . 
E 5 HOH 144 444 159 HOH HOH A . 
E 5 HOH 145 445 160 HOH HOH A . 
E 5 HOH 146 446 161 HOH HOH A . 
E 5 HOH 147 447 162 HOH HOH A . 
E 5 HOH 148 448 163 HOH HOH A . 
E 5 HOH 149 449 164 HOH HOH A . 
E 5 HOH 150 450 166 HOH HOH A . 
E 5 HOH 151 451 167 HOH HOH A . 
E 5 HOH 152 452 168 HOH HOH A . 
E 5 HOH 153 453 169 HOH HOH A . 
E 5 HOH 154 454 170 HOH HOH A . 
E 5 HOH 155 455 172 HOH HOH A . 
E 5 HOH 156 456 173 HOH HOH A . 
E 5 HOH 157 457 175 HOH HOH A . 
E 5 HOH 158 458 176 HOH HOH A . 
E 5 HOH 159 459 178 HOH HOH A . 
E 5 HOH 160 460 179 HOH HOH A . 
E 5 HOH 161 461 181 HOH HOH A . 
E 5 HOH 162 462 182 HOH HOH A . 
E 5 HOH 163 463 183 HOH HOH A . 
E 5 HOH 164 464 184 HOH HOH A . 
E 5 HOH 165 465 185 HOH HOH A . 
E 5 HOH 166 466 186 HOH HOH A . 
E 5 HOH 167 467 187 HOH HOH A . 
E 5 HOH 168 468 188 HOH HOH A . 
E 5 HOH 169 469 189 HOH HOH A . 
E 5 HOH 170 470 190 HOH HOH A . 
E 5 HOH 171 471 191 HOH HOH A . 
E 5 HOH 172 472 192 HOH HOH A . 
E 5 HOH 173 473 193 HOH HOH A . 
E 5 HOH 174 474 194 HOH HOH A . 
E 5 HOH 175 475 195 HOH HOH A . 
E 5 HOH 176 476 196 HOH HOH A . 
E 5 HOH 177 477 197 HOH HOH A . 
E 5 HOH 178 478 198 HOH HOH A . 
E 5 HOH 179 479 199 HOH HOH A . 
E 5 HOH 180 480 200 HOH HOH A . 
E 5 HOH 181 481 201 HOH HOH A . 
E 5 HOH 182 482 202 HOH HOH A . 
E 5 HOH 183 483 203 HOH HOH A . 
E 5 HOH 184 484 204 HOH HOH A . 
E 5 HOH 185 485 205 HOH HOH A . 
E 5 HOH 186 486 206 HOH HOH A . 
E 5 HOH 187 487 207 HOH HOH A . 
E 5 HOH 188 488 208 HOH HOH A . 
E 5 HOH 189 489 209 HOH HOH A . 
E 5 HOH 190 490 210 HOH HOH A . 
E 5 HOH 191 491 211 HOH HOH A . 
E 5 HOH 192 492 212 HOH HOH A . 
E 5 HOH 193 493 213 HOH HOH A . 
E 5 HOH 194 494 214 HOH HOH A . 
E 5 HOH 195 495 215 HOH HOH A . 
E 5 HOH 196 496 216 HOH HOH A . 
E 5 HOH 197 497 217 HOH HOH A . 
E 5 HOH 198 498 218 HOH HOH A . 
E 5 HOH 199 499 219 HOH HOH A . 
# 
_pdbx_struct_assembly.id                   1 
_pdbx_struct_assembly.details              author_and_software_defined_assembly 
_pdbx_struct_assembly.method_details       PISA 
_pdbx_struct_assembly.oligomeric_details   monomeric 
_pdbx_struct_assembly.oligomeric_count     1 
# 
_pdbx_struct_assembly_gen.assembly_id       1 
_pdbx_struct_assembly_gen.oper_expression   1 
_pdbx_struct_assembly_gen.asym_id_list      A,B,C,D,E 
# 
_pdbx_struct_oper_list.id                   1 
_pdbx_struct_oper_list.type                 'identity operation' 
_pdbx_struct_oper_list.name                 1_555 
_pdbx_struct_oper_list.symmetry_operation   x,y,z 
_pdbx_struct_oper_list.matrix[1][1]         1.0000000000 
_pdbx_struct_oper_list.matrix[1][2]         0.0000000000 
_pdbx_struct_oper_list.matrix[1][3]         0.0000000000 
_pdbx_struct_oper_list.vector[1]            0.0000000000 
_pdbx_struct_oper_list.matrix[2][1]         0.0000000000 
_pdbx_struct_oper_list.matrix[2][2]         1.0000000000 
_pdbx_struct_oper_list.matrix[2][3]         0.0000000000 
_pdbx_struct_oper_list.vector[2]            0.0000000000 
_pdbx_struct_oper_list.matrix[3][1]         0.0000000000 
_pdbx_struct_oper_list.matrix[3][2]         0.0000000000 
_pdbx_struct_oper_list.matrix[3][3]         1.0000000000 
_pdbx_struct_oper_list.vector[3]            0.0000000000 
# 
loop_
_pdbx_struct_conn_angle.id 
_pdbx_struct_conn_angle.ptnr1_label_atom_id 
_pdbx_struct_conn_angle.ptnr1_label_alt_id 
_pdbx_struct_conn_angle.ptnr1_label_asym_id 
_pdbx_struct_conn_angle.ptnr1_label_comp_id 
_pdbx_struct_conn_angle.ptnr1_label_seq_id 
_pdbx_struct_conn_angle.ptnr1_auth_atom_id 
_pdbx_struct_conn_angle.ptnr1_auth_asym_id 
_pdbx_struct_conn_angle.ptnr1_auth_comp_id 
_pdbx_struct_conn_angle.ptnr1_auth_seq_id 
_pdbx_struct_conn_angle.ptnr1_PDB_ins_code 
_pdbx_struct_conn_angle.ptnr1_symmetry 
_pdbx_struct_conn_angle.ptnr2_label_atom_id 
_pdbx_struct_conn_angle.ptnr2_label_alt_id 
_pdbx_struct_conn_angle.ptnr2_label_asym_id 
_pdbx_struct_conn_angle.ptnr2_label_comp_id 
_pdbx_struct_conn_angle.ptnr2_label_seq_id 
_pdbx_struct_conn_angle.ptnr2_auth_atom_id 
_pdbx_struct_conn_angle.ptnr2_auth_asym_id 
_pdbx_struct_conn_angle.ptnr2_auth_comp_id 
_pdbx_struct_conn_angle.ptnr2_auth_seq_id 
_pdbx_struct_conn_angle.ptnr2_PDB_ins_code 
_pdbx_struct_conn_angle.ptnr2_symmetry 
_pdbx_struct_conn_angle.ptnr3_label_atom_id 
_pdbx_struct_conn_angle.ptnr3_label_alt_id 
_pdbx_struct_conn_angle.ptnr3_label_asym_id 
_pdbx_struct_conn_angle.ptnr3_label_comp_id 
_pdbx_struct_conn_angle.ptnr3_label_seq_id 
_pdbx_struct_conn_angle.ptnr3_auth_atom_id 
_pdbx_struct_conn_angle.ptnr3_auth_asym_id 
_pdbx_struct_conn_angle.ptnr3_auth_comp_id 
_pdbx_struct_conn_angle.ptnr3_auth_seq_id 
_pdbx_struct_conn_angle.ptnr3_PDB_ins_code 
_pdbx_struct_conn_angle.ptnr3_symmetry 
_pdbx_struct_conn_angle.value 
_pdbx_struct_conn_angle.value_esd 
1  OG  ? A SER 18 ? A SER 17  ? 1_555 MG ? C MG . ? A MG 202 ? 1_555 O1B ? B GDP . ? A GDP 201 ? 1_555 92.9  ? 
2  OG  ? A SER 18 ? A SER 17  ? 1_555 MG ? C MG . ? A MG 202 ? 1_555 O   ? E HOH . ? A HOH 306 ? 1_555 90.6  ? 
3  O1B ? B GDP .  ? A GDP 201 ? 1_555 MG ? C MG . ? A MG 202 ? 1_555 O   ? E HOH . ? A HOH 306 ? 1_555 168.2 ? 
4  OG  ? A SER 18 ? A SER 17  ? 1_555 MG ? C MG . ? A MG 202 ? 1_555 O   ? E HOH . ? A HOH 313 ? 1_555 83.5  ? 
5  O1B ? B GDP .  ? A GDP 201 ? 1_555 MG ? C MG . ? A MG 202 ? 1_555 O   ? E HOH . ? A HOH 313 ? 1_555 97.0  ? 
6  O   ? E HOH .  ? A HOH 306 ? 1_555 MG ? C MG . ? A MG 202 ? 1_555 O   ? E HOH . ? A HOH 313 ? 1_555 94.7  ? 
7  OG  ? A SER 18 ? A SER 17  ? 1_555 MG ? C MG . ? A MG 202 ? 1_555 O   ? E HOH . ? A HOH 338 ? 1_555 90.0  ? 
8  O1B ? B GDP .  ? A GDP 201 ? 1_555 MG ? C MG . ? A MG 202 ? 1_555 O   ? E HOH . ? A HOH 338 ? 1_555 86.6  ? 
9  O   ? E HOH .  ? A HOH 306 ? 1_555 MG ? C MG . ? A MG 202 ? 1_555 O   ? E HOH . ? A HOH 338 ? 1_555 82.0  ? 
10 O   ? E HOH .  ? A HOH 313 ? 1_555 MG ? C MG . ? A MG 202 ? 1_555 O   ? E HOH . ? A HOH 338 ? 1_555 172.7 ? 
11 OG  ? A SER 18 ? A SER 17  ? 1_555 MG ? C MG . ? A MG 202 ? 1_555 O   ? E HOH . ? A HOH 351 ? 1_555 171.3 ? 
12 O1B ? B GDP .  ? A GDP 201 ? 1_555 MG ? C MG . ? A MG 202 ? 1_555 O   ? E HOH . ? A HOH 351 ? 1_555 91.8  ? 
13 O   ? E HOH .  ? A HOH 306 ? 1_555 MG ? C MG . ? A MG 202 ? 1_555 O   ? E HOH . ? A HOH 351 ? 1_555 86.3  ? 
14 O   ? E HOH .  ? A HOH 313 ? 1_555 MG ? C MG . ? A MG 202 ? 1_555 O   ? E HOH . ? A HOH 351 ? 1_555 88.6  ? 
15 O   ? E HOH .  ? A HOH 338 ? 1_555 MG ? C MG . ? A MG 202 ? 1_555 O   ? E HOH . ? A HOH 351 ? 1_555 97.6  ? 
# 
loop_
_pdbx_audit_revision_history.ordinal 
_pdbx_audit_revision_history.data_content_type 
_pdbx_audit_revision_history.major_revision 
_pdbx_audit_revision_history.minor_revision 
_pdbx_audit_revision_history.revision_date 
1 'Structure model' 1 0 2012-05-23 
2 'Structure model' 1 1 2012-07-25 
3 'Structure model' 1 2 2023-09-13 
# 
_pdbx_audit_revision_details.ordinal             1 
_pdbx_audit_revision_details.revision_ordinal    1 
_pdbx_audit_revision_details.data_content_type   'Structure model' 
_pdbx_audit_revision_details.provider            repository 
_pdbx_audit_revision_details.type                'Initial release' 
_pdbx_audit_revision_details.description         ? 
_pdbx_audit_revision_details.details             ? 
# 
loop_
_pdbx_audit_revision_group.ordinal 
_pdbx_audit_revision_group.revision_ordinal 
_pdbx_audit_revision_group.data_content_type 
_pdbx_audit_revision_group.group 
1 2 'Structure model' 'Database references'    
2 3 'Structure model' 'Data collection'        
3 3 'Structure model' 'Database references'    
4 3 'Structure model' 'Derived calculations'   
5 3 'Structure model' 'Refinement description' 
# 
loop_
_pdbx_audit_revision_category.ordinal 
_pdbx_audit_revision_category.revision_ordinal 
_pdbx_audit_revision_category.data_content_type 
_pdbx_audit_revision_category.category 
1 3 'Structure model' chem_comp_atom                
2 3 'Structure model' chem_comp_bond                
3 3 'Structure model' database_2                    
4 3 'Structure model' pdbx_initial_refinement_model 
5 3 'Structure model' pdbx_struct_conn_angle        
6 3 'Structure model' struct_conn                   
7 3 'Structure model' struct_ref_seq_dif            
8 3 'Structure model' struct_site                   
# 
loop_
_pdbx_audit_revision_item.ordinal 
_pdbx_audit_revision_item.revision_ordinal 
_pdbx_audit_revision_item.data_content_type 
_pdbx_audit_revision_item.item 
1  3 'Structure model' '_database_2.pdbx_DOI'                        
2  3 'Structure model' '_database_2.pdbx_database_accession'         
3  3 'Structure model' '_pdbx_struct_conn_angle.ptnr1_auth_comp_id'  
4  3 'Structure model' '_pdbx_struct_conn_angle.ptnr1_auth_seq_id'   
5  3 'Structure model' '_pdbx_struct_conn_angle.ptnr1_label_asym_id' 
6  3 'Structure model' '_pdbx_struct_conn_angle.ptnr1_label_atom_id' 
7  3 'Structure model' '_pdbx_struct_conn_angle.ptnr1_label_comp_id' 
8  3 'Structure model' '_pdbx_struct_conn_angle.ptnr1_label_seq_id'  
9  3 'Structure model' '_pdbx_struct_conn_angle.ptnr3_auth_comp_id'  
10 3 'Structure model' '_pdbx_struct_conn_angle.ptnr3_auth_seq_id'   
11 3 'Structure model' '_pdbx_struct_conn_angle.ptnr3_label_asym_id' 
12 3 'Structure model' '_pdbx_struct_conn_angle.ptnr3_label_atom_id' 
13 3 'Structure model' '_pdbx_struct_conn_angle.ptnr3_label_comp_id' 
14 3 'Structure model' '_pdbx_struct_conn_angle.ptnr3_label_seq_id'  
15 3 'Structure model' '_pdbx_struct_conn_angle.value'               
16 3 'Structure model' '_struct_conn.pdbx_dist_value'                
17 3 'Structure model' '_struct_conn.ptnr1_auth_comp_id'             
18 3 'Structure model' '_struct_conn.ptnr1_auth_seq_id'              
19 3 'Structure model' '_struct_conn.ptnr1_label_asym_id'            
20 3 'Structure model' '_struct_conn.ptnr1_label_atom_id'            
21 3 'Structure model' '_struct_conn.ptnr1_label_comp_id'            
22 3 'Structure model' '_struct_conn.ptnr1_label_seq_id'             
23 3 'Structure model' '_struct_conn.ptnr2_auth_comp_id'             
24 3 'Structure model' '_struct_conn.ptnr2_auth_seq_id'              
25 3 'Structure model' '_struct_conn.ptnr2_label_asym_id'            
26 3 'Structure model' '_struct_conn.ptnr2_label_atom_id'            
27 3 'Structure model' '_struct_conn.ptnr2_label_comp_id'            
28 3 'Structure model' '_struct_ref_seq_dif.details'                 
29 3 'Structure model' '_struct_site.pdbx_auth_asym_id'              
30 3 'Structure model' '_struct_site.pdbx_auth_comp_id'              
31 3 'Structure model' '_struct_site.pdbx_auth_seq_id'               
# 
loop_
_software.name 
_software.classification 
_software.version 
_software.citation_id 
_software.pdbx_ordinal 
'PROTEUM PLUS' 'data collection' PLUS     ? 1 
MOLREP         phasing           .        ? 2 
REFMAC         refinement        5.6.0119 ? 3 
HKL-2000       'data reduction'  .        ? 4 
HKL-2000       'data scaling'    .        ? 5 
# 
_pdbx_entry_details.entry_id                 4EPX 
_pdbx_entry_details.nonpolymer_details       ? 
_pdbx_entry_details.sequence_details         'THE CRYSTALLIZED SEQUENCE CORRESPONDS TO UNP P01116-2 OF ISOFORM 2B OF GTPASE KRAS' 
_pdbx_entry_details.compound_details         ? 
_pdbx_entry_details.source_details           ? 
_pdbx_entry_details.has_ligand_of_interest   ? 
# 
_pdbx_validate_rmsd_bond.id                        1 
_pdbx_validate_rmsd_bond.PDB_model_num             1 
_pdbx_validate_rmsd_bond.auth_atom_id_1            CD 
_pdbx_validate_rmsd_bond.auth_asym_id_1            A 
_pdbx_validate_rmsd_bond.auth_comp_id_1            GLU 
_pdbx_validate_rmsd_bond.auth_seq_id_1             98 
_pdbx_validate_rmsd_bond.PDB_ins_code_1            ? 
_pdbx_validate_rmsd_bond.label_alt_id_1            ? 
_pdbx_validate_rmsd_bond.auth_atom_id_2            OE2 
_pdbx_validate_rmsd_bond.auth_asym_id_2            A 
_pdbx_validate_rmsd_bond.auth_comp_id_2            GLU 
_pdbx_validate_rmsd_bond.auth_seq_id_2             98 
_pdbx_validate_rmsd_bond.PDB_ins_code_2            ? 
_pdbx_validate_rmsd_bond.label_alt_id_2            ? 
_pdbx_validate_rmsd_bond.bond_value                1.337 
_pdbx_validate_rmsd_bond.bond_target_value         1.252 
_pdbx_validate_rmsd_bond.bond_deviation            0.085 
_pdbx_validate_rmsd_bond.bond_standard_deviation   0.011 
_pdbx_validate_rmsd_bond.linker_flag               N 
# 
_pdbx_validate_rmsd_angle.id                         1 
_pdbx_validate_rmsd_angle.PDB_model_num              1 
_pdbx_validate_rmsd_angle.auth_atom_id_1             NE 
_pdbx_validate_rmsd_angle.auth_asym_id_1             A 
_pdbx_validate_rmsd_angle.auth_comp_id_1             ARG 
_pdbx_validate_rmsd_angle.auth_seq_id_1              41 
_pdbx_validate_rmsd_angle.PDB_ins_code_1             ? 
_pdbx_validate_rmsd_angle.label_alt_id_1             ? 
_pdbx_validate_rmsd_angle.auth_atom_id_2             CZ 
_pdbx_validate_rmsd_angle.auth_asym_id_2             A 
_pdbx_validate_rmsd_angle.auth_comp_id_2             ARG 
_pdbx_validate_rmsd_angle.auth_seq_id_2              41 
_pdbx_validate_rmsd_angle.PDB_ins_code_2             ? 
_pdbx_validate_rmsd_angle.label_alt_id_2             ? 
_pdbx_validate_rmsd_angle.auth_atom_id_3             NH2 
_pdbx_validate_rmsd_angle.auth_asym_id_3             A 
_pdbx_validate_rmsd_angle.auth_comp_id_3             ARG 
_pdbx_validate_rmsd_angle.auth_seq_id_3              41 
_pdbx_validate_rmsd_angle.PDB_ins_code_3             ? 
_pdbx_validate_rmsd_angle.label_alt_id_3             ? 
_pdbx_validate_rmsd_angle.angle_value                115.69 
_pdbx_validate_rmsd_angle.angle_target_value         120.30 
_pdbx_validate_rmsd_angle.angle_deviation            -4.61 
_pdbx_validate_rmsd_angle.angle_standard_deviation   0.50 
_pdbx_validate_rmsd_angle.linker_flag                N 
# 
loop_
_pdbx_validate_torsion.id 
_pdbx_validate_torsion.PDB_model_num 
_pdbx_validate_torsion.auth_comp_id 
_pdbx_validate_torsion.auth_asym_id 
_pdbx_validate_torsion.auth_seq_id 
_pdbx_validate_torsion.PDB_ins_code 
_pdbx_validate_torsion.label_alt_id 
_pdbx_validate_torsion.phi 
_pdbx_validate_torsion.psi 
1 1 LYS A 117 ? ? 76.96 32.58 
2 1 ARG A 149 ? ? 75.65 -5.46 
# 
loop_
_chem_comp_atom.comp_id 
_chem_comp_atom.atom_id 
_chem_comp_atom.type_symbol 
_chem_comp_atom.pdbx_aromatic_flag 
_chem_comp_atom.pdbx_stereo_config 
_chem_comp_atom.pdbx_ordinal 
0QR CAD    C  Y N 1   
0QR CAE    C  Y N 2   
0QR CAF    C  Y N 3   
0QR FAG    F  N N 4   
0QR CAH    C  Y N 5   
0QR CAI    C  Y N 6   
0QR CAC    C  Y N 7   
0QR SAB    S  N N 8   
0QR OAA    O  N N 9   
0QR OAR    O  N N 10  
0QR NA2    N  N N 11  
0QR CAK    C  Y N 12  
0QR NA3    N  Y N 13  
0QR CAQ    C  Y N 14  
0QR CAP    C  Y N 15  
0QR CAO    C  Y N 16  
0QR CAM    C  Y N 17  
0QR NA1    N  N N 18  
0QR H1     H  N N 19  
0QR H2     H  N N 20  
0QR H3     H  N N 21  
0QR H4     H  N N 22  
0QR H5     H  N N 23  
0QR H6     H  N N 24  
0QR H7     H  N N 25  
0QR H8     H  N N 26  
0QR H9     H  N N 27  
0QR H10    H  N N 28  
ALA N      N  N N 29  
ALA CA     C  N S 30  
ALA C      C  N N 31  
ALA O      O  N N 32  
ALA CB     C  N N 33  
ALA OXT    O  N N 34  
ALA H      H  N N 35  
ALA H2     H  N N 36  
ALA HA     H  N N 37  
ALA HB1    H  N N 38  
ALA HB2    H  N N 39  
ALA HB3    H  N N 40  
ALA HXT    H  N N 41  
ARG N      N  N N 42  
ARG CA     C  N S 43  
ARG C      C  N N 44  
ARG O      O  N N 45  
ARG CB     C  N N 46  
ARG CG     C  N N 47  
ARG CD     C  N N 48  
ARG NE     N  N N 49  
ARG CZ     C  N N 50  
ARG NH1    N  N N 51  
ARG NH2    N  N N 52  
ARG OXT    O  N N 53  
ARG H      H  N N 54  
ARG H2     H  N N 55  
ARG HA     H  N N 56  
ARG HB2    H  N N 57  
ARG HB3    H  N N 58  
ARG HG2    H  N N 59  
ARG HG3    H  N N 60  
ARG HD2    H  N N 61  
ARG HD3    H  N N 62  
ARG HE     H  N N 63  
ARG HH11   H  N N 64  
ARG HH12   H  N N 65  
ARG HH21   H  N N 66  
ARG HH22   H  N N 67  
ARG HXT    H  N N 68  
ASN N      N  N N 69  
ASN CA     C  N S 70  
ASN C      C  N N 71  
ASN O      O  N N 72  
ASN CB     C  N N 73  
ASN CG     C  N N 74  
ASN OD1    O  N N 75  
ASN ND2    N  N N 76  
ASN OXT    O  N N 77  
ASN H      H  N N 78  
ASN H2     H  N N 79  
ASN HA     H  N N 80  
ASN HB2    H  N N 81  
ASN HB3    H  N N 82  
ASN HD21   H  N N 83  
ASN HD22   H  N N 84  
ASN HXT    H  N N 85  
ASP N      N  N N 86  
ASP CA     C  N S 87  
ASP C      C  N N 88  
ASP O      O  N N 89  
ASP CB     C  N N 90  
ASP CG     C  N N 91  
ASP OD1    O  N N 92  
ASP OD2    O  N N 93  
ASP OXT    O  N N 94  
ASP H      H  N N 95  
ASP H2     H  N N 96  
ASP HA     H  N N 97  
ASP HB2    H  N N 98  
ASP HB3    H  N N 99  
ASP HD2    H  N N 100 
ASP HXT    H  N N 101 
CYS N      N  N N 102 
CYS CA     C  N R 103 
CYS C      C  N N 104 
CYS O      O  N N 105 
CYS CB     C  N N 106 
CYS SG     S  N N 107 
CYS OXT    O  N N 108 
CYS H      H  N N 109 
CYS H2     H  N N 110 
CYS HA     H  N N 111 
CYS HB2    H  N N 112 
CYS HB3    H  N N 113 
CYS HG     H  N N 114 
CYS HXT    H  N N 115 
GDP PB     P  N N 116 
GDP O1B    O  N N 117 
GDP O2B    O  N N 118 
GDP O3B    O  N N 119 
GDP O3A    O  N N 120 
GDP PA     P  N N 121 
GDP O1A    O  N N 122 
GDP O2A    O  N N 123 
GDP "O5'"  O  N N 124 
GDP "C5'"  C  N N 125 
GDP "C4'"  C  N R 126 
GDP "O4'"  O  N N 127 
GDP "C3'"  C  N S 128 
GDP "O3'"  O  N N 129 
GDP "C2'"  C  N R 130 
GDP "O2'"  O  N N 131 
GDP "C1'"  C  N R 132 
GDP N9     N  Y N 133 
GDP C8     C  Y N 134 
GDP N7     N  Y N 135 
GDP C5     C  Y N 136 
GDP C6     C  N N 137 
GDP O6     O  N N 138 
GDP N1     N  N N 139 
GDP C2     C  N N 140 
GDP N2     N  N N 141 
GDP N3     N  N N 142 
GDP C4     C  Y N 143 
GDP HOB2   H  N N 144 
GDP HOB3   H  N N 145 
GDP HOA2   H  N N 146 
GDP "H5'"  H  N N 147 
GDP "H5''" H  N N 148 
GDP "H4'"  H  N N 149 
GDP "H3'"  H  N N 150 
GDP "HO3'" H  N N 151 
GDP "H2'"  H  N N 152 
GDP "HO2'" H  N N 153 
GDP "H1'"  H  N N 154 
GDP H8     H  N N 155 
GDP HN1    H  N N 156 
GDP HN21   H  N N 157 
GDP HN22   H  N N 158 
GLN N      N  N N 159 
GLN CA     C  N S 160 
GLN C      C  N N 161 
GLN O      O  N N 162 
GLN CB     C  N N 163 
GLN CG     C  N N 164 
GLN CD     C  N N 165 
GLN OE1    O  N N 166 
GLN NE2    N  N N 167 
GLN OXT    O  N N 168 
GLN H      H  N N 169 
GLN H2     H  N N 170 
GLN HA     H  N N 171 
GLN HB2    H  N N 172 
GLN HB3    H  N N 173 
GLN HG2    H  N N 174 
GLN HG3    H  N N 175 
GLN HE21   H  N N 176 
GLN HE22   H  N N 177 
GLN HXT    H  N N 178 
GLU N      N  N N 179 
GLU CA     C  N S 180 
GLU C      C  N N 181 
GLU O      O  N N 182 
GLU CB     C  N N 183 
GLU CG     C  N N 184 
GLU CD     C  N N 185 
GLU OE1    O  N N 186 
GLU OE2    O  N N 187 
GLU OXT    O  N N 188 
GLU H      H  N N 189 
GLU H2     H  N N 190 
GLU HA     H  N N 191 
GLU HB2    H  N N 192 
GLU HB3    H  N N 193 
GLU HG2    H  N N 194 
GLU HG3    H  N N 195 
GLU HE2    H  N N 196 
GLU HXT    H  N N 197 
GLY N      N  N N 198 
GLY CA     C  N N 199 
GLY C      C  N N 200 
GLY O      O  N N 201 
GLY OXT    O  N N 202 
GLY H      H  N N 203 
GLY H2     H  N N 204 
GLY HA2    H  N N 205 
GLY HA3    H  N N 206 
GLY HXT    H  N N 207 
HIS N      N  N N 208 
HIS CA     C  N S 209 
HIS C      C  N N 210 
HIS O      O  N N 211 
HIS CB     C  N N 212 
HIS CG     C  Y N 213 
HIS ND1    N  Y N 214 
HIS CD2    C  Y N 215 
HIS CE1    C  Y N 216 
HIS NE2    N  Y N 217 
HIS OXT    O  N N 218 
HIS H      H  N N 219 
HIS H2     H  N N 220 
HIS HA     H  N N 221 
HIS HB2    H  N N 222 
HIS HB3    H  N N 223 
HIS HD1    H  N N 224 
HIS HD2    H  N N 225 
HIS HE1    H  N N 226 
HIS HE2    H  N N 227 
HIS HXT    H  N N 228 
HOH O      O  N N 229 
HOH H1     H  N N 230 
HOH H2     H  N N 231 
ILE N      N  N N 232 
ILE CA     C  N S 233 
ILE C      C  N N 234 
ILE O      O  N N 235 
ILE CB     C  N S 236 
ILE CG1    C  N N 237 
ILE CG2    C  N N 238 
ILE CD1    C  N N 239 
ILE OXT    O  N N 240 
ILE H      H  N N 241 
ILE H2     H  N N 242 
ILE HA     H  N N 243 
ILE HB     H  N N 244 
ILE HG12   H  N N 245 
ILE HG13   H  N N 246 
ILE HG21   H  N N 247 
ILE HG22   H  N N 248 
ILE HG23   H  N N 249 
ILE HD11   H  N N 250 
ILE HD12   H  N N 251 
ILE HD13   H  N N 252 
ILE HXT    H  N N 253 
LEU N      N  N N 254 
LEU CA     C  N S 255 
LEU C      C  N N 256 
LEU O      O  N N 257 
LEU CB     C  N N 258 
LEU CG     C  N N 259 
LEU CD1    C  N N 260 
LEU CD2    C  N N 261 
LEU OXT    O  N N 262 
LEU H      H  N N 263 
LEU H2     H  N N 264 
LEU HA     H  N N 265 
LEU HB2    H  N N 266 
LEU HB3    H  N N 267 
LEU HG     H  N N 268 
LEU HD11   H  N N 269 
LEU HD12   H  N N 270 
LEU HD13   H  N N 271 
LEU HD21   H  N N 272 
LEU HD22   H  N N 273 
LEU HD23   H  N N 274 
LEU HXT    H  N N 275 
LYS N      N  N N 276 
LYS CA     C  N S 277 
LYS C      C  N N 278 
LYS O      O  N N 279 
LYS CB     C  N N 280 
LYS CG     C  N N 281 
LYS CD     C  N N 282 
LYS CE     C  N N 283 
LYS NZ     N  N N 284 
LYS OXT    O  N N 285 
LYS H      H  N N 286 
LYS H2     H  N N 287 
LYS HA     H  N N 288 
LYS HB2    H  N N 289 
LYS HB3    H  N N 290 
LYS HG2    H  N N 291 
LYS HG3    H  N N 292 
LYS HD2    H  N N 293 
LYS HD3    H  N N 294 
LYS HE2    H  N N 295 
LYS HE3    H  N N 296 
LYS HZ1    H  N N 297 
LYS HZ2    H  N N 298 
LYS HZ3    H  N N 299 
LYS HXT    H  N N 300 
MET N      N  N N 301 
MET CA     C  N S 302 
MET C      C  N N 303 
MET O      O  N N 304 
MET CB     C  N N 305 
MET CG     C  N N 306 
MET SD     S  N N 307 
MET CE     C  N N 308 
MET OXT    O  N N 309 
MET H      H  N N 310 
MET H2     H  N N 311 
MET HA     H  N N 312 
MET HB2    H  N N 313 
MET HB3    H  N N 314 
MET HG2    H  N N 315 
MET HG3    H  N N 316 
MET HE1    H  N N 317 
MET HE2    H  N N 318 
MET HE3    H  N N 319 
MET HXT    H  N N 320 
MG  MG     MG N N 321 
PHE N      N  N N 322 
PHE CA     C  N S 323 
PHE C      C  N N 324 
PHE O      O  N N 325 
PHE CB     C  N N 326 
PHE CG     C  Y N 327 
PHE CD1    C  Y N 328 
PHE CD2    C  Y N 329 
PHE CE1    C  Y N 330 
PHE CE2    C  Y N 331 
PHE CZ     C  Y N 332 
PHE OXT    O  N N 333 
PHE H      H  N N 334 
PHE H2     H  N N 335 
PHE HA     H  N N 336 
PHE HB2    H  N N 337 
PHE HB3    H  N N 338 
PHE HD1    H  N N 339 
PHE HD2    H  N N 340 
PHE HE1    H  N N 341 
PHE HE2    H  N N 342 
PHE HZ     H  N N 343 
PHE HXT    H  N N 344 
PRO N      N  N N 345 
PRO CA     C  N S 346 
PRO C      C  N N 347 
PRO O      O  N N 348 
PRO CB     C  N N 349 
PRO CG     C  N N 350 
PRO CD     C  N N 351 
PRO OXT    O  N N 352 
PRO H      H  N N 353 
PRO HA     H  N N 354 
PRO HB2    H  N N 355 
PRO HB3    H  N N 356 
PRO HG2    H  N N 357 
PRO HG3    H  N N 358 
PRO HD2    H  N N 359 
PRO HD3    H  N N 360 
PRO HXT    H  N N 361 
SER N      N  N N 362 
SER CA     C  N S 363 
SER C      C  N N 364 
SER O      O  N N 365 
SER CB     C  N N 366 
SER OG     O  N N 367 
SER OXT    O  N N 368 
SER H      H  N N 369 
SER H2     H  N N 370 
SER HA     H  N N 371 
SER HB2    H  N N 372 
SER HB3    H  N N 373 
SER HG     H  N N 374 
SER HXT    H  N N 375 
THR N      N  N N 376 
THR CA     C  N S 377 
THR C      C  N N 378 
THR O      O  N N 379 
THR CB     C  N R 380 
THR OG1    O  N N 381 
THR CG2    C  N N 382 
THR OXT    O  N N 383 
THR H      H  N N 384 
THR H2     H  N N 385 
THR HA     H  N N 386 
THR HB     H  N N 387 
THR HG1    H  N N 388 
THR HG21   H  N N 389 
THR HG22   H  N N 390 
THR HG23   H  N N 391 
THR HXT    H  N N 392 
TYR N      N  N N 393 
TYR CA     C  N S 394 
TYR C      C  N N 395 
TYR O      O  N N 396 
TYR CB     C  N N 397 
TYR CG     C  Y N 398 
TYR CD1    C  Y N 399 
TYR CD2    C  Y N 400 
TYR CE1    C  Y N 401 
TYR CE2    C  Y N 402 
TYR CZ     C  Y N 403 
TYR OH     O  N N 404 
TYR OXT    O  N N 405 
TYR H      H  N N 406 
TYR H2     H  N N 407 
TYR HA     H  N N 408 
TYR HB2    H  N N 409 
TYR HB3    H  N N 410 
TYR HD1    H  N N 411 
TYR HD2    H  N N 412 
TYR HE1    H  N N 413 
TYR HE2    H  N N 414 
TYR HH     H  N N 415 
TYR HXT    H  N N 416 
VAL N      N  N N 417 
VAL CA     C  N S 418 
VAL C      C  N N 419 
VAL O      O  N N 420 
VAL CB     C  N N 421 
VAL CG1    C  N N 422 
VAL CG2    C  N N 423 
VAL OXT    O  N N 424 
VAL H      H  N N 425 
VAL H2     H  N N 426 
VAL HA     H  N N 427 
VAL HB     H  N N 428 
VAL HG11   H  N N 429 
VAL HG12   H  N N 430 
VAL HG13   H  N N 431 
VAL HG21   H  N N 432 
VAL HG22   H  N N 433 
VAL HG23   H  N N 434 
VAL HXT    H  N N 435 
# 
loop_
_chem_comp_bond.comp_id 
_chem_comp_bond.atom_id_1 
_chem_comp_bond.atom_id_2 
_chem_comp_bond.value_order 
_chem_comp_bond.pdbx_aromatic_flag 
_chem_comp_bond.pdbx_stereo_config 
_chem_comp_bond.pdbx_ordinal 
0QR NA1   CAM    sing N N 1   
0QR CAM   NA3    doub Y N 2   
0QR CAM   CAO    sing Y N 3   
0QR NA3   CAK    sing Y N 4   
0QR CAO   CAP    doub Y N 5   
0QR CAK   NA2    sing N N 6   
0QR CAK   CAQ    doub Y N 7   
0QR NA2   SAB    sing N N 8   
0QR CAP   CAQ    sing Y N 9   
0QR OAA   SAB    doub N N 10  
0QR SAB   OAR    doub N N 11  
0QR SAB   CAC    sing N N 12  
0QR CAI   CAC    doub Y N 13  
0QR CAI   CAH    sing Y N 14  
0QR CAC   CAD    sing Y N 15  
0QR CAD   CAE    doub Y N 16  
0QR CAH   CAF    doub Y N 17  
0QR CAF   CAE    sing Y N 18  
0QR CAF   FAG    sing N N 19  
0QR CAD   H1     sing N N 20  
0QR CAE   H2     sing N N 21  
0QR CAH   H3     sing N N 22  
0QR CAI   H4     sing N N 23  
0QR NA2   H5     sing N N 24  
0QR CAQ   H6     sing N N 25  
0QR CAP   H7     sing N N 26  
0QR CAO   H8     sing N N 27  
0QR NA1   H9     sing N N 28  
0QR NA1   H10    sing N N 29  
ALA N     CA     sing N N 30  
ALA N     H      sing N N 31  
ALA N     H2     sing N N 32  
ALA CA    C      sing N N 33  
ALA CA    CB     sing N N 34  
ALA CA    HA     sing N N 35  
ALA C     O      doub N N 36  
ALA C     OXT    sing N N 37  
ALA CB    HB1    sing N N 38  
ALA CB    HB2    sing N N 39  
ALA CB    HB3    sing N N 40  
ALA OXT   HXT    sing N N 41  
ARG N     CA     sing N N 42  
ARG N     H      sing N N 43  
ARG N     H2     sing N N 44  
ARG CA    C      sing N N 45  
ARG CA    CB     sing N N 46  
ARG CA    HA     sing N N 47  
ARG C     O      doub N N 48  
ARG C     OXT    sing N N 49  
ARG CB    CG     sing N N 50  
ARG CB    HB2    sing N N 51  
ARG CB    HB3    sing N N 52  
ARG CG    CD     sing N N 53  
ARG CG    HG2    sing N N 54  
ARG CG    HG3    sing N N 55  
ARG CD    NE     sing N N 56  
ARG CD    HD2    sing N N 57  
ARG CD    HD3    sing N N 58  
ARG NE    CZ     sing N N 59  
ARG NE    HE     sing N N 60  
ARG CZ    NH1    sing N N 61  
ARG CZ    NH2    doub N N 62  
ARG NH1   HH11   sing N N 63  
ARG NH1   HH12   sing N N 64  
ARG NH2   HH21   sing N N 65  
ARG NH2   HH22   sing N N 66  
ARG OXT   HXT    sing N N 67  
ASN N     CA     sing N N 68  
ASN N     H      sing N N 69  
ASN N     H2     sing N N 70  
ASN CA    C      sing N N 71  
ASN CA    CB     sing N N 72  
ASN CA    HA     sing N N 73  
ASN C     O      doub N N 74  
ASN C     OXT    sing N N 75  
ASN CB    CG     sing N N 76  
ASN CB    HB2    sing N N 77  
ASN CB    HB3    sing N N 78  
ASN CG    OD1    doub N N 79  
ASN CG    ND2    sing N N 80  
ASN ND2   HD21   sing N N 81  
ASN ND2   HD22   sing N N 82  
ASN OXT   HXT    sing N N 83  
ASP N     CA     sing N N 84  
ASP N     H      sing N N 85  
ASP N     H2     sing N N 86  
ASP CA    C      sing N N 87  
ASP CA    CB     sing N N 88  
ASP CA    HA     sing N N 89  
ASP C     O      doub N N 90  
ASP C     OXT    sing N N 91  
ASP CB    CG     sing N N 92  
ASP CB    HB2    sing N N 93  
ASP CB    HB3    sing N N 94  
ASP CG    OD1    doub N N 95  
ASP CG    OD2    sing N N 96  
ASP OD2   HD2    sing N N 97  
ASP OXT   HXT    sing N N 98  
CYS N     CA     sing N N 99  
CYS N     H      sing N N 100 
CYS N     H2     sing N N 101 
CYS CA    C      sing N N 102 
CYS CA    CB     sing N N 103 
CYS CA    HA     sing N N 104 
CYS C     O      doub N N 105 
CYS C     OXT    sing N N 106 
CYS CB    SG     sing N N 107 
CYS CB    HB2    sing N N 108 
CYS CB    HB3    sing N N 109 
CYS SG    HG     sing N N 110 
CYS OXT   HXT    sing N N 111 
GDP PB    O1B    doub N N 112 
GDP PB    O2B    sing N N 113 
GDP PB    O3B    sing N N 114 
GDP PB    O3A    sing N N 115 
GDP O2B   HOB2   sing N N 116 
GDP O3B   HOB3   sing N N 117 
GDP O3A   PA     sing N N 118 
GDP PA    O1A    doub N N 119 
GDP PA    O2A    sing N N 120 
GDP PA    "O5'"  sing N N 121 
GDP O2A   HOA2   sing N N 122 
GDP "O5'" "C5'"  sing N N 123 
GDP "C5'" "C4'"  sing N N 124 
GDP "C5'" "H5'"  sing N N 125 
GDP "C5'" "H5''" sing N N 126 
GDP "C4'" "O4'"  sing N N 127 
GDP "C4'" "C3'"  sing N N 128 
GDP "C4'" "H4'"  sing N N 129 
GDP "O4'" "C1'"  sing N N 130 
GDP "C3'" "O3'"  sing N N 131 
GDP "C3'" "C2'"  sing N N 132 
GDP "C3'" "H3'"  sing N N 133 
GDP "O3'" "HO3'" sing N N 134 
GDP "C2'" "O2'"  sing N N 135 
GDP "C2'" "C1'"  sing N N 136 
GDP "C2'" "H2'"  sing N N 137 
GDP "O2'" "HO2'" sing N N 138 
GDP "C1'" N9     sing N N 139 
GDP "C1'" "H1'"  sing N N 140 
GDP N9    C8     sing Y N 141 
GDP N9    C4     sing Y N 142 
GDP C8    N7     doub Y N 143 
GDP C8    H8     sing N N 144 
GDP N7    C5     sing Y N 145 
GDP C5    C6     sing N N 146 
GDP C5    C4     doub Y N 147 
GDP C6    O6     doub N N 148 
GDP C6    N1     sing N N 149 
GDP N1    C2     sing N N 150 
GDP N1    HN1    sing N N 151 
GDP C2    N2     sing N N 152 
GDP C2    N3     doub N N 153 
GDP N2    HN21   sing N N 154 
GDP N2    HN22   sing N N 155 
GDP N3    C4     sing N N 156 
GLN N     CA     sing N N 157 
GLN N     H      sing N N 158 
GLN N     H2     sing N N 159 
GLN CA    C      sing N N 160 
GLN CA    CB     sing N N 161 
GLN CA    HA     sing N N 162 
GLN C     O      doub N N 163 
GLN C     OXT    sing N N 164 
GLN CB    CG     sing N N 165 
GLN CB    HB2    sing N N 166 
GLN CB    HB3    sing N N 167 
GLN CG    CD     sing N N 168 
GLN CG    HG2    sing N N 169 
GLN CG    HG3    sing N N 170 
GLN CD    OE1    doub N N 171 
GLN CD    NE2    sing N N 172 
GLN NE2   HE21   sing N N 173 
GLN NE2   HE22   sing N N 174 
GLN OXT   HXT    sing N N 175 
GLU N     CA     sing N N 176 
GLU N     H      sing N N 177 
GLU N     H2     sing N N 178 
GLU CA    C      sing N N 179 
GLU CA    CB     sing N N 180 
GLU CA    HA     sing N N 181 
GLU C     O      doub N N 182 
GLU C     OXT    sing N N 183 
GLU CB    CG     sing N N 184 
GLU CB    HB2    sing N N 185 
GLU CB    HB3    sing N N 186 
GLU CG    CD     sing N N 187 
GLU CG    HG2    sing N N 188 
GLU CG    HG3    sing N N 189 
GLU CD    OE1    doub N N 190 
GLU CD    OE2    sing N N 191 
GLU OE2   HE2    sing N N 192 
GLU OXT   HXT    sing N N 193 
GLY N     CA     sing N N 194 
GLY N     H      sing N N 195 
GLY N     H2     sing N N 196 
GLY CA    C      sing N N 197 
GLY CA    HA2    sing N N 198 
GLY CA    HA3    sing N N 199 
GLY C     O      doub N N 200 
GLY C     OXT    sing N N 201 
GLY OXT   HXT    sing N N 202 
HIS N     CA     sing N N 203 
HIS N     H      sing N N 204 
HIS N     H2     sing N N 205 
HIS CA    C      sing N N 206 
HIS CA    CB     sing N N 207 
HIS CA    HA     sing N N 208 
HIS C     O      doub N N 209 
HIS C     OXT    sing N N 210 
HIS CB    CG     sing N N 211 
HIS CB    HB2    sing N N 212 
HIS CB    HB3    sing N N 213 
HIS CG    ND1    sing Y N 214 
HIS CG    CD2    doub Y N 215 
HIS ND1   CE1    doub Y N 216 
HIS ND1   HD1    sing N N 217 
HIS CD2   NE2    sing Y N 218 
HIS CD2   HD2    sing N N 219 
HIS CE1   NE2    sing Y N 220 
HIS CE1   HE1    sing N N 221 
HIS NE2   HE2    sing N N 222 
HIS OXT   HXT    sing N N 223 
HOH O     H1     sing N N 224 
HOH O     H2     sing N N 225 
ILE N     CA     sing N N 226 
ILE N     H      sing N N 227 
ILE N     H2     sing N N 228 
ILE CA    C      sing N N 229 
ILE CA    CB     sing N N 230 
ILE CA    HA     sing N N 231 
ILE C     O      doub N N 232 
ILE C     OXT    sing N N 233 
ILE CB    CG1    sing N N 234 
ILE CB    CG2    sing N N 235 
ILE CB    HB     sing N N 236 
ILE CG1   CD1    sing N N 237 
ILE CG1   HG12   sing N N 238 
ILE CG1   HG13   sing N N 239 
ILE CG2   HG21   sing N N 240 
ILE CG2   HG22   sing N N 241 
ILE CG2   HG23   sing N N 242 
ILE CD1   HD11   sing N N 243 
ILE CD1   HD12   sing N N 244 
ILE CD1   HD13   sing N N 245 
ILE OXT   HXT    sing N N 246 
LEU N     CA     sing N N 247 
LEU N     H      sing N N 248 
LEU N     H2     sing N N 249 
LEU CA    C      sing N N 250 
LEU CA    CB     sing N N 251 
LEU CA    HA     sing N N 252 
LEU C     O      doub N N 253 
LEU C     OXT    sing N N 254 
LEU CB    CG     sing N N 255 
LEU CB    HB2    sing N N 256 
LEU CB    HB3    sing N N 257 
LEU CG    CD1    sing N N 258 
LEU CG    CD2    sing N N 259 
LEU CG    HG     sing N N 260 
LEU CD1   HD11   sing N N 261 
LEU CD1   HD12   sing N N 262 
LEU CD1   HD13   sing N N 263 
LEU CD2   HD21   sing N N 264 
LEU CD2   HD22   sing N N 265 
LEU CD2   HD23   sing N N 266 
LEU OXT   HXT    sing N N 267 
LYS N     CA     sing N N 268 
LYS N     H      sing N N 269 
LYS N     H2     sing N N 270 
LYS CA    C      sing N N 271 
LYS CA    CB     sing N N 272 
LYS CA    HA     sing N N 273 
LYS C     O      doub N N 274 
LYS C     OXT    sing N N 275 
LYS CB    CG     sing N N 276 
LYS CB    HB2    sing N N 277 
LYS CB    HB3    sing N N 278 
LYS CG    CD     sing N N 279 
LYS CG    HG2    sing N N 280 
LYS CG    HG3    sing N N 281 
LYS CD    CE     sing N N 282 
LYS CD    HD2    sing N N 283 
LYS CD    HD3    sing N N 284 
LYS CE    NZ     sing N N 285 
LYS CE    HE2    sing N N 286 
LYS CE    HE3    sing N N 287 
LYS NZ    HZ1    sing N N 288 
LYS NZ    HZ2    sing N N 289 
LYS NZ    HZ3    sing N N 290 
LYS OXT   HXT    sing N N 291 
MET N     CA     sing N N 292 
MET N     H      sing N N 293 
MET N     H2     sing N N 294 
MET CA    C      sing N N 295 
MET CA    CB     sing N N 296 
MET CA    HA     sing N N 297 
MET C     O      doub N N 298 
MET C     OXT    sing N N 299 
MET CB    CG     sing N N 300 
MET CB    HB2    sing N N 301 
MET CB    HB3    sing N N 302 
MET CG    SD     sing N N 303 
MET CG    HG2    sing N N 304 
MET CG    HG3    sing N N 305 
MET SD    CE     sing N N 306 
MET CE    HE1    sing N N 307 
MET CE    HE2    sing N N 308 
MET CE    HE3    sing N N 309 
MET OXT   HXT    sing N N 310 
PHE N     CA     sing N N 311 
PHE N     H      sing N N 312 
PHE N     H2     sing N N 313 
PHE CA    C      sing N N 314 
PHE CA    CB     sing N N 315 
PHE CA    HA     sing N N 316 
PHE C     O      doub N N 317 
PHE C     OXT    sing N N 318 
PHE CB    CG     sing N N 319 
PHE CB    HB2    sing N N 320 
PHE CB    HB3    sing N N 321 
PHE CG    CD1    doub Y N 322 
PHE CG    CD2    sing Y N 323 
PHE CD1   CE1    sing Y N 324 
PHE CD1   HD1    sing N N 325 
PHE CD2   CE2    doub Y N 326 
PHE CD2   HD2    sing N N 327 
PHE CE1   CZ     doub Y N 328 
PHE CE1   HE1    sing N N 329 
PHE CE2   CZ     sing Y N 330 
PHE CE2   HE2    sing N N 331 
PHE CZ    HZ     sing N N 332 
PHE OXT   HXT    sing N N 333 
PRO N     CA     sing N N 334 
PRO N     CD     sing N N 335 
PRO N     H      sing N N 336 
PRO CA    C      sing N N 337 
PRO CA    CB     sing N N 338 
PRO CA    HA     sing N N 339 
PRO C     O      doub N N 340 
PRO C     OXT    sing N N 341 
PRO CB    CG     sing N N 342 
PRO CB    HB2    sing N N 343 
PRO CB    HB3    sing N N 344 
PRO CG    CD     sing N N 345 
PRO CG    HG2    sing N N 346 
PRO CG    HG3    sing N N 347 
PRO CD    HD2    sing N N 348 
PRO CD    HD3    sing N N 349 
PRO OXT   HXT    sing N N 350 
SER N     CA     sing N N 351 
SER N     H      sing N N 352 
SER N     H2     sing N N 353 
SER CA    C      sing N N 354 
SER CA    CB     sing N N 355 
SER CA    HA     sing N N 356 
SER C     O      doub N N 357 
SER C     OXT    sing N N 358 
SER CB    OG     sing N N 359 
SER CB    HB2    sing N N 360 
SER CB    HB3    sing N N 361 
SER OG    HG     sing N N 362 
SER OXT   HXT    sing N N 363 
THR N     CA     sing N N 364 
THR N     H      sing N N 365 
THR N     H2     sing N N 366 
THR CA    C      sing N N 367 
THR CA    CB     sing N N 368 
THR CA    HA     sing N N 369 
THR C     O      doub N N 370 
THR C     OXT    sing N N 371 
THR CB    OG1    sing N N 372 
THR CB    CG2    sing N N 373 
THR CB    HB     sing N N 374 
THR OG1   HG1    sing N N 375 
THR CG2   HG21   sing N N 376 
THR CG2   HG22   sing N N 377 
THR CG2   HG23   sing N N 378 
THR OXT   HXT    sing N N 379 
TYR N     CA     sing N N 380 
TYR N     H      sing N N 381 
TYR N     H2     sing N N 382 
TYR CA    C      sing N N 383 
TYR CA    CB     sing N N 384 
TYR CA    HA     sing N N 385 
TYR C     O      doub N N 386 
TYR C     OXT    sing N N 387 
TYR CB    CG     sing N N 388 
TYR CB    HB2    sing N N 389 
TYR CB    HB3    sing N N 390 
TYR CG    CD1    doub Y N 391 
TYR CG    CD2    sing Y N 392 
TYR CD1   CE1    sing Y N 393 
TYR CD1   HD1    sing N N 394 
TYR CD2   CE2    doub Y N 395 
TYR CD2   HD2    sing N N 396 
TYR CE1   CZ     doub Y N 397 
TYR CE1   HE1    sing N N 398 
TYR CE2   CZ     sing Y N 399 
TYR CE2   HE2    sing N N 400 
TYR CZ    OH     sing N N 401 
TYR OH    HH     sing N N 402 
TYR OXT   HXT    sing N N 403 
VAL N     CA     sing N N 404 
VAL N     H      sing N N 405 
VAL N     H2     sing N N 406 
VAL CA    C      sing N N 407 
VAL CA    CB     sing N N 408 
VAL CA    HA     sing N N 409 
VAL C     O      doub N N 410 
VAL C     OXT    sing N N 411 
VAL CB    CG1    sing N N 412 
VAL CB    CG2    sing N N 413 
VAL CB    HB     sing N N 414 
VAL CG1   HG11   sing N N 415 
VAL CG1   HG12   sing N N 416 
VAL CG1   HG13   sing N N 417 
VAL CG2   HG21   sing N N 418 
VAL CG2   HG22   sing N N 419 
VAL CG2   HG23   sing N N 420 
VAL OXT   HXT    sing N N 421 
# 
loop_
_pdbx_entity_nonpoly.entity_id 
_pdbx_entity_nonpoly.name 
_pdbx_entity_nonpoly.comp_id 
2 "GUANOSINE-5'-DIPHOSPHATE"                           GDP 
3 'MAGNESIUM ION'                                      MG  
4 'N-(6-aminopyridin-2-yl)-4-fluorobenzenesulfonamide' 0QR 
5 water                                                HOH 
# 
_pdbx_initial_refinement_model.id               1 
_pdbx_initial_refinement_model.entity_id_list   ? 
_pdbx_initial_refinement_model.type             'experimental model' 
_pdbx_initial_refinement_model.source_name      PDB 
_pdbx_initial_refinement_model.accession_code   4EPV 
_pdbx_initial_refinement_model.details          ? 
# 
